data_6A8J
#
_entry.id   6A8J
#
_cell.length_a   177.686
_cell.length_b   197.928
_cell.length_c   163.293
_cell.angle_alpha   90.00
_cell.angle_beta   90.00
_cell.angle_gamma   90.00
#
_symmetry.space_group_name_H-M   'C 2 2 21'
#
loop_
_entity.id
_entity.type
_entity.pdbx_description
1 polymer 'RTX toxin'
2 non-polymer 'SULFATE ION'
3 non-polymer GLYCEROL
4 water water
#
_entity_poly.entity_id   1
_entity_poly.type   'polypeptide(L)'
_entity_poly.pdbx_seq_one_letter_code
;GAMAQELKERAKVFAKPIGASYQGILDQLDLVHQAKGRDQIAASFELNKKINDYIAEHPTSGRNQALTQLKEQVTSALFI
GKMQVAQAGIDAIAQTRPELAARIFMVAIEEANGKHVGLTDMMVRWANEDPYLAPKHGYKGETPSDLGFDAKYHVDLGEH
YADFKQWLETSQSNGLLSKATLDESTKTVHLGYSYQELQDLTGAESVQMAFYFLKEAAKKADPISGDSAEMILLKKFADQ
SYLSQLDSDRMDQIEGIYRSSHETDIDAWDRRYSGTGYDELTNKLASATGVDEQLAVLLDDRKGLLIGEVHGSDVNGLRF
VNEQMDALKKQGVTVIGLEHLRSDLAQPLIDRYLATGVMSSELSAMLKTKHLDVTLFENARANGMRIVALDANSSARPNV
QGTEHGLMYRAGAANNIAVEVLQNLPDGEKFVAIYGKAHLQSHKGIEGFVPGITHRLDLPALKVSDSNQFTVEQDDVS
;
_entity_poly.pdbx_strand_id   A,B,C,D
#
loop_
_chem_comp.id
_chem_comp.type
_chem_comp.name
_chem_comp.formula
GOL non-polymer GLYCEROL 'C3 H8 O3'
SO4 non-polymer 'SULFATE ION' 'O4 S -2'
#
# COMPACT_ATOMS: atom_id res chain seq x y z
N GLY A 1 48.42 -30.03 -24.25
CA GLY A 1 47.96 -31.26 -24.88
C GLY A 1 46.52 -31.61 -24.53
N ALA A 2 45.84 -32.26 -25.46
CA ALA A 2 44.47 -32.69 -25.24
C ALA A 2 44.41 -33.75 -24.16
N MET A 3 45.47 -34.55 -24.06
CA MET A 3 45.64 -35.45 -22.93
C MET A 3 45.97 -34.58 -21.72
N ALA A 4 45.47 -34.99 -20.55
CA ALA A 4 45.30 -34.12 -19.39
C ALA A 4 44.22 -33.08 -19.70
N GLN A 5 43.74 -32.38 -18.68
CA GLN A 5 42.53 -31.54 -18.79
C GLN A 5 41.30 -32.40 -19.06
N GLU A 6 41.44 -33.38 -19.96
CA GLU A 6 40.44 -34.42 -20.15
C GLU A 6 40.58 -35.46 -19.03
N LEU A 7 41.81 -35.87 -18.77
CA LEU A 7 42.12 -36.77 -17.67
C LEU A 7 41.76 -36.10 -16.35
N LYS A 8 42.00 -34.78 -16.28
CA LYS A 8 41.63 -34.00 -15.13
C LYS A 8 40.11 -33.90 -15.01
N GLU A 9 39.42 -33.82 -16.14
CA GLU A 9 37.98 -33.59 -16.13
C GLU A 9 37.17 -34.75 -15.55
N ARG A 10 37.47 -35.97 -15.95
CA ARG A 10 36.69 -37.13 -15.53
C ARG A 10 37.21 -37.71 -14.22
N ALA A 11 38.27 -37.09 -13.70
CA ALA A 11 38.66 -37.28 -12.33
C ALA A 11 37.69 -36.49 -11.46
N LYS A 12 37.04 -35.51 -12.08
CA LYS A 12 36.06 -34.66 -11.41
C LYS A 12 34.63 -35.16 -11.58
N VAL A 13 34.34 -35.72 -12.75
CA VAL A 13 33.00 -36.25 -13.02
C VAL A 13 32.70 -37.42 -12.09
N PHE A 14 33.72 -38.22 -11.83
CA PHE A 14 33.58 -39.36 -10.92
C PHE A 14 33.50 -38.90 -9.47
N ALA A 15 34.64 -38.47 -8.93
CA ALA A 15 34.69 -38.01 -7.54
C ALA A 15 35.12 -36.55 -7.46
N LYS A 16 34.14 -35.65 -7.44
CA LYS A 16 34.41 -34.22 -7.38
C LYS A 16 34.99 -33.83 -6.02
N PRO A 17 36.14 -33.12 -6.04
CA PRO A 17 36.82 -32.66 -4.83
C PRO A 17 35.92 -31.82 -3.92
N ILE A 18 35.99 -32.07 -2.63
CA ILE A 18 35.13 -31.39 -1.66
C ILE A 18 35.43 -29.89 -1.59
N GLY A 19 34.44 -29.08 -1.96
CA GLY A 19 34.58 -27.64 -1.90
C GLY A 19 34.43 -27.11 -0.50
N ALA A 20 34.65 -25.80 -0.34
CA ALA A 20 34.61 -25.18 0.98
C ALA A 20 33.19 -25.09 1.55
N SER A 21 32.20 -24.98 0.67
CA SER A 21 30.81 -24.84 1.09
C SER A 21 30.09 -26.18 1.12
N TYR A 22 30.60 -27.16 0.38
CA TYR A 22 30.06 -28.51 0.45
C TYR A 22 30.56 -29.19 1.72
N GLN A 23 31.76 -28.82 2.15
CA GLN A 23 32.33 -29.35 3.39
C GLN A 23 31.51 -28.89 4.57
N GLY A 24 30.97 -27.68 4.49
CA GLY A 24 30.10 -27.16 5.54
C GLY A 24 28.82 -27.95 5.65
N ILE A 25 28.35 -28.46 4.50
CA ILE A 25 27.17 -29.30 4.47
C ILE A 25 27.48 -30.69 5.03
N LEU A 26 28.65 -31.21 4.65
CA LEU A 26 29.10 -32.53 5.10
C LEU A 26 29.36 -32.53 6.61
N ASP A 27 29.79 -31.38 7.13
CA ASP A 27 30.01 -31.22 8.56
C ASP A 27 28.69 -31.01 9.29
N GLN A 28 27.74 -30.38 8.59
CA GLN A 28 26.41 -30.14 9.15
C GLN A 28 25.65 -31.45 9.27
N LEU A 29 25.92 -32.37 8.35
CA LEU A 29 25.31 -33.70 8.38
C LEU A 29 25.73 -34.45 9.63
N ASP A 30 27.01 -34.32 10.00
CA ASP A 30 27.55 -35.01 11.16
C ASP A 30 26.88 -34.51 12.44
N LEU A 31 26.43 -33.26 12.43
CA LEU A 31 25.70 -32.71 13.56
C LEU A 31 24.32 -33.36 13.66
N VAL A 32 23.68 -33.57 12.52
CA VAL A 32 22.38 -34.23 12.47
C VAL A 32 22.50 -35.67 12.96
N HIS A 33 23.65 -36.28 12.71
CA HIS A 33 23.89 -37.68 13.08
C HIS A 33 24.16 -37.85 14.57
N GLN A 34 24.73 -36.83 15.20
CA GLN A 34 25.18 -36.96 16.58
C GLN A 34 24.32 -36.22 17.61
N ALA A 35 23.69 -35.13 17.19
CA ALA A 35 22.92 -34.31 18.13
C ALA A 35 21.61 -34.96 18.55
N LYS A 36 21.12 -34.57 19.72
CA LYS A 36 19.86 -35.07 20.24
C LYS A 36 18.91 -33.93 20.58
N GLY A 37 17.64 -34.25 20.76
CA GLY A 37 16.64 -33.28 21.18
C GLY A 37 16.44 -32.13 20.21
N ARG A 38 16.32 -30.92 20.75
CA ARG A 38 16.08 -29.73 19.95
C ARG A 38 17.29 -29.38 19.08
N ASP A 39 18.49 -29.71 19.55
CA ASP A 39 19.70 -29.43 18.82
C ASP A 39 19.73 -30.16 17.47
N GLN A 40 19.20 -31.38 17.47
CA GLN A 40 19.14 -32.18 16.25
C GLN A 40 18.14 -31.59 15.26
N ILE A 41 17.04 -31.05 15.78
CA ILE A 41 16.03 -30.42 14.94
C ILE A 41 16.57 -29.15 14.31
N ALA A 42 17.23 -28.33 15.12
CA ALA A 42 17.83 -27.09 14.64
C ALA A 42 18.91 -27.37 13.61
N ALA A 43 19.68 -28.43 13.82
CA ALA A 43 20.74 -28.81 12.90
C ALA A 43 20.17 -29.21 11.55
N SER A 44 19.00 -29.84 11.58
CA SER A 44 18.31 -30.25 10.36
C SER A 44 17.82 -29.04 9.58
N PHE A 45 17.31 -28.05 10.29
CA PHE A 45 16.86 -26.82 9.67
C PHE A 45 18.06 -26.04 9.13
N GLU A 46 19.17 -26.06 9.86
CA GLU A 46 20.39 -25.42 9.41
C GLU A 46 20.95 -26.15 8.19
N LEU A 47 20.72 -27.46 8.14
CA LEU A 47 21.14 -28.27 7.01
C LEU A 47 20.42 -27.84 5.73
N ASN A 48 19.09 -27.70 5.83
CA ASN A 48 18.29 -27.25 4.70
C ASN A 48 18.70 -25.87 4.22
N LYS A 49 19.05 -25.01 5.17
CA LYS A 49 19.47 -23.64 4.85
C LYS A 49 20.78 -23.65 4.06
N LYS A 50 21.73 -24.48 4.48
CA LYS A 50 23.00 -24.58 3.79
C LYS A 50 22.85 -25.24 2.42
N ILE A 51 21.84 -26.09 2.28
CA ILE A 51 21.53 -26.70 0.99
C ILE A 51 20.91 -25.66 0.06
N ASN A 52 19.97 -24.88 0.59
CA ASN A 52 19.32 -23.83 -0.19
C ASN A 52 20.30 -22.71 -0.55
N ASP A 53 21.27 -22.46 0.31
CA ASP A 53 22.29 -21.46 0.04
C ASP A 53 23.27 -21.96 -1.02
N TYR A 54 23.52 -23.27 -1.01
CA TYR A 54 24.46 -23.87 -1.95
C TYR A 54 23.92 -23.86 -3.37
N ILE A 55 22.65 -24.22 -3.53
CA ILE A 55 22.02 -24.30 -4.84
C ILE A 55 21.96 -22.92 -5.50
N ALA A 56 21.73 -21.87 -4.70
CA ALA A 56 21.65 -20.52 -5.21
C ALA A 56 22.99 -20.06 -5.80
N GLU A 57 24.07 -20.32 -5.08
CA GLU A 57 25.40 -19.92 -5.53
C GLU A 57 25.94 -20.85 -6.61
N HIS A 58 25.49 -22.10 -6.58
CA HIS A 58 25.96 -23.10 -7.53
C HIS A 58 24.80 -23.83 -8.19
N PRO A 59 24.18 -23.20 -9.21
CA PRO A 59 23.00 -23.74 -9.88
C PRO A 59 23.31 -24.98 -10.73
N THR A 60 24.49 -25.02 -11.34
CA THR A 60 24.84 -26.08 -12.27
C THR A 60 25.63 -27.22 -11.61
N SER A 61 25.77 -27.16 -10.29
CA SER A 61 26.50 -28.19 -9.56
C SER A 61 25.73 -29.51 -9.59
N GLY A 62 26.43 -30.60 -9.83
CA GLY A 62 25.81 -31.91 -9.92
C GLY A 62 25.32 -32.45 -8.59
N ARG A 63 25.71 -31.78 -7.51
CA ARG A 63 25.32 -32.20 -6.17
C ARG A 63 23.91 -31.73 -5.82
N ASN A 64 23.39 -30.80 -6.61
CA ASN A 64 22.11 -30.16 -6.34
C ASN A 64 20.95 -31.13 -6.11
N GLN A 65 20.68 -31.98 -7.10
CA GLN A 65 19.56 -32.91 -7.02
C GLN A 65 19.81 -34.01 -5.99
N ALA A 66 21.09 -34.25 -5.68
CA ALA A 66 21.44 -35.17 -4.62
C ALA A 66 21.18 -34.53 -3.27
N LEU A 67 21.39 -33.22 -3.19
CA LEU A 67 21.10 -32.45 -1.99
C LEU A 67 19.61 -32.13 -1.91
N THR A 68 18.97 -32.03 -3.08
CA THR A 68 17.54 -31.75 -3.14
C THR A 68 16.74 -32.91 -2.57
N GLN A 69 17.12 -34.13 -2.93
CA GLN A 69 16.48 -35.32 -2.38
C GLN A 69 16.74 -35.40 -0.87
N LEU A 70 17.95 -35.05 -0.48
CA LEU A 70 18.32 -35.06 0.94
C LEU A 70 17.45 -34.09 1.74
N LYS A 71 17.15 -32.94 1.13
CA LYS A 71 16.31 -31.93 1.78
C LYS A 71 14.87 -32.42 1.86
N GLU A 72 14.45 -33.17 0.83
CA GLU A 72 13.13 -33.77 0.81
C GLU A 72 12.96 -34.78 1.92
N GLN A 73 13.97 -35.63 2.10
CA GLN A 73 13.93 -36.68 3.10
C GLN A 73 13.90 -36.10 4.51
N VAL A 74 14.70 -35.06 4.74
CA VAL A 74 14.75 -34.41 6.04
C VAL A 74 13.44 -33.72 6.37
N THR A 75 12.92 -32.95 5.41
CA THR A 75 11.67 -32.22 5.60
C THR A 75 10.50 -33.16 5.87
N SER A 76 10.47 -34.28 5.17
CA SER A 76 9.41 -35.27 5.33
C SER A 76 9.48 -35.94 6.71
N ALA A 77 10.69 -36.19 7.17
CA ALA A 77 10.90 -36.82 8.47
C ALA A 77 10.48 -35.89 9.60
N LEU A 78 10.67 -34.59 9.39
CA LEU A 78 10.33 -33.59 10.40
C LEU A 78 8.84 -33.37 10.52
N PHE A 79 8.16 -33.22 9.38
CA PHE A 79 6.75 -32.86 9.37
C PHE A 79 5.84 -34.02 8.98
N ILE A 80 6.12 -35.21 9.52
CA ILE A 80 5.28 -36.37 9.27
C ILE A 80 4.12 -36.39 10.24
N GLY A 81 2.95 -36.82 9.77
CA GLY A 81 1.77 -36.93 10.61
C GLY A 81 1.14 -35.57 10.89
N LYS A 82 0.78 -35.33 12.14
CA LYS A 82 0.11 -34.10 12.53
C LYS A 82 1.04 -32.90 12.53
N MET A 83 2.32 -33.14 12.28
CA MET A 83 3.31 -32.06 12.28
C MET A 83 3.23 -31.21 11.02
N GLN A 84 2.57 -31.73 9.99
CA GLN A 84 2.44 -31.00 8.74
C GLN A 84 1.38 -29.92 8.83
N VAL A 85 0.60 -29.94 9.91
CA VAL A 85 -0.45 -28.95 10.13
C VAL A 85 0.14 -27.54 10.20
N ALA A 86 1.26 -27.40 10.90
CA ALA A 86 1.93 -26.12 11.04
C ALA A 86 3.26 -26.10 10.30
N GLN A 87 3.36 -26.90 9.24
CA GLN A 87 4.60 -27.00 8.46
C GLN A 87 4.92 -25.71 7.71
N ALA A 88 3.91 -25.14 7.06
CA ALA A 88 4.08 -23.96 6.24
C ALA A 88 4.70 -22.79 7.01
N GLY A 89 4.12 -22.49 8.17
CA GLY A 89 4.59 -21.38 8.98
C GLY A 89 6.00 -21.57 9.51
N ILE A 90 6.26 -22.74 10.08
CA ILE A 90 7.57 -23.06 10.65
C ILE A 90 8.67 -23.10 9.59
N ASP A 91 8.41 -23.82 8.51
CA ASP A 91 9.42 -24.01 7.46
C ASP A 91 9.73 -22.71 6.74
N ALA A 92 8.79 -21.77 6.79
CA ALA A 92 9.00 -20.44 6.20
C ALA A 92 10.01 -19.66 7.03
N ILE A 93 9.90 -19.79 8.34
CA ILE A 93 10.83 -19.15 9.27
C ILE A 93 12.18 -19.85 9.23
N ALA A 94 12.16 -21.16 9.02
CA ALA A 94 13.37 -21.97 8.99
C ALA A 94 14.28 -21.62 7.82
N GLN A 95 13.73 -20.92 6.83
CA GLN A 95 14.50 -20.52 5.66
C GLN A 95 15.53 -19.45 6.02
N THR A 96 15.24 -18.69 7.06
CA THR A 96 16.12 -17.61 7.49
C THR A 96 16.61 -17.79 8.93
N ARG A 97 15.77 -18.40 9.75
CA ARG A 97 16.08 -18.56 11.18
C ARG A 97 15.87 -19.99 11.66
N PRO A 98 16.83 -20.88 11.38
CA PRO A 98 16.75 -22.30 11.73
C PRO A 98 16.61 -22.55 13.24
N GLU A 99 17.38 -21.85 14.05
CA GLU A 99 17.35 -22.05 15.49
C GLU A 99 16.03 -21.58 16.11
N LEU A 100 15.44 -20.55 15.52
CA LEU A 100 14.16 -20.03 16.01
C LEU A 100 13.02 -20.97 15.63
N ALA A 101 13.11 -21.54 14.44
CA ALA A 101 12.10 -22.47 13.95
C ALA A 101 12.09 -23.74 14.78
N ALA A 102 13.25 -24.10 15.30
CA ALA A 102 13.39 -25.31 16.12
C ALA A 102 12.65 -25.17 17.44
N ARG A 103 12.71 -23.98 18.03
CA ARG A 103 12.02 -23.72 19.29
C ARG A 103 10.52 -23.80 19.10
N ILE A 104 10.03 -23.28 17.97
CA ILE A 104 8.62 -23.34 17.64
C ILE A 104 8.21 -24.77 17.28
N PHE A 105 9.14 -25.49 16.66
CA PHE A 105 8.91 -26.88 16.27
C PHE A 105 8.62 -27.76 17.47
N MET A 106 9.35 -27.52 18.57
CA MET A 106 9.15 -28.27 19.81
C MET A 106 7.76 -28.02 20.37
N VAL A 107 7.32 -26.77 20.27
CA VAL A 107 5.99 -26.39 20.72
C VAL A 107 4.92 -27.04 19.85
N ALA A 108 5.21 -27.17 18.56
CA ALA A 108 4.28 -27.75 17.61
C ALA A 108 4.08 -29.24 17.89
N ILE A 109 5.10 -29.88 18.47
CA ILE A 109 5.00 -31.29 18.84
C ILE A 109 4.04 -31.46 20.00
N GLU A 110 4.16 -30.59 20.99
CA GLU A 110 3.28 -30.63 22.16
C GLU A 110 1.83 -30.29 21.77
N GLU A 111 1.68 -29.43 20.77
CA GLU A 111 0.36 -29.04 20.32
C GLU A 111 -0.27 -30.13 19.44
N ALA A 112 0.59 -30.94 18.82
CA ALA A 112 0.13 -32.10 18.10
C ALA A 112 -0.35 -33.18 19.07
N ASN A 113 0.04 -33.03 20.33
CA ASN A 113 -0.39 -33.95 21.38
C ASN A 113 -1.50 -33.35 22.23
N GLY A 114 -2.05 -32.22 21.78
CA GLY A 114 -3.21 -31.63 22.43
C GLY A 114 -2.92 -30.53 23.44
N LYS A 115 -1.64 -30.35 23.76
CA LYS A 115 -1.25 -29.34 24.75
C LYS A 115 -1.26 -27.93 24.17
N HIS A 116 -1.75 -26.98 24.99
CA HIS A 116 -1.75 -25.55 24.68
C HIS A 116 -2.06 -25.22 23.22
N VAL A 117 -3.26 -25.56 22.78
CA VAL A 117 -3.68 -25.33 21.41
C VAL A 117 -3.72 -23.84 21.08
N GLY A 118 -3.00 -23.46 20.03
CA GLY A 118 -3.00 -22.08 19.57
C GLY A 118 -1.67 -21.37 19.81
N LEU A 119 -0.82 -21.99 20.63
CA LEU A 119 0.46 -21.40 20.98
C LEU A 119 1.41 -21.37 19.78
N THR A 120 1.33 -22.40 18.94
CA THR A 120 2.19 -22.50 17.75
C THR A 120 1.93 -21.33 16.79
N ASP A 121 0.66 -21.10 16.47
CA ASP A 121 0.29 -20.01 15.57
C ASP A 121 0.66 -18.65 16.16
N MET A 122 0.58 -18.55 17.49
CA MET A 122 0.93 -17.31 18.17
C MET A 122 2.43 -17.04 18.06
N MET A 123 3.23 -18.09 18.22
CA MET A 123 4.68 -17.95 18.13
C MET A 123 5.15 -17.76 16.70
N VAL A 124 4.34 -18.22 15.74
CA VAL A 124 4.64 -18.02 14.33
C VAL A 124 4.28 -16.60 13.92
N ARG A 125 3.13 -16.12 14.40
CA ARG A 125 2.68 -14.76 14.11
C ARG A 125 3.65 -13.74 14.69
N TRP A 126 4.22 -14.05 15.86
CA TRP A 126 5.21 -13.19 16.48
C TRP A 126 6.50 -13.14 15.67
N ALA A 127 6.99 -14.31 15.27
CA ALA A 127 8.25 -14.41 14.55
C ALA A 127 8.20 -13.74 13.18
N ASN A 128 6.98 -13.54 12.66
CA ASN A 128 6.81 -12.93 11.34
C ASN A 128 6.56 -11.43 11.41
N GLU A 129 6.09 -10.94 12.54
CA GLU A 129 5.68 -9.55 12.66
C GLU A 129 6.50 -8.74 13.67
N ASP A 130 7.10 -9.43 14.64
CA ASP A 130 7.92 -8.74 15.63
C ASP A 130 9.35 -8.55 15.11
N PRO A 131 9.78 -7.28 14.99
CA PRO A 131 11.10 -6.90 14.46
C PRO A 131 12.26 -7.52 15.23
N TYR A 132 12.09 -7.72 16.54
CA TYR A 132 13.16 -8.27 17.37
C TYR A 132 13.41 -9.75 17.09
N LEU A 133 12.54 -10.36 16.31
CA LEU A 133 12.69 -11.78 15.95
C LEU A 133 13.13 -11.93 14.50
N ALA A 134 13.31 -10.79 13.82
CA ALA A 134 13.82 -10.79 12.46
C ALA A 134 15.25 -11.34 12.43
N PRO A 135 15.68 -11.87 11.28
CA PRO A 135 17.04 -12.43 11.14
C PRO A 135 18.14 -11.47 11.61
N LYS A 136 18.88 -11.88 12.63
CA LYS A 136 19.95 -11.08 13.19
C LYS A 136 21.29 -11.80 13.05
N HIS A 137 22.12 -11.33 12.12
CA HIS A 137 23.41 -11.94 11.84
C HIS A 137 24.34 -11.87 13.05
N GLY A 138 24.54 -10.66 13.56
CA GLY A 138 25.42 -10.44 14.69
C GLY A 138 26.88 -10.55 14.28
N TYR A 139 27.76 -10.70 15.26
CA TYR A 139 29.18 -10.84 15.00
C TYR A 139 29.62 -12.30 15.03
N LYS A 140 30.18 -12.77 13.93
CA LYS A 140 30.71 -14.13 13.88
C LYS A 140 32.20 -14.13 13.52
N GLY A 141 32.98 -14.82 14.35
CA GLY A 141 34.40 -14.93 14.13
C GLY A 141 35.16 -15.20 15.42
N GLU A 142 36.37 -14.70 15.48
CA GLU A 142 37.24 -14.86 16.63
C GLU A 142 36.69 -14.12 17.86
N THR A 143 36.42 -14.86 18.93
CA THR A 143 35.94 -14.27 20.17
C THR A 143 36.85 -14.65 21.33
N PRO A 144 37.26 -13.65 22.13
CA PRO A 144 38.18 -13.87 23.24
C PRO A 144 37.56 -14.66 24.39
N SER A 145 38.39 -15.45 25.07
CA SER A 145 37.95 -16.20 26.24
C SER A 145 38.62 -15.66 27.49
N ASP A 146 39.43 -14.62 27.31
CA ASP A 146 40.17 -14.02 28.41
C ASP A 146 39.27 -13.20 29.32
N LEU A 147 38.11 -12.83 28.79
CA LEU A 147 37.16 -11.98 29.50
C LEU A 147 36.64 -12.64 30.78
N GLY A 148 36.54 -11.86 31.84
CA GLY A 148 35.99 -12.33 33.10
C GLY A 148 34.48 -12.14 33.16
N PHE A 149 33.88 -11.96 31.98
CA PHE A 149 32.45 -11.74 31.88
C PHE A 149 31.91 -12.30 30.56
N ASP A 150 30.60 -12.33 30.43
CA ASP A 150 29.95 -12.79 29.21
C ASP A 150 29.65 -11.61 28.29
N ALA A 151 30.44 -11.47 27.24
CA ALA A 151 30.29 -10.36 26.30
C ALA A 151 28.97 -10.44 25.55
N LYS A 152 28.25 -9.32 25.51
CA LYS A 152 26.98 -9.26 24.80
C LYS A 152 27.18 -8.65 23.42
N TYR A 153 28.21 -7.81 23.28
CA TYR A 153 28.51 -7.17 22.01
C TYR A 153 30.00 -7.22 21.67
N HIS A 154 30.30 -7.19 20.38
CA HIS A 154 31.66 -7.07 19.89
C HIS A 154 31.72 -5.92 18.88
N VAL A 155 31.61 -4.70 19.39
CA VAL A 155 31.45 -3.52 18.54
C VAL A 155 32.77 -3.01 17.96
N ASP A 156 32.79 -2.82 16.64
CA ASP A 156 33.92 -2.17 15.99
C ASP A 156 33.69 -0.67 15.92
N LEU A 157 34.42 0.06 16.76
CA LEU A 157 34.23 1.50 16.90
C LEU A 157 34.75 2.27 15.69
N GLY A 158 35.98 1.99 15.29
CA GLY A 158 36.59 2.67 14.16
C GLY A 158 37.14 4.03 14.52
N GLU A 159 36.54 5.07 13.94
CA GLU A 159 37.01 6.44 14.18
C GLU A 159 36.68 6.91 15.58
N HIS A 160 35.66 6.29 16.19
CA HIS A 160 35.22 6.70 17.52
C HIS A 160 35.94 5.91 18.61
N TYR A 161 36.94 5.13 18.22
CA TYR A 161 37.68 4.31 19.17
C TYR A 161 38.43 5.16 20.18
N ALA A 162 39.05 6.24 19.71
CA ALA A 162 39.85 7.10 20.57
C ALA A 162 38.98 7.82 21.62
N ASP A 163 37.83 8.32 21.18
CA ASP A 163 36.92 9.02 22.08
C ASP A 163 36.22 8.07 23.03
N PHE A 164 35.96 6.85 22.57
CA PHE A 164 35.32 5.83 23.41
C PHE A 164 36.28 5.37 24.51
N LYS A 165 37.54 5.18 24.13
CA LYS A 165 38.57 4.73 25.07
C LYS A 165 38.73 5.69 26.23
N GLN A 166 38.65 6.98 25.94
CA GLN A 166 38.78 8.02 26.97
C GLN A 166 37.68 7.94 28.01
N TRP A 167 36.43 7.89 27.55
CA TRP A 167 35.28 7.91 28.44
C TRP A 167 35.00 6.56 29.08
N LEU A 168 35.53 5.49 28.49
CA LEU A 168 35.42 4.17 29.08
C LEU A 168 36.38 4.04 30.26
N GLU A 169 37.63 4.45 30.05
CA GLU A 169 38.65 4.40 31.09
C GLU A 169 38.36 5.43 32.18
N THR A 170 37.68 6.51 31.82
CA THR A 170 37.25 7.49 32.79
C THR A 170 36.17 6.88 33.69
N SER A 171 35.34 6.03 33.09
CA SER A 171 34.28 5.35 33.83
C SER A 171 34.83 4.20 34.66
N GLN A 172 35.79 3.46 34.11
CA GLN A 172 36.38 2.33 34.80
C GLN A 172 37.28 2.79 35.95
N SER A 173 37.71 4.04 35.90
CA SER A 173 38.47 4.63 36.98
C SER A 173 37.53 5.12 38.08
N ASN A 174 36.23 5.01 37.81
CA ASN A 174 35.22 5.42 38.78
C ASN A 174 34.34 4.23 39.17
N GLY A 175 34.77 3.03 38.78
CA GLY A 175 34.06 1.82 39.14
C GLY A 175 32.84 1.56 38.28
N LEU A 176 32.82 2.15 37.09
CA LEU A 176 31.72 1.97 36.17
C LEU A 176 32.17 1.24 34.91
N LEU A 177 31.24 0.50 34.30
CA LEU A 177 31.52 -0.26 33.07
C LEU A 177 32.71 -1.20 33.24
N SER A 178 32.74 -1.92 34.35
CA SER A 178 33.83 -2.84 34.66
C SER A 178 33.95 -3.95 33.62
N LYS A 179 32.81 -4.43 33.13
CA LYS A 179 32.79 -5.53 32.18
C LYS A 179 32.93 -5.03 30.74
N ALA A 180 34.12 -4.54 30.40
CA ALA A 180 34.40 -4.05 29.06
C ALA A 180 35.90 -4.12 28.77
N THR A 181 36.25 -4.69 27.61
CA THR A 181 37.65 -4.86 27.23
C THR A 181 37.91 -4.32 25.83
N LEU A 182 38.98 -3.56 25.68
CA LEU A 182 39.33 -2.95 24.40
C LEU A 182 40.38 -3.77 23.65
N ASP A 183 40.53 -3.45 22.36
CA ASP A 183 41.52 -4.10 21.52
C ASP A 183 41.85 -3.20 20.32
N GLU A 184 42.91 -2.41 20.45
CA GLU A 184 43.26 -1.42 19.45
C GLU A 184 43.69 -2.04 18.12
N SER A 185 44.14 -3.29 18.17
CA SER A 185 44.56 -4.00 16.96
C SER A 185 43.39 -4.14 15.98
N THR A 186 42.20 -4.40 16.52
CA THR A 186 41.00 -4.51 15.71
C THR A 186 40.10 -3.30 15.91
N LYS A 187 40.51 -2.42 16.83
CA LYS A 187 39.74 -1.23 17.20
C LYS A 187 38.32 -1.59 17.62
N THR A 188 38.19 -2.75 18.27
CA THR A 188 36.88 -3.21 18.73
C THR A 188 36.79 -3.16 20.25
N VAL A 189 35.56 -3.24 20.77
CA VAL A 189 35.34 -3.27 22.20
C VAL A 189 34.42 -4.44 22.59
N HIS A 190 34.91 -5.30 23.47
CA HIS A 190 34.14 -6.44 23.94
C HIS A 190 33.26 -6.01 25.10
N LEU A 191 32.06 -5.53 24.79
CA LEU A 191 31.16 -4.97 25.79
C LEU A 191 30.32 -6.06 26.44
N GLY A 192 30.15 -5.96 27.75
CA GLY A 192 29.38 -6.94 28.50
C GLY A 192 28.07 -6.38 29.02
N TYR A 193 27.66 -5.24 28.46
CA TYR A 193 26.40 -4.61 28.85
C TYR A 193 25.45 -4.49 27.68
N SER A 194 24.15 -4.63 27.94
CA SER A 194 23.14 -4.46 26.92
C SER A 194 22.86 -2.99 26.68
N TYR A 195 22.07 -2.70 25.65
CA TYR A 195 21.70 -1.33 25.34
C TYR A 195 20.85 -0.74 26.46
N GLN A 196 20.03 -1.58 27.07
CA GLN A 196 19.13 -1.15 28.13
C GLN A 196 19.87 -0.88 29.44
N GLU A 197 20.91 -1.67 29.70
CA GLU A 197 21.68 -1.53 30.94
C GLU A 197 22.56 -0.28 30.90
N LEU A 198 23.09 0.04 29.72
CA LEU A 198 23.89 1.25 29.56
C LEU A 198 23.05 2.50 29.73
N GLN A 199 21.78 2.40 29.35
CA GLN A 199 20.88 3.55 29.38
C GLN A 199 20.51 3.91 30.81
N ASP A 200 20.58 2.94 31.71
CA ASP A 200 20.24 3.17 33.11
C ASP A 200 21.46 3.63 33.90
N LEU A 201 22.60 3.75 33.22
CA LEU A 201 23.82 4.21 33.84
C LEU A 201 24.25 5.57 33.27
N THR A 202 23.37 6.18 32.50
CA THR A 202 23.69 7.47 31.86
C THR A 202 23.53 8.64 32.82
N GLY A 203 23.22 8.34 34.09
CA GLY A 203 23.17 9.36 35.12
C GLY A 203 24.58 9.90 35.34
N ALA A 204 25.56 9.03 35.16
CA ALA A 204 26.96 9.44 35.19
C ALA A 204 27.37 9.94 33.82
N GLU A 205 27.84 11.18 33.77
CA GLU A 205 28.21 11.82 32.51
C GLU A 205 29.30 11.03 31.77
N SER A 206 30.14 10.33 32.53
CA SER A 206 31.21 9.55 31.94
C SER A 206 30.69 8.42 31.06
N VAL A 207 29.59 7.79 31.50
CA VAL A 207 29.01 6.67 30.77
C VAL A 207 28.18 7.14 29.57
N GLN A 208 27.42 8.21 29.76
CA GLN A 208 26.56 8.75 28.72
C GLN A 208 27.38 9.21 27.51
N MET A 209 28.59 9.69 27.77
CA MET A 209 29.50 10.10 26.70
C MET A 209 29.98 8.89 25.91
N ALA A 210 30.38 7.84 26.63
CA ALA A 210 30.82 6.61 25.99
C ALA A 210 29.65 5.92 25.27
N PHE A 211 28.46 6.09 25.83
CA PHE A 211 27.25 5.53 25.23
C PHE A 211 26.96 6.23 23.91
N TYR A 212 27.24 7.53 23.86
CA TYR A 212 27.05 8.30 22.64
C TYR A 212 27.94 7.80 21.51
N PHE A 213 29.24 7.69 21.79
CA PHE A 213 30.20 7.27 20.78
C PHE A 213 29.97 5.82 20.37
N LEU A 214 29.33 5.05 21.23
CA LEU A 214 28.96 3.68 20.90
C LEU A 214 27.81 3.69 19.89
N LYS A 215 26.77 4.46 20.19
CA LYS A 215 25.61 4.55 19.32
C LYS A 215 25.96 5.17 17.98
N GLU A 216 26.90 6.10 17.99
CA GLU A 216 27.35 6.74 16.76
C GLU A 216 28.13 5.76 15.89
N ALA A 217 28.92 4.91 16.52
CA ALA A 217 29.72 3.92 15.81
C ALA A 217 28.84 2.93 15.07
N ALA A 218 27.70 2.60 15.67
CA ALA A 218 26.75 1.67 15.07
C ALA A 218 26.09 2.28 13.84
N LYS A 219 25.79 3.57 13.93
CA LYS A 219 25.15 4.28 12.83
C LYS A 219 26.08 4.44 11.63
N LYS A 220 27.38 4.42 11.89
CA LYS A 220 28.36 4.47 10.81
C LYS A 220 28.37 3.16 10.04
N ALA A 221 28.02 2.08 10.73
CA ALA A 221 28.05 0.75 10.15
C ALA A 221 26.83 0.48 9.28
N ASP A 222 25.70 1.10 9.63
CA ASP A 222 24.46 0.88 8.89
C ASP A 222 23.58 2.13 8.85
N PRO A 223 23.90 3.06 7.94
CA PRO A 223 23.13 4.29 7.78
C PRO A 223 22.08 4.20 6.68
N ILE A 224 21.99 3.04 6.02
CA ILE A 224 21.07 2.88 4.90
C ILE A 224 19.70 2.40 5.35
N SER A 225 19.66 1.62 6.43
CA SER A 225 18.40 1.08 6.92
C SER A 225 17.75 2.03 7.91
N GLY A 226 16.49 1.75 8.27
CA GLY A 226 15.77 2.56 9.22
C GLY A 226 15.91 2.03 10.63
N ASP A 227 16.83 1.07 10.81
CA ASP A 227 17.08 0.48 12.12
C ASP A 227 17.68 1.50 13.09
N SER A 228 17.19 1.48 14.33
CA SER A 228 17.73 2.34 15.36
C SER A 228 19.12 1.88 15.77
N ALA A 229 19.81 2.68 16.57
CA ALA A 229 21.15 2.34 17.03
C ALA A 229 21.15 1.04 17.82
N GLU A 230 20.08 0.81 18.58
CA GLU A 230 19.95 -0.40 19.39
C GLU A 230 19.83 -1.64 18.52
N MET A 231 19.09 -1.53 17.43
CA MET A 231 18.84 -2.66 16.55
C MET A 231 20.08 -3.02 15.73
N ILE A 232 20.86 -2.02 15.35
CA ILE A 232 22.08 -2.22 14.59
C ILE A 232 23.10 -3.01 15.42
N LEU A 233 23.20 -2.68 16.70
CA LEU A 233 24.12 -3.35 17.61
C LEU A 233 23.80 -4.84 17.72
N LEU A 234 22.51 -5.17 17.63
CA LEU A 234 22.08 -6.57 17.67
C LEU A 234 22.35 -7.27 16.34
N LYS A 235 22.08 -6.58 15.24
CA LYS A 235 22.22 -7.16 13.91
C LYS A 235 23.68 -7.26 13.46
N LYS A 236 24.54 -6.41 14.01
CA LYS A 236 25.92 -6.33 13.53
C LYS A 236 26.98 -6.80 14.53
N PHE A 237 26.85 -6.40 15.79
CA PHE A 237 27.93 -6.59 16.74
C PHE A 237 27.58 -7.47 17.94
N ALA A 238 26.34 -7.97 17.98
CA ALA A 238 25.91 -8.80 19.10
C ALA A 238 26.59 -10.17 19.08
N ASP A 239 26.91 -10.68 20.27
CA ASP A 239 27.51 -12.00 20.41
C ASP A 239 26.48 -13.07 20.08
N GLN A 240 26.92 -14.14 19.42
CA GLN A 240 26.01 -15.19 18.96
C GLN A 240 25.30 -15.89 20.11
N SER A 241 26.01 -16.05 21.23
CA SER A 241 25.43 -16.68 22.41
C SER A 241 24.38 -15.76 23.04
N TYR A 242 24.59 -14.45 22.92
CA TYR A 242 23.65 -13.48 23.47
C TYR A 242 22.37 -13.42 22.65
N LEU A 243 22.49 -13.57 21.34
CA LEU A 243 21.34 -13.58 20.45
C LEU A 243 20.48 -14.81 20.70
N SER A 244 21.12 -15.93 20.99
CA SER A 244 20.42 -17.17 21.31
C SER A 244 19.69 -17.04 22.65
N GLN A 245 20.29 -16.28 23.56
CA GLN A 245 19.69 -16.02 24.86
C GLN A 245 18.42 -15.17 24.70
N LEU A 246 18.52 -14.14 23.86
CA LEU A 246 17.41 -13.22 23.63
C LEU A 246 16.25 -13.94 22.93
N ASP A 247 16.57 -14.76 21.94
CA ASP A 247 15.54 -15.50 21.20
C ASP A 247 14.86 -16.51 22.11
N SER A 248 15.64 -17.19 22.95
CA SER A 248 15.10 -18.18 23.87
C SER A 248 14.17 -17.54 24.89
N ASP A 249 14.61 -16.43 25.46
CA ASP A 249 13.82 -15.72 26.46
C ASP A 249 12.53 -15.15 25.86
N ARG A 250 12.64 -14.66 24.63
CA ARG A 250 11.50 -14.03 23.97
C ARG A 250 10.45 -15.07 23.60
N MET A 251 10.89 -16.30 23.34
CA MET A 251 9.96 -17.39 23.08
C MET A 251 9.27 -17.82 24.37
N ASP A 252 10.01 -17.78 25.47
CA ASP A 252 9.47 -18.16 26.77
C ASP A 252 8.39 -17.19 27.24
N GLN A 253 8.56 -15.91 26.92
CA GLN A 253 7.61 -14.89 27.34
C GLN A 253 6.28 -14.99 26.58
N ILE A 254 6.36 -15.33 25.29
CA ILE A 254 5.17 -15.56 24.50
C ILE A 254 4.36 -16.70 25.09
N GLU A 255 5.06 -17.78 25.44
CA GLU A 255 4.44 -18.92 26.11
C GLU A 255 3.90 -18.51 27.47
N GLY A 256 4.58 -17.58 28.12
CA GLY A 256 4.12 -17.04 29.39
C GLY A 256 2.88 -16.21 29.23
N ILE A 257 2.83 -15.41 28.15
CA ILE A 257 1.66 -14.59 27.86
C ILE A 257 0.47 -15.47 27.52
N TYR A 258 0.73 -16.56 26.80
CA TYR A 258 -0.31 -17.50 26.43
C TYR A 258 -0.99 -18.11 27.65
N ARG A 259 -0.18 -18.62 28.57
CA ARG A 259 -0.71 -19.29 29.76
C ARG A 259 -1.40 -18.31 30.70
N SER A 260 -0.98 -17.05 30.63
CA SER A 260 -1.56 -16.01 31.48
C SER A 260 -3.00 -15.70 31.08
N SER A 261 -3.31 -15.90 29.80
CA SER A 261 -4.62 -15.56 29.28
C SER A 261 -5.67 -16.62 29.61
N HIS A 262 -5.21 -17.83 29.91
CA HIS A 262 -6.11 -18.95 30.19
C HIS A 262 -6.20 -19.29 31.66
N GLU A 263 -5.07 -19.16 32.37
CA GLU A 263 -4.98 -19.65 33.75
C GLU A 263 -5.23 -18.56 34.79
N THR A 264 -4.95 -17.31 34.45
CA THR A 264 -5.19 -16.21 35.39
C THR A 264 -6.68 -15.99 35.59
N ASP A 265 -7.13 -16.08 36.83
CA ASP A 265 -8.55 -15.97 37.15
C ASP A 265 -9.01 -14.52 37.18
N ILE A 266 -9.40 -14.01 36.01
CA ILE A 266 -9.86 -12.63 35.89
C ILE A 266 -11.28 -12.50 36.44
N ASP A 267 -12.04 -13.59 36.41
CA ASP A 267 -13.40 -13.61 36.92
C ASP A 267 -13.46 -13.22 38.40
N ALA A 268 -12.55 -13.78 39.19
CA ALA A 268 -12.51 -13.50 40.62
C ALA A 268 -12.01 -12.09 40.90
N TRP A 269 -11.14 -11.59 40.03
CA TRP A 269 -10.58 -10.26 40.21
C TRP A 269 -11.64 -9.19 39.98
N ASP A 270 -12.46 -9.37 38.96
CA ASP A 270 -13.51 -8.40 38.63
C ASP A 270 -14.64 -8.42 39.67
N ARG A 271 -14.82 -9.56 40.33
CA ARG A 271 -15.84 -9.68 41.35
C ARG A 271 -15.39 -9.04 42.67
N ARG A 272 -14.09 -8.87 42.82
CA ARG A 272 -13.52 -8.40 44.08
C ARG A 272 -13.07 -6.94 44.00
N TYR A 273 -12.69 -6.49 42.80
CA TYR A 273 -12.14 -5.14 42.64
C TYR A 273 -12.85 -4.35 41.56
N SER A 274 -14.04 -4.80 41.15
CA SER A 274 -14.85 -4.08 40.18
C SER A 274 -16.33 -4.20 40.50
N GLY A 275 -17.11 -3.21 40.12
CA GLY A 275 -18.54 -3.20 40.39
C GLY A 275 -18.83 -3.09 41.87
N THR A 276 -19.49 -4.11 42.41
CA THR A 276 -19.85 -4.14 43.83
C THR A 276 -18.61 -4.29 44.70
N GLY A 277 -17.69 -5.14 44.27
CA GLY A 277 -16.46 -5.38 45.01
C GLY A 277 -15.61 -4.12 45.17
N TYR A 278 -15.62 -3.28 44.14
CA TYR A 278 -14.89 -2.01 44.18
C TYR A 278 -15.57 -1.03 45.12
N ASP A 279 -16.91 -1.04 45.11
CA ASP A 279 -17.69 -0.13 45.95
C ASP A 279 -17.54 -0.49 47.43
N GLU A 280 -17.56 -1.77 47.73
CA GLU A 280 -17.43 -2.24 49.10
C GLU A 280 -16.05 -1.93 49.66
N LEU A 281 -15.03 -2.00 48.80
CA LEU A 281 -13.66 -1.73 49.21
C LEU A 281 -13.41 -0.24 49.40
N THR A 282 -13.93 0.57 48.47
CA THR A 282 -13.73 2.02 48.50
C THR A 282 -14.36 2.64 49.73
N ASN A 283 -15.58 2.21 50.05
CA ASN A 283 -16.30 2.74 51.20
C ASN A 283 -15.67 2.33 52.53
N LYS A 284 -15.18 1.10 52.59
CA LYS A 284 -14.51 0.61 53.79
C LYS A 284 -13.17 1.30 53.99
N LEU A 285 -12.51 1.63 52.89
CA LEU A 285 -11.23 2.32 52.93
C LEU A 285 -11.41 3.80 53.29
N ALA A 286 -12.51 4.37 52.85
CA ALA A 286 -12.78 5.79 53.09
C ALA A 286 -13.12 6.04 54.55
N SER A 287 -13.72 5.04 55.21
CA SER A 287 -14.11 5.17 56.61
C SER A 287 -12.90 5.18 57.53
N ALA A 288 -11.79 4.62 57.05
CA ALA A 288 -10.57 4.55 57.85
C ALA A 288 -9.84 5.90 57.84
N THR A 289 -9.53 6.40 59.04
CA THR A 289 -8.79 7.65 59.18
C THR A 289 -7.37 7.39 59.68
N GLY A 290 -6.40 8.07 59.07
CA GLY A 290 -5.01 7.87 59.43
C GLY A 290 -4.36 6.84 58.53
N VAL A 291 -3.03 6.75 58.59
CA VAL A 291 -2.29 5.86 57.71
C VAL A 291 -2.40 4.39 58.09
N ASP A 292 -2.25 4.11 59.38
CA ASP A 292 -2.11 2.73 59.87
C ASP A 292 -3.34 1.85 59.64
N GLU A 293 -4.53 2.37 59.93
CA GLU A 293 -5.73 1.56 59.78
C GLU A 293 -6.20 1.51 58.33
N GLN A 294 -5.68 2.41 57.49
CA GLN A 294 -5.94 2.34 56.06
C GLN A 294 -5.11 1.21 55.44
N LEU A 295 -3.89 1.05 55.94
CA LEU A 295 -3.03 -0.04 55.51
C LEU A 295 -3.60 -1.37 55.97
N ALA A 296 -4.29 -1.35 57.10
CA ALA A 296 -4.93 -2.55 57.63
C ALA A 296 -6.03 -3.03 56.69
N VAL A 297 -6.77 -2.09 56.11
CA VAL A 297 -7.81 -2.40 55.15
C VAL A 297 -7.21 -2.92 53.85
N LEU A 298 -6.17 -2.24 53.38
CA LEU A 298 -5.54 -2.58 52.12
C LEU A 298 -4.74 -3.88 52.20
N LEU A 299 -4.28 -4.22 53.40
CA LEU A 299 -3.53 -5.44 53.60
C LEU A 299 -4.35 -6.48 54.35
N ASP A 300 -5.67 -6.35 54.28
CA ASP A 300 -6.58 -7.30 54.90
C ASP A 300 -6.72 -8.55 54.03
N ASP A 301 -5.93 -9.58 54.35
CA ASP A 301 -5.80 -10.77 53.52
C ASP A 301 -5.44 -10.39 52.09
N ARG A 302 -4.40 -9.57 51.97
CA ARG A 302 -3.84 -9.23 50.67
C ARG A 302 -2.33 -9.30 50.75
N LYS A 303 -1.72 -10.00 49.79
CA LYS A 303 -0.29 -10.30 49.82
C LYS A 303 0.59 -9.06 49.80
N GLY A 304 0.06 -7.95 49.27
CA GLY A 304 0.84 -6.73 49.21
C GLY A 304 0.09 -5.49 48.72
N LEU A 305 0.85 -4.49 48.30
CA LEU A 305 0.28 -3.23 47.81
C LEU A 305 0.83 -2.88 46.43
N LEU A 306 -0.04 -2.34 45.58
CA LEU A 306 0.38 -1.86 44.28
C LEU A 306 0.04 -0.38 44.12
N ILE A 307 1.05 0.46 44.25
CA ILE A 307 0.86 1.90 44.11
C ILE A 307 1.38 2.38 42.76
N GLY A 308 0.58 3.19 42.08
CA GLY A 308 0.94 3.68 40.76
C GLY A 308 1.42 5.13 40.74
N GLU A 309 2.37 5.40 39.85
CA GLU A 309 2.85 6.74 39.61
C GLU A 309 2.88 6.99 38.11
N VAL A 310 2.61 8.22 37.68
CA VAL A 310 2.61 8.53 36.26
C VAL A 310 3.79 9.45 35.93
N HIS A 311 3.81 9.98 34.71
CA HIS A 311 5.00 10.60 34.14
C HIS A 311 5.13 12.08 34.48
N GLY A 312 6.33 12.48 34.88
CA GLY A 312 6.60 13.85 35.29
C GLY A 312 7.04 13.87 36.74
N SER A 313 6.32 14.64 37.55
CA SER A 313 6.52 14.59 39.00
C SER A 313 5.99 13.26 39.51
N ASP A 314 4.83 13.32 40.16
CA ASP A 314 4.04 12.13 40.52
C ASP A 314 4.86 11.08 41.26
N VAL A 315 5.31 11.42 42.46
CA VAL A 315 6.20 10.52 43.20
C VAL A 315 5.75 10.33 44.65
N ASN A 316 4.44 10.29 44.86
CA ASN A 316 3.89 10.08 46.20
C ASN A 316 4.19 8.67 46.71
N GLY A 317 4.29 7.72 45.78
CA GLY A 317 4.60 6.35 46.13
C GLY A 317 5.99 6.23 46.75
N LEU A 318 6.99 6.79 46.06
CA LEU A 318 8.37 6.76 46.54
C LEU A 318 8.52 7.57 47.83
N ARG A 319 7.66 8.55 48.01
CA ARG A 319 7.71 9.39 49.21
C ARG A 319 7.04 8.70 50.39
N PHE A 320 5.91 8.05 50.14
CA PHE A 320 5.16 7.36 51.19
C PHE A 320 5.95 6.19 51.75
N VAL A 321 6.57 5.41 50.86
CA VAL A 321 7.33 4.24 51.26
C VAL A 321 8.53 4.62 52.13
N ASN A 322 9.18 5.74 51.80
CA ASN A 322 10.34 6.19 52.54
C ASN A 322 9.99 6.75 53.92
N GLU A 323 8.93 7.56 53.96
CA GLU A 323 8.53 8.23 55.19
C GLU A 323 7.77 7.29 56.13
N GLN A 324 6.80 6.58 55.59
CA GLN A 324 5.95 5.69 56.39
C GLN A 324 6.41 4.24 56.31
N MET A 325 7.73 4.03 56.31
CA MET A 325 8.28 2.70 56.13
C MET A 325 8.00 1.78 57.32
N ASP A 326 8.15 2.33 58.52
CA ASP A 326 7.94 1.54 59.73
C ASP A 326 6.45 1.36 60.01
N ALA A 327 5.64 2.23 59.42
CA ALA A 327 4.19 2.04 59.45
C ALA A 327 3.84 0.81 58.63
N LEU A 328 4.61 0.58 57.57
CA LEU A 328 4.48 -0.61 56.75
C LEU A 328 5.05 -1.82 57.47
N LYS A 329 6.15 -1.60 58.20
CA LYS A 329 6.79 -2.66 58.97
C LYS A 329 5.85 -3.20 60.04
N LYS A 330 5.05 -2.30 60.61
CA LYS A 330 4.06 -2.68 61.61
C LYS A 330 2.99 -3.58 61.01
N GLN A 331 2.65 -3.33 59.75
CA GLN A 331 1.60 -4.07 59.07
C GLN A 331 2.12 -5.38 58.48
N GLY A 332 3.43 -5.57 58.54
CA GLY A 332 4.02 -6.83 58.10
C GLY A 332 4.78 -6.75 56.78
N VAL A 333 4.93 -5.54 56.26
CA VAL A 333 5.65 -5.35 55.00
C VAL A 333 7.15 -5.55 55.20
N THR A 334 7.75 -6.44 54.42
CA THR A 334 9.17 -6.73 54.53
C THR A 334 9.90 -6.54 53.20
N VAL A 335 9.13 -6.32 52.13
CA VAL A 335 9.71 -6.17 50.80
C VAL A 335 9.20 -4.91 50.11
N ILE A 336 10.12 -4.14 49.52
CA ILE A 336 9.76 -2.95 48.77
C ILE A 336 10.12 -3.13 47.29
N GLY A 337 9.11 -3.09 46.43
CA GLY A 337 9.31 -3.33 45.01
C GLY A 337 9.40 -2.06 44.18
N LEU A 338 10.43 -1.98 43.35
CA LEU A 338 10.61 -0.82 42.48
C LEU A 338 10.69 -1.24 41.01
N GLU A 339 9.86 -0.64 40.18
CA GLU A 339 9.89 -0.88 38.74
C GLU A 339 10.95 0.01 38.09
N HIS A 340 11.55 0.87 38.91
CA HIS A 340 12.53 1.85 38.41
C HIS A 340 13.86 1.20 38.05
N LEU A 341 14.10 -0.01 38.54
CA LEU A 341 15.38 -0.68 38.32
C LEU A 341 15.21 -2.02 37.61
N ARG A 342 16.19 -2.37 36.78
CA ARG A 342 16.18 -3.65 36.08
C ARG A 342 16.82 -4.74 36.93
N SER A 343 16.08 -5.84 37.10
CA SER A 343 16.45 -6.89 38.06
C SER A 343 17.80 -7.56 37.81
N ASP A 344 18.14 -7.78 36.55
CA ASP A 344 19.33 -8.56 36.20
C ASP A 344 20.64 -7.96 36.71
N LEU A 345 20.71 -6.64 36.81
CA LEU A 345 21.94 -5.99 37.28
C LEU A 345 21.77 -5.26 38.60
N ALA A 346 20.60 -4.67 38.82
CA ALA A 346 20.36 -3.89 40.03
C ALA A 346 20.30 -4.77 41.29
N GLN A 347 19.72 -5.96 41.16
CA GLN A 347 19.49 -6.82 42.32
C GLN A 347 20.77 -7.29 43.03
N PRO A 348 21.80 -7.71 42.27
CA PRO A 348 23.04 -8.04 42.99
C PRO A 348 23.65 -6.83 43.69
N LEU A 349 23.49 -5.65 43.09
CA LEU A 349 24.03 -4.42 43.65
C LEU A 349 23.27 -4.01 44.92
N ILE A 350 21.96 -4.19 44.90
CA ILE A 350 21.13 -3.86 46.05
C ILE A 350 21.40 -4.82 47.21
N ASP A 351 21.48 -6.11 46.90
CA ASP A 351 21.74 -7.13 47.91
C ASP A 351 23.07 -6.93 48.60
N ARG A 352 24.08 -6.52 47.83
CA ARG A 352 25.41 -6.29 48.39
C ARG A 352 25.43 -5.07 49.30
N TYR A 353 24.62 -4.07 48.96
CA TYR A 353 24.52 -2.87 49.80
C TYR A 353 23.79 -3.17 51.10
N LEU A 354 22.69 -3.91 51.02
CA LEU A 354 21.90 -4.23 52.19
C LEU A 354 22.66 -5.15 53.15
N ALA A 355 23.67 -5.83 52.63
CA ALA A 355 24.45 -6.77 53.43
C ALA A 355 25.68 -6.10 54.02
N THR A 356 26.44 -5.38 53.21
CA THR A 356 27.70 -4.79 53.64
C THR A 356 27.52 -3.39 54.22
N GLY A 357 26.58 -2.63 53.68
CA GLY A 357 26.34 -1.27 54.12
C GLY A 357 27.08 -0.27 53.24
N VAL A 358 27.82 -0.80 52.27
CA VAL A 358 28.57 0.04 51.34
C VAL A 358 27.93 0.01 49.95
N MET A 359 27.50 1.17 49.47
CA MET A 359 26.89 1.26 48.15
C MET A 359 27.96 1.40 47.07
N SER A 360 27.91 0.52 46.08
CA SER A 360 28.86 0.56 44.98
C SER A 360 28.63 1.77 44.09
N SER A 361 29.60 2.04 43.22
CA SER A 361 29.51 3.18 42.30
C SER A 361 28.44 2.93 41.24
N GLU A 362 28.33 1.68 40.80
CA GLU A 362 27.39 1.30 39.76
C GLU A 362 25.95 1.48 40.23
N LEU A 363 25.69 1.15 41.49
CA LEU A 363 24.36 1.32 42.07
C LEU A 363 24.04 2.80 42.26
N SER A 364 25.04 3.58 42.67
CA SER A 364 24.88 5.01 42.90
C SER A 364 24.55 5.73 41.60
N ALA A 365 25.12 5.23 40.50
CA ALA A 365 24.87 5.81 39.18
C ALA A 365 23.45 5.51 38.72
N MET A 366 22.96 4.32 39.07
CA MET A 366 21.59 3.92 38.71
C MET A 366 20.56 4.76 39.46
N LEU A 367 20.81 5.00 40.74
CA LEU A 367 19.90 5.79 41.56
C LEU A 367 19.84 7.24 41.07
N LYS A 368 20.96 7.74 40.58
CA LYS A 368 21.03 9.10 40.05
C LYS A 368 20.25 9.21 38.74
N THR A 369 20.31 8.15 37.95
CA THR A 369 19.60 8.10 36.67
C THR A 369 18.08 8.09 36.87
N LYS A 370 17.63 7.24 37.78
CA LYS A 370 16.20 7.06 38.02
C LYS A 370 15.65 8.02 39.06
N HIS A 371 16.49 8.97 39.48
CA HIS A 371 16.11 9.99 40.46
C HIS A 371 15.57 9.37 41.74
N LEU A 372 16.26 8.35 42.25
CA LEU A 372 15.85 7.68 43.48
C LEU A 372 16.66 8.19 44.67
N ASP A 373 15.96 8.49 45.76
CA ASP A 373 16.63 8.94 46.99
C ASP A 373 17.42 7.80 47.62
N VAL A 374 18.66 8.09 48.00
CA VAL A 374 19.51 7.11 48.65
C VAL A 374 18.99 6.83 50.06
N THR A 375 18.27 7.81 50.62
CA THR A 375 17.68 7.69 51.95
C THR A 375 16.71 6.51 52.04
N LEU A 376 16.08 6.18 50.91
CA LEU A 376 15.19 5.04 50.84
C LEU A 376 15.93 3.74 51.14
N PHE A 377 17.09 3.58 50.51
CA PHE A 377 17.90 2.38 50.68
C PHE A 377 18.52 2.31 52.08
N GLU A 378 18.78 3.48 52.66
CA GLU A 378 19.32 3.54 54.02
C GLU A 378 18.27 3.12 55.04
N ASN A 379 17.07 3.65 54.90
CA ASN A 379 15.98 3.32 55.81
C ASN A 379 15.53 1.88 55.65
N ALA A 380 15.63 1.36 54.44
CA ALA A 380 15.25 -0.02 54.16
C ALA A 380 16.22 -0.99 54.84
N ARG A 381 17.50 -0.66 54.79
CA ARG A 381 18.52 -1.49 55.42
C ARG A 381 18.44 -1.39 56.94
N ALA A 382 18.11 -0.21 57.43
CA ALA A 382 18.01 0.04 58.87
C ALA A 382 16.79 -0.66 59.47
N ASN A 383 15.83 -0.99 58.61
CA ASN A 383 14.60 -1.62 59.07
C ASN A 383 14.54 -3.10 58.72
N GLY A 384 15.61 -3.60 58.13
CA GLY A 384 15.71 -5.02 57.80
C GLY A 384 14.78 -5.42 56.66
N MET A 385 14.50 -4.45 55.78
CA MET A 385 13.67 -4.73 54.61
C MET A 385 14.55 -5.01 53.38
N ARG A 386 13.94 -5.61 52.36
CA ARG A 386 14.64 -5.89 51.12
C ARG A 386 14.02 -5.12 49.97
N ILE A 387 14.86 -4.46 49.18
CA ILE A 387 14.39 -3.76 47.99
C ILE A 387 14.65 -4.60 46.75
N VAL A 388 13.62 -4.80 45.95
CA VAL A 388 13.74 -5.62 44.75
C VAL A 388 13.46 -4.82 43.49
N ALA A 389 14.22 -5.10 42.44
CA ALA A 389 14.00 -4.49 41.13
C ALA A 389 12.98 -5.31 40.36
N LEU A 390 12.01 -4.63 39.75
CA LEU A 390 10.86 -5.32 39.15
C LEU A 390 10.73 -5.10 37.64
N ASP A 391 11.71 -4.44 37.04
CA ASP A 391 11.65 -4.15 35.60
C ASP A 391 12.38 -5.21 34.79
N ALA A 392 11.87 -5.48 33.58
CA ALA A 392 12.48 -6.45 32.69
C ALA A 392 13.58 -5.81 31.86
N ASN A 393 14.18 -6.59 30.97
CA ASN A 393 15.29 -6.11 30.16
C ASN A 393 14.85 -5.72 28.75
N SER A 394 13.69 -5.07 28.66
CA SER A 394 13.14 -4.67 27.36
C SER A 394 13.22 -3.17 27.15
N SER A 395 12.81 -2.73 25.96
CA SER A 395 12.86 -1.32 25.58
C SER A 395 11.72 -0.52 26.22
N ALA A 396 11.96 0.76 26.46
CA ALA A 396 10.95 1.64 27.03
C ALA A 396 10.04 2.21 25.94
N GLY A 402 8.62 -0.05 15.79
CA GLY A 402 7.38 0.58 16.22
C GLY A 402 6.18 -0.33 16.03
N THR A 403 6.13 -1.41 16.81
CA THR A 403 5.04 -2.36 16.75
C THR A 403 4.41 -2.58 18.12
N GLU A 404 3.31 -3.33 18.15
CA GLU A 404 2.59 -3.61 19.38
C GLU A 404 3.24 -4.75 20.16
N HIS A 405 3.95 -5.62 19.45
CA HIS A 405 4.59 -6.79 20.05
C HIS A 405 5.61 -6.40 21.12
N GLY A 406 6.28 -5.27 20.93
CA GLY A 406 7.28 -4.80 21.87
C GLY A 406 6.69 -4.44 23.22
N LEU A 407 5.47 -3.92 23.20
CA LEU A 407 4.78 -3.54 24.44
C LEU A 407 4.23 -4.76 25.16
N MET A 408 3.76 -5.74 24.39
CA MET A 408 3.23 -6.97 24.96
C MET A 408 4.33 -7.79 25.59
N TYR A 409 5.51 -7.79 24.97
CA TYR A 409 6.66 -8.50 25.50
C TYR A 409 7.04 -7.96 26.87
N ARG A 410 7.07 -6.64 26.98
CA ARG A 410 7.42 -5.97 28.23
C ARG A 410 6.37 -6.23 29.31
N ALA A 411 5.10 -6.14 28.93
CA ALA A 411 3.99 -6.35 29.86
C ALA A 411 4.01 -7.78 30.42
N GLY A 412 4.37 -8.74 29.57
CA GLY A 412 4.45 -10.13 29.99
C GLY A 412 5.69 -10.42 30.80
N ALA A 413 6.80 -9.82 30.41
CA ALA A 413 8.07 -10.03 31.09
C ALA A 413 8.06 -9.42 32.49
N ALA A 414 7.34 -8.31 32.63
CA ALA A 414 7.18 -7.67 33.94
C ALA A 414 6.32 -8.54 34.85
N ASN A 415 5.35 -9.24 34.26
CA ASN A 415 4.50 -10.15 35.01
C ASN A 415 5.29 -11.32 35.59
N ASN A 416 6.13 -11.93 34.75
CA ASN A 416 6.96 -13.05 35.19
C ASN A 416 7.92 -12.65 36.31
N ILE A 417 8.43 -11.42 36.23
CA ILE A 417 9.30 -10.89 37.28
C ILE A 417 8.49 -10.69 38.56
N ALA A 418 7.30 -10.11 38.43
CA ALA A 418 6.44 -9.85 39.57
C ALA A 418 5.97 -11.15 40.22
N VAL A 419 5.85 -12.19 39.42
CA VAL A 419 5.42 -13.50 39.92
C VAL A 419 6.54 -14.18 40.72
N GLU A 420 7.74 -14.22 40.16
CA GLU A 420 8.86 -14.91 40.78
C GLU A 420 9.45 -14.15 41.97
N VAL A 421 8.90 -12.99 42.26
CA VAL A 421 9.44 -12.13 43.32
C VAL A 421 8.41 -11.81 44.40
N LEU A 422 7.21 -11.43 44.00
CA LEU A 422 6.22 -10.91 44.94
C LEU A 422 5.06 -11.85 45.25
N GLN A 423 4.87 -12.88 44.44
CA GLN A 423 3.69 -13.73 44.58
C GLN A 423 3.78 -14.68 45.77
N ASN A 424 4.91 -15.36 45.93
CA ASN A 424 5.03 -16.34 47.01
C ASN A 424 6.08 -15.96 48.05
N LEU A 425 5.75 -14.97 48.87
CA LEU A 425 6.60 -14.58 49.99
C LEU A 425 6.29 -15.44 51.21
N PRO A 426 7.24 -15.54 52.16
CA PRO A 426 7.00 -16.26 53.42
C PRO A 426 5.70 -15.85 54.10
N ASP A 427 5.02 -16.81 54.72
CA ASP A 427 3.70 -16.57 55.28
C ASP A 427 3.71 -15.54 56.40
N GLY A 428 3.19 -14.35 56.10
CA GLY A 428 3.18 -13.26 57.06
C GLY A 428 3.80 -12.00 56.49
N GLU A 429 4.63 -12.18 55.46
CA GLU A 429 5.34 -11.08 54.84
C GLU A 429 4.54 -10.45 53.71
N LYS A 430 4.31 -9.14 53.81
CA LYS A 430 3.64 -8.40 52.75
C LYS A 430 4.68 -7.63 51.93
N PHE A 431 4.22 -6.92 50.91
CA PHE A 431 5.12 -6.11 50.09
C PHE A 431 4.46 -4.83 49.61
N VAL A 432 5.27 -3.85 49.24
CA VAL A 432 4.78 -2.62 48.64
C VAL A 432 5.54 -2.35 47.35
N ALA A 433 4.89 -2.63 46.22
CA ALA A 433 5.51 -2.44 44.92
C ALA A 433 5.05 -1.12 44.30
N ILE A 434 5.97 -0.45 43.60
CA ILE A 434 5.66 0.80 42.95
C ILE A 434 5.82 0.68 41.44
N TYR A 435 4.70 0.70 40.73
CA TYR A 435 4.71 0.59 39.28
C TYR A 435 4.21 1.88 38.65
N GLY A 436 4.41 2.00 37.34
CA GLY A 436 3.74 3.04 36.57
C GLY A 436 2.34 2.55 36.27
N LYS A 437 1.42 3.47 36.00
CA LYS A 437 0.03 3.08 35.75
C LYS A 437 -0.13 2.36 34.40
N ALA A 438 0.97 2.17 33.69
CA ALA A 438 0.95 1.49 32.41
C ALA A 438 0.90 -0.03 32.57
N HIS A 439 1.39 -0.53 33.70
CA HIS A 439 1.45 -1.97 33.91
C HIS A 439 0.46 -2.46 34.96
N LEU A 440 -0.16 -1.53 35.68
CA LEU A 440 -1.20 -1.88 36.62
C LEU A 440 -2.50 -2.19 35.86
N GLN A 441 -2.53 -1.80 34.61
CA GLN A 441 -3.66 -2.09 33.73
C GLN A 441 -3.36 -3.27 32.83
N SER A 442 -4.40 -3.86 32.27
CA SER A 442 -4.23 -4.97 31.34
C SER A 442 -4.10 -4.46 29.90
N HIS A 443 -3.40 -5.22 29.06
CA HIS A 443 -3.17 -4.81 27.68
C HIS A 443 -4.18 -5.46 26.73
N LYS A 444 -5.10 -4.65 26.21
CA LYS A 444 -6.12 -5.15 25.30
C LYS A 444 -5.90 -4.65 23.88
N GLY A 445 -5.10 -5.38 23.12
CA GLY A 445 -4.80 -5.00 21.76
C GLY A 445 -5.29 -6.02 20.75
N ILE A 446 -5.25 -5.64 19.48
CA ILE A 446 -5.67 -6.53 18.40
C ILE A 446 -4.71 -7.71 18.27
N GLU A 447 -3.44 -7.47 18.54
CA GLU A 447 -2.41 -8.48 18.35
C GLU A 447 -2.25 -9.40 19.56
N GLY A 448 -3.07 -9.20 20.59
CA GLY A 448 -3.04 -10.07 21.74
C GLY A 448 -3.51 -9.44 23.03
N PHE A 449 -3.54 -10.25 24.09
CA PHE A 449 -3.95 -9.79 25.40
C PHE A 449 -2.95 -10.18 26.47
N VAL A 450 -2.63 -9.24 27.35
CA VAL A 450 -1.76 -9.51 28.49
C VAL A 450 -2.39 -8.97 29.77
N PRO A 451 -2.63 -9.85 30.75
CA PRO A 451 -3.20 -9.42 32.03
C PRO A 451 -2.24 -8.52 32.80
N GLY A 452 -2.76 -7.51 33.48
CA GLY A 452 -1.93 -6.57 34.21
C GLY A 452 -1.29 -7.18 35.44
N ILE A 453 -0.41 -6.42 36.09
CA ILE A 453 0.21 -6.84 37.34
C ILE A 453 -0.86 -7.13 38.38
N THR A 454 -1.89 -6.29 38.40
CA THR A 454 -2.99 -6.41 39.33
C THR A 454 -3.70 -7.76 39.23
N HIS A 455 -3.87 -8.25 38.00
CA HIS A 455 -4.58 -9.50 37.77
C HIS A 455 -3.79 -10.71 38.23
N ARG A 456 -2.49 -10.72 37.94
CA ARG A 456 -1.65 -11.87 38.26
C ARG A 456 -1.26 -11.93 39.73
N LEU A 457 -1.45 -10.82 40.44
CA LEU A 457 -1.09 -10.75 41.86
C LEU A 457 -2.30 -10.62 42.76
N ASP A 458 -3.49 -10.63 42.16
CA ASP A 458 -4.76 -10.56 42.89
C ASP A 458 -4.80 -9.35 43.82
N LEU A 459 -4.39 -8.19 43.31
CA LEU A 459 -4.37 -6.95 44.08
C LEU A 459 -4.95 -5.81 43.26
N PRO A 460 -5.58 -4.84 43.94
CA PRO A 460 -6.12 -3.67 43.24
C PRO A 460 -5.04 -2.64 42.94
N ALA A 461 -5.34 -1.69 42.05
CA ALA A 461 -4.43 -0.59 41.77
C ALA A 461 -4.70 0.57 42.74
N LEU A 462 -3.65 1.09 43.35
CA LEU A 462 -3.82 2.11 44.38
C LEU A 462 -3.17 3.44 44.02
N LYS A 463 -3.66 4.51 44.65
CA LYS A 463 -3.11 5.84 44.47
C LYS A 463 -3.08 6.58 45.80
N VAL A 464 -1.91 7.10 46.17
CA VAL A 464 -1.76 7.85 47.40
C VAL A 464 -1.55 9.33 47.11
N SER A 465 -2.27 10.19 47.81
CA SER A 465 -2.19 11.63 47.59
C SER A 465 -1.07 12.27 48.41
N ASP A 466 -1.02 13.59 48.41
CA ASP A 466 -0.04 14.33 49.20
C ASP A 466 -0.39 14.32 50.68
N SER A 467 -1.64 13.95 50.98
CA SER A 467 -2.10 13.86 52.35
C SER A 467 -2.02 12.43 52.87
N ASN A 468 -1.25 11.60 52.17
CA ASN A 468 -1.09 10.18 52.50
C ASN A 468 -2.43 9.45 52.57
N GLN A 469 -3.34 9.79 51.65
CA GLN A 469 -4.63 9.15 51.58
C GLN A 469 -4.72 8.20 50.40
N PHE A 470 -5.04 6.94 50.67
CA PHE A 470 -5.13 5.91 49.64
C PHE A 470 -6.49 5.91 48.94
N THR A 471 -6.46 5.84 47.61
CA THR A 471 -7.67 5.71 46.81
C THR A 471 -7.49 4.58 45.79
N VAL A 472 -8.51 3.74 45.65
CA VAL A 472 -8.44 2.60 44.75
C VAL A 472 -8.73 3.01 43.31
N GLU A 473 -7.76 2.81 42.43
CA GLU A 473 -7.91 3.14 41.02
C GLU A 473 -8.72 2.07 40.28
N GLN A 474 -9.58 2.51 39.38
CA GLN A 474 -10.41 1.60 38.59
C GLN A 474 -9.64 1.03 37.41
N ASP A 475 -10.04 -0.15 36.96
CA ASP A 475 -9.37 -0.82 35.85
C ASP A 475 -9.69 -0.16 34.52
N ASP A 476 -8.66 0.22 33.77
CA ASP A 476 -8.81 0.78 32.44
C ASP A 476 -9.29 -0.25 31.41
N VAL A 477 -10.58 -0.24 31.09
CA VAL A 477 -11.16 -1.16 30.10
C VAL A 477 -11.93 -0.40 29.01
N SER A 478 -11.42 -0.50 27.78
CA SER A 478 -12.09 0.08 26.61
C SER A 478 -13.42 -0.60 26.31
N GLY B 1 42.97 -33.40 -40.12
CA GLY B 1 44.07 -33.37 -39.18
C GLY B 1 44.10 -32.08 -38.36
N ALA B 2 45.19 -31.88 -37.62
CA ALA B 2 45.36 -30.69 -36.80
C ALA B 2 45.41 -29.43 -37.65
N MET B 3 45.95 -29.56 -38.85
CA MET B 3 46.02 -28.45 -39.79
C MET B 3 44.62 -28.07 -40.28
N ALA B 4 43.79 -29.09 -40.49
CA ALA B 4 42.41 -28.87 -40.94
C ALA B 4 41.56 -28.26 -39.84
N GLN B 5 41.99 -28.46 -38.59
CA GLN B 5 41.27 -27.92 -37.44
C GLN B 5 41.48 -26.41 -37.31
N GLU B 6 42.73 -25.98 -37.48
CA GLU B 6 43.07 -24.56 -37.33
C GLU B 6 42.52 -23.73 -38.48
N LEU B 7 42.61 -24.26 -39.69
CA LEU B 7 42.06 -23.58 -40.87
C LEU B 7 40.56 -23.39 -40.73
N LYS B 8 39.87 -24.42 -40.25
CA LYS B 8 38.44 -24.36 -40.02
C LYS B 8 38.12 -23.36 -38.91
N GLU B 9 38.99 -23.32 -37.89
CA GLU B 9 38.78 -22.45 -36.74
C GLU B 9 39.06 -20.99 -37.09
N ARG B 10 40.19 -20.73 -37.74
CA ARG B 10 40.59 -19.37 -38.07
C ARG B 10 39.64 -18.71 -39.06
N ALA B 11 38.99 -19.53 -39.88
CA ALA B 11 37.98 -19.03 -40.80
C ALA B 11 36.68 -18.79 -40.04
N LYS B 12 36.50 -19.53 -38.95
CA LYS B 12 35.30 -19.43 -38.13
C LYS B 12 35.38 -18.22 -37.20
N VAL B 13 36.60 -17.79 -36.89
CA VAL B 13 36.82 -16.65 -36.01
C VAL B 13 36.70 -15.34 -36.78
N PHE B 14 37.30 -15.28 -37.95
CA PHE B 14 37.23 -14.09 -38.80
C PHE B 14 35.79 -13.77 -39.17
N ALA B 15 35.15 -14.71 -39.85
CA ALA B 15 33.74 -14.58 -40.19
C ALA B 15 32.90 -15.46 -39.28
N LYS B 16 32.57 -14.93 -38.11
CA LYS B 16 31.81 -15.67 -37.10
C LYS B 16 30.43 -16.07 -37.62
N PRO B 17 30.09 -17.36 -37.50
CA PRO B 17 28.80 -17.91 -37.94
C PRO B 17 27.61 -17.18 -37.30
N ILE B 18 26.82 -16.52 -38.14
CA ILE B 18 25.66 -15.79 -37.65
C ILE B 18 24.62 -16.73 -37.06
N GLY B 19 24.69 -16.92 -35.75
CA GLY B 19 23.78 -17.83 -35.06
C GLY B 19 22.49 -17.17 -34.66
N ALA B 20 21.45 -17.99 -34.48
CA ALA B 20 20.10 -17.51 -34.15
C ALA B 20 19.66 -16.44 -35.14
N SER B 21 19.02 -15.39 -34.63
CA SER B 21 18.65 -14.26 -35.46
C SER B 21 19.32 -12.98 -34.99
N TYR B 22 20.64 -13.05 -34.79
CA TYR B 22 21.46 -11.85 -34.68
C TYR B 22 21.38 -11.15 -36.04
N GLN B 23 21.13 -11.95 -37.07
CA GLN B 23 20.74 -11.47 -38.38
C GLN B 23 19.55 -10.53 -38.27
N GLY B 24 18.61 -10.86 -37.40
CA GLY B 24 17.44 -10.04 -37.16
C GLY B 24 17.82 -8.67 -36.64
N ILE B 25 18.82 -8.63 -35.75
CA ILE B 25 19.37 -7.37 -35.27
C ILE B 25 20.09 -6.66 -36.41
N LEU B 26 20.80 -7.43 -37.22
CA LEU B 26 21.51 -6.91 -38.37
C LEU B 26 20.52 -6.36 -39.40
N ASP B 27 19.38 -7.02 -39.54
CA ASP B 27 18.33 -6.57 -40.44
C ASP B 27 17.67 -5.30 -39.91
N GLN B 28 17.44 -5.27 -38.61
CA GLN B 28 16.87 -4.09 -37.95
C GLN B 28 17.87 -2.94 -38.02
N LEU B 29 19.15 -3.28 -38.01
CA LEU B 29 20.21 -2.29 -38.14
C LEU B 29 20.21 -1.65 -39.52
N ASP B 30 19.84 -2.44 -40.52
CA ASP B 30 19.75 -1.95 -41.89
C ASP B 30 18.64 -0.91 -42.03
N LEU B 31 17.57 -1.11 -41.28
CA LEU B 31 16.47 -0.15 -41.25
C LEU B 31 16.95 1.21 -40.75
N VAL B 32 17.78 1.20 -39.71
CA VAL B 32 18.32 2.42 -39.14
C VAL B 32 19.17 3.15 -40.17
N HIS B 33 19.82 2.40 -41.04
CA HIS B 33 20.66 2.96 -42.08
C HIS B 33 19.84 3.40 -43.30
N GLN B 34 18.71 2.75 -43.52
CA GLN B 34 17.89 3.02 -44.69
C GLN B 34 16.75 4.00 -44.42
N ALA B 35 15.97 3.73 -43.37
CA ALA B 35 14.78 4.53 -43.08
C ALA B 35 15.12 5.93 -42.59
N LYS B 36 14.20 6.87 -42.81
CA LYS B 36 14.37 8.25 -42.37
C LYS B 36 13.16 8.73 -41.59
N GLY B 37 13.28 9.92 -40.98
CA GLY B 37 12.19 10.52 -40.25
C GLY B 37 11.86 9.77 -38.97
N ARG B 38 10.56 9.68 -38.66
CA ARG B 38 10.11 8.99 -37.45
C ARG B 38 10.37 7.50 -37.54
N ASP B 39 10.36 6.96 -38.75
CA ASP B 39 10.63 5.54 -38.97
C ASP B 39 12.03 5.17 -38.56
N GLN B 40 12.97 6.10 -38.74
CA GLN B 40 14.37 5.87 -38.39
C GLN B 40 14.56 5.81 -36.87
N ILE B 41 13.94 6.74 -36.17
CA ILE B 41 13.99 6.78 -34.72
C ILE B 41 13.30 5.55 -34.13
N ALA B 42 12.14 5.21 -34.71
CA ALA B 42 11.40 4.02 -34.31
C ALA B 42 12.22 2.76 -34.53
N ALA B 43 12.98 2.74 -35.62
CA ALA B 43 13.85 1.60 -35.92
C ALA B 43 15.01 1.54 -34.93
N SER B 44 15.45 2.70 -34.47
CA SER B 44 16.56 2.78 -33.52
C SER B 44 16.15 2.24 -32.16
N PHE B 45 14.94 2.61 -31.72
CA PHE B 45 14.40 2.12 -30.46
C PHE B 45 14.16 0.62 -30.52
N GLU B 46 13.63 0.15 -31.64
CA GLU B 46 13.38 -1.28 -31.85
C GLU B 46 14.71 -2.03 -31.90
N LEU B 47 15.73 -1.38 -32.44
CA LEU B 47 17.07 -1.97 -32.50
C LEU B 47 17.61 -2.22 -31.09
N ASN B 48 17.46 -1.22 -30.23
CA ASN B 48 17.94 -1.33 -28.85
C ASN B 48 17.16 -2.35 -28.03
N LYS B 49 15.90 -2.57 -28.39
CA LYS B 49 15.07 -3.53 -27.69
C LYS B 49 15.46 -4.96 -28.04
N LYS B 50 15.84 -5.18 -29.30
CA LYS B 50 16.28 -6.49 -29.75
C LYS B 50 17.66 -6.83 -29.20
N ILE B 51 18.49 -5.81 -29.01
CA ILE B 51 19.82 -5.98 -28.44
C ILE B 51 19.72 -6.46 -27.00
N ASN B 52 18.86 -5.82 -26.23
CA ASN B 52 18.64 -6.19 -24.83
C ASN B 52 18.13 -7.61 -24.70
N ASP B 53 17.36 -8.06 -25.69
CA ASP B 53 16.84 -9.42 -25.69
C ASP B 53 17.93 -10.43 -25.97
N TYR B 54 18.77 -10.13 -26.96
CA TYR B 54 19.86 -11.02 -27.35
C TYR B 54 20.85 -11.23 -26.19
N ILE B 55 21.13 -10.16 -25.46
CA ILE B 55 22.03 -10.26 -24.32
C ILE B 55 21.38 -11.03 -23.17
N ALA B 56 20.07 -10.88 -23.03
CA ALA B 56 19.32 -11.57 -21.99
C ALA B 56 19.24 -13.07 -22.25
N GLU B 57 19.04 -13.45 -23.51
CA GLU B 57 18.92 -14.85 -23.88
C GLU B 57 20.28 -15.50 -24.12
N HIS B 58 21.23 -14.70 -24.57
CA HIS B 58 22.59 -15.18 -24.80
C HIS B 58 23.59 -14.37 -23.99
N PRO B 59 23.72 -14.69 -22.68
CA PRO B 59 24.58 -13.96 -21.75
C PRO B 59 26.05 -13.94 -22.17
N THR B 60 26.62 -15.12 -22.38
CA THR B 60 28.02 -15.23 -22.78
C THR B 60 28.12 -15.33 -24.31
N SER B 61 27.95 -14.19 -24.98
CA SER B 61 28.08 -14.12 -26.43
C SER B 61 29.11 -13.07 -26.81
N GLY B 62 29.87 -13.34 -27.86
CA GLY B 62 30.91 -12.43 -28.31
C GLY B 62 30.36 -11.12 -28.86
N ARG B 63 29.08 -11.14 -29.23
CA ARG B 63 28.43 -9.98 -29.82
C ARG B 63 28.03 -8.95 -28.77
N ASN B 64 27.73 -9.44 -27.57
CA ASN B 64 27.13 -8.65 -26.48
C ASN B 64 27.68 -7.22 -26.31
N GLN B 65 28.93 -7.12 -25.86
CA GLN B 65 29.52 -5.82 -25.59
C GLN B 65 29.83 -5.06 -26.88
N ALA B 66 29.93 -5.78 -27.98
CA ALA B 66 30.06 -5.15 -29.29
C ALA B 66 28.72 -4.56 -29.70
N LEU B 67 27.64 -5.19 -29.24
CA LEU B 67 26.29 -4.68 -29.46
C LEU B 67 25.96 -3.62 -28.41
N THR B 68 26.46 -3.83 -27.19
CA THR B 68 26.26 -2.87 -26.11
C THR B 68 26.91 -1.54 -26.46
N GLN B 69 28.06 -1.61 -27.11
CA GLN B 69 28.72 -0.41 -27.62
C GLN B 69 27.85 0.26 -28.66
N LEU B 70 27.30 -0.54 -29.57
CA LEU B 70 26.36 -0.05 -30.58
C LEU B 70 25.11 0.50 -29.92
N LYS B 71 24.70 -0.12 -28.82
CA LYS B 71 23.53 0.31 -28.08
C LYS B 71 23.72 1.72 -27.51
N GLU B 72 24.88 1.95 -26.92
CA GLU B 72 25.20 3.25 -26.34
C GLU B 72 25.32 4.32 -27.42
N GLN B 73 25.87 3.95 -28.57
CA GLN B 73 26.07 4.88 -29.67
C GLN B 73 24.75 5.38 -30.25
N VAL B 74 23.78 4.48 -30.37
CA VAL B 74 22.46 4.84 -30.85
C VAL B 74 21.75 5.72 -29.83
N THR B 75 21.82 5.32 -28.56
CA THR B 75 21.20 6.08 -27.48
C THR B 75 21.80 7.49 -27.37
N SER B 76 23.12 7.57 -27.51
CA SER B 76 23.82 8.85 -27.44
C SER B 76 23.43 9.76 -28.60
N ALA B 77 23.28 9.17 -29.78
CA ALA B 77 22.91 9.93 -30.97
C ALA B 77 21.47 10.44 -30.87
N LEU B 78 20.58 9.59 -30.35
CA LEU B 78 19.18 9.94 -30.21
C LEU B 78 18.97 11.04 -29.19
N PHE B 79 19.55 10.88 -28.01
CA PHE B 79 19.37 11.83 -26.93
C PHE B 79 20.57 12.76 -26.78
N ILE B 80 21.06 13.27 -27.90
CA ILE B 80 22.18 14.20 -27.89
C ILE B 80 21.67 15.62 -27.62
N GLY B 81 22.46 16.39 -26.88
CA GLY B 81 22.11 17.77 -26.59
C GLY B 81 20.93 17.94 -25.66
N LYS B 82 20.03 18.85 -26.02
CA LYS B 82 18.89 19.20 -25.17
C LYS B 82 17.81 18.12 -25.16
N MET B 83 18.07 17.02 -25.85
CA MET B 83 17.11 15.92 -25.93
C MET B 83 17.15 15.04 -24.69
N GLN B 84 18.18 15.21 -23.87
CA GLN B 84 18.35 14.38 -22.68
C GLN B 84 17.44 14.83 -21.53
N VAL B 85 16.71 15.92 -21.75
CA VAL B 85 15.79 16.43 -20.75
C VAL B 85 14.67 15.44 -20.48
N ALA B 86 14.17 14.80 -21.52
CA ALA B 86 13.11 13.82 -21.39
C ALA B 86 13.59 12.41 -21.75
N GLN B 87 14.90 12.21 -21.68
CA GLN B 87 15.49 10.92 -22.03
C GLN B 87 15.04 9.79 -21.11
N ALA B 88 15.09 10.04 -19.80
CA ALA B 88 14.76 9.04 -18.80
C ALA B 88 13.35 8.48 -18.99
N GLY B 89 12.40 9.36 -19.28
CA GLY B 89 11.02 8.96 -19.47
C GLY B 89 10.80 8.23 -20.79
N ILE B 90 11.29 8.82 -21.87
CA ILE B 90 11.12 8.26 -23.20
C ILE B 90 11.80 6.90 -23.37
N ASP B 91 13.06 6.82 -22.95
CA ASP B 91 13.83 5.59 -23.10
C ASP B 91 13.28 4.48 -22.23
N ALA B 92 12.58 4.84 -21.15
CA ALA B 92 11.94 3.86 -20.28
C ALA B 92 10.79 3.18 -21.01
N ILE B 93 10.06 3.95 -21.81
CA ILE B 93 8.95 3.44 -22.58
C ILE B 93 9.45 2.59 -23.75
N ALA B 94 10.55 3.03 -24.35
CA ALA B 94 11.12 2.36 -25.52
C ALA B 94 11.59 0.95 -25.21
N GLN B 95 11.76 0.64 -23.94
CA GLN B 95 12.18 -0.69 -23.51
C GLN B 95 11.14 -1.74 -23.85
N THR B 96 9.88 -1.33 -23.85
CA THR B 96 8.77 -2.23 -24.15
C THR B 96 7.94 -1.74 -25.33
N ARG B 97 7.91 -0.44 -25.53
CA ARG B 97 7.09 0.16 -26.58
C ARG B 97 7.90 1.15 -27.44
N PRO B 98 8.68 0.64 -28.39
CA PRO B 98 9.53 1.46 -29.26
C PRO B 98 8.73 2.45 -30.13
N GLU B 99 7.68 1.96 -30.79
CA GLU B 99 6.89 2.78 -31.71
C GLU B 99 6.21 3.94 -30.98
N LEU B 100 5.70 3.68 -29.79
CA LEU B 100 5.05 4.71 -28.99
C LEU B 100 6.05 5.75 -28.52
N ALA B 101 7.24 5.29 -28.15
CA ALA B 101 8.31 6.17 -27.70
C ALA B 101 8.75 7.10 -28.83
N ALA B 102 8.78 6.56 -30.04
CA ALA B 102 9.19 7.33 -31.21
C ALA B 102 8.24 8.48 -31.49
N ARG B 103 6.97 8.30 -31.14
CA ARG B 103 5.98 9.34 -31.32
C ARG B 103 6.16 10.45 -30.29
N ILE B 104 6.44 10.05 -29.05
CA ILE B 104 6.71 11.01 -27.99
C ILE B 104 8.06 11.68 -28.23
N PHE B 105 8.97 10.95 -28.86
CA PHE B 105 10.29 11.47 -29.19
C PHE B 105 10.18 12.64 -30.17
N MET B 106 9.28 12.51 -31.14
CA MET B 106 9.07 13.55 -32.13
C MET B 106 8.53 14.83 -31.49
N VAL B 107 7.66 14.65 -30.51
CA VAL B 107 7.12 15.78 -29.76
C VAL B 107 8.23 16.43 -28.94
N ALA B 108 9.13 15.60 -28.41
CA ALA B 108 10.25 16.09 -27.60
C ALA B 108 11.21 16.95 -28.42
N ILE B 109 11.31 16.66 -29.71
CA ILE B 109 12.16 17.44 -30.59
C ILE B 109 11.55 18.82 -30.84
N GLU B 110 10.24 18.85 -31.04
CA GLU B 110 9.53 20.11 -31.23
C GLU B 110 9.62 21.00 -30.00
N GLU B 111 9.55 20.38 -28.82
CA GLU B 111 9.60 21.12 -27.56
C GLU B 111 11.01 21.62 -27.28
N ALA B 112 12.01 20.91 -27.83
CA ALA B 112 13.39 21.34 -27.71
C ALA B 112 13.61 22.63 -28.50
N ASN B 113 12.74 22.88 -29.48
CA ASN B 113 12.78 24.11 -30.26
C ASN B 113 11.80 25.16 -29.75
N GLY B 114 11.24 24.91 -28.57
CA GLY B 114 10.39 25.88 -27.91
C GLY B 114 8.91 25.80 -28.25
N LYS B 115 8.50 24.72 -28.91
CA LYS B 115 7.10 24.54 -29.26
C LYS B 115 6.34 23.76 -28.19
N HIS B 116 5.11 24.20 -27.92
CA HIS B 116 4.20 23.56 -26.96
C HIS B 116 4.88 22.99 -25.72
N VAL B 117 5.52 23.87 -24.95
CA VAL B 117 6.26 23.46 -23.77
C VAL B 117 5.34 22.81 -22.72
N GLY B 118 5.72 21.60 -22.30
CA GLY B 118 4.97 20.89 -21.28
C GLY B 118 4.20 19.70 -21.84
N LEU B 119 4.17 19.58 -23.16
CA LEU B 119 3.42 18.52 -23.82
C LEU B 119 4.13 17.18 -23.71
N THR B 120 5.45 17.18 -23.86
CA THR B 120 6.24 15.96 -23.79
C THR B 120 6.09 15.27 -22.45
N ASP B 121 6.15 16.05 -21.37
CA ASP B 121 6.01 15.51 -20.03
C ASP B 121 4.61 14.92 -19.82
N MET B 122 3.61 15.59 -20.39
CA MET B 122 2.23 15.13 -20.29
C MET B 122 2.04 13.79 -20.99
N MET B 123 2.67 13.65 -22.16
CA MET B 123 2.56 12.42 -22.94
C MET B 123 3.28 11.26 -22.27
N VAL B 124 4.41 11.56 -21.61
CA VAL B 124 5.17 10.53 -20.90
C VAL B 124 4.37 9.98 -19.73
N ARG B 125 3.77 10.88 -18.95
CA ARG B 125 2.97 10.47 -17.80
C ARG B 125 1.70 9.76 -18.25
N TRP B 126 1.16 10.14 -19.40
CA TRP B 126 0.01 9.46 -19.97
C TRP B 126 0.35 8.03 -20.35
N ALA B 127 1.52 7.85 -20.96
CA ALA B 127 1.96 6.53 -21.38
C ALA B 127 2.31 5.64 -20.18
N ASN B 128 2.49 6.26 -19.02
CA ASN B 128 2.86 5.52 -17.82
C ASN B 128 1.68 5.26 -16.88
N GLU B 129 0.54 5.90 -17.15
CA GLU B 129 -0.62 5.75 -16.28
C GLU B 129 -1.88 5.28 -17.01
N ASP B 130 -1.91 5.45 -18.33
CA ASP B 130 -3.07 5.01 -19.11
C ASP B 130 -2.93 3.54 -19.51
N PRO B 131 -3.88 2.71 -19.06
CA PRO B 131 -3.91 1.27 -19.34
C PRO B 131 -3.94 0.94 -20.83
N TYR B 132 -4.53 1.82 -21.64
CA TYR B 132 -4.61 1.59 -23.07
C TYR B 132 -3.28 1.82 -23.77
N LEU B 133 -2.33 2.41 -23.05
CA LEU B 133 -1.01 2.68 -23.61
C LEU B 133 0.01 1.68 -23.08
N ALA B 134 -0.46 0.72 -22.29
CA ALA B 134 0.37 -0.38 -21.82
C ALA B 134 0.74 -1.27 -23.01
N PRO B 135 1.88 -1.98 -22.90
CA PRO B 135 2.35 -2.86 -24.00
C PRO B 135 1.29 -3.84 -24.48
N LYS B 136 0.91 -3.71 -25.74
CA LYS B 136 -0.06 -4.60 -26.36
C LYS B 136 0.60 -5.41 -27.47
N HIS B 137 0.90 -6.68 -27.17
CA HIS B 137 1.55 -7.55 -28.14
C HIS B 137 0.66 -7.75 -29.36
N GLY B 138 -0.62 -7.99 -29.11
CA GLY B 138 -1.57 -8.24 -30.18
C GLY B 138 -1.27 -9.55 -30.89
N TYR B 139 -1.83 -9.73 -32.07
CA TYR B 139 -1.58 -10.93 -32.86
C TYR B 139 -0.41 -10.70 -33.81
N LYS B 140 0.55 -11.60 -33.78
CA LYS B 140 1.65 -11.55 -34.74
C LYS B 140 1.84 -12.88 -35.45
N GLY B 141 1.98 -12.81 -36.76
CA GLY B 141 2.10 -13.97 -37.62
C GLY B 141 1.68 -13.57 -39.01
N GLU B 142 1.62 -14.53 -39.93
CA GLU B 142 1.19 -14.23 -41.29
C GLU B 142 -0.31 -14.00 -41.33
N THR B 143 -0.72 -12.87 -41.90
CA THR B 143 -2.13 -12.51 -41.99
C THR B 143 -2.55 -12.38 -43.45
N PRO B 144 -3.79 -12.78 -43.76
CA PRO B 144 -4.34 -12.66 -45.12
C PRO B 144 -4.38 -11.21 -45.60
N SER B 145 -4.10 -11.01 -46.89
CA SER B 145 -4.10 -9.67 -47.47
C SER B 145 -5.24 -9.50 -48.47
N ASP B 146 -5.90 -10.60 -48.80
CA ASP B 146 -6.99 -10.60 -49.76
C ASP B 146 -8.34 -10.58 -49.07
N LEU B 147 -8.40 -10.01 -47.87
CA LEU B 147 -9.64 -9.96 -47.10
C LEU B 147 -10.67 -9.03 -47.75
N GLY B 148 -10.17 -7.98 -48.40
CA GLY B 148 -11.05 -7.02 -49.03
C GLY B 148 -11.48 -5.92 -48.08
N PHE B 149 -10.95 -5.99 -46.85
CA PHE B 149 -11.23 -4.97 -45.84
C PHE B 149 -10.05 -4.86 -44.88
N ASP B 150 -10.08 -3.83 -44.03
CA ASP B 150 -9.02 -3.61 -43.07
C ASP B 150 -9.30 -4.35 -41.76
N ALA B 151 -8.55 -5.41 -41.52
CA ALA B 151 -8.75 -6.24 -40.33
C ALA B 151 -8.35 -5.52 -39.05
N LYS B 152 -9.19 -5.62 -38.03
CA LYS B 152 -8.88 -5.02 -36.74
C LYS B 152 -8.54 -6.09 -35.70
N TYR B 153 -8.96 -7.32 -35.98
CA TYR B 153 -8.69 -8.43 -35.06
C TYR B 153 -8.43 -9.74 -35.81
N HIS B 154 -7.66 -10.62 -35.18
CA HIS B 154 -7.45 -11.97 -35.67
C HIS B 154 -7.69 -12.94 -34.52
N VAL B 155 -8.95 -13.13 -34.18
CA VAL B 155 -9.33 -13.86 -32.96
C VAL B 155 -9.43 -15.36 -33.18
N ASP B 156 -8.67 -16.12 -32.40
CA ASP B 156 -8.78 -17.56 -32.39
C ASP B 156 -9.93 -17.98 -31.48
N LEU B 157 -10.99 -18.49 -32.09
CA LEU B 157 -12.19 -18.87 -31.35
C LEU B 157 -12.03 -20.20 -30.64
N GLY B 158 -11.51 -21.19 -31.36
CA GLY B 158 -11.27 -22.51 -30.80
C GLY B 158 -12.54 -23.24 -30.40
N GLU B 159 -12.86 -23.20 -29.11
CA GLU B 159 -14.03 -23.89 -28.58
C GLU B 159 -15.33 -23.28 -29.08
N HIS B 160 -15.39 -21.95 -29.10
CA HIS B 160 -16.62 -21.24 -29.45
C HIS B 160 -16.72 -20.96 -30.95
N TYR B 161 -15.95 -21.67 -31.76
CA TYR B 161 -15.92 -21.42 -33.20
C TYR B 161 -17.25 -21.75 -33.86
N ALA B 162 -17.79 -22.93 -33.55
CA ALA B 162 -19.03 -23.39 -34.16
C ALA B 162 -20.19 -22.46 -33.85
N ASP B 163 -20.24 -21.98 -32.61
CA ASP B 163 -21.33 -21.09 -32.18
C ASP B 163 -21.19 -19.69 -32.79
N PHE B 164 -19.96 -19.22 -32.94
CA PHE B 164 -19.74 -17.91 -33.53
C PHE B 164 -20.03 -17.95 -35.03
N LYS B 165 -19.64 -19.04 -35.67
CA LYS B 165 -19.90 -19.22 -37.11
C LYS B 165 -21.40 -19.19 -37.39
N GLN B 166 -22.17 -19.75 -36.49
CA GLN B 166 -23.63 -19.80 -36.62
C GLN B 166 -24.23 -18.40 -36.67
N TRP B 167 -23.87 -17.56 -35.70
CA TRP B 167 -24.47 -16.24 -35.57
C TRP B 167 -23.81 -15.18 -36.44
N LEU B 168 -22.65 -15.51 -37.00
CA LEU B 168 -21.99 -14.63 -37.94
C LEU B 168 -22.67 -14.71 -39.30
N GLU B 169 -22.88 -15.93 -39.76
CA GLU B 169 -23.55 -16.17 -41.03
C GLU B 169 -25.00 -15.74 -40.95
N THR B 170 -25.60 -15.87 -39.77
CA THR B 170 -26.96 -15.42 -39.54
C THR B 170 -27.03 -13.89 -39.66
N SER B 171 -25.99 -13.23 -39.16
CA SER B 171 -25.91 -11.77 -39.22
C SER B 171 -25.59 -11.29 -40.64
N GLN B 172 -24.69 -12.01 -41.31
CA GLN B 172 -24.29 -11.64 -42.66
C GLN B 172 -25.41 -11.88 -43.66
N SER B 173 -26.33 -12.76 -43.30
CA SER B 173 -27.51 -13.01 -44.12
C SER B 173 -28.53 -11.90 -43.92
N ASN B 174 -28.27 -11.04 -42.95
CA ASN B 174 -29.15 -9.91 -42.66
C ASN B 174 -28.43 -8.58 -42.91
N GLY B 175 -27.31 -8.64 -43.62
CA GLY B 175 -26.57 -7.45 -43.98
C GLY B 175 -25.77 -6.84 -42.86
N LEU B 176 -25.43 -7.66 -41.87
CA LEU B 176 -24.65 -7.18 -40.72
C LEU B 176 -23.34 -7.95 -40.61
N LEU B 177 -22.33 -7.30 -40.04
CA LEU B 177 -20.99 -7.88 -39.88
C LEU B 177 -20.45 -8.35 -41.23
N SER B 178 -20.55 -7.48 -42.23
CA SER B 178 -20.13 -7.80 -43.59
C SER B 178 -18.62 -8.04 -43.68
N LYS B 179 -17.84 -7.18 -43.02
CA LYS B 179 -16.39 -7.27 -43.09
C LYS B 179 -15.82 -8.24 -42.06
N ALA B 180 -16.06 -9.53 -42.29
CA ALA B 180 -15.56 -10.59 -41.43
C ALA B 180 -15.38 -11.88 -42.21
N THR B 181 -14.23 -12.51 -42.05
CA THR B 181 -13.92 -13.73 -42.77
C THR B 181 -13.41 -14.83 -41.83
N LEU B 182 -13.98 -16.02 -41.96
CA LEU B 182 -13.60 -17.14 -41.11
C LEU B 182 -12.50 -17.99 -41.75
N ASP B 183 -11.83 -18.79 -40.92
CA ASP B 183 -10.83 -19.73 -41.39
C ASP B 183 -10.91 -21.02 -40.57
N GLU B 184 -11.64 -22.00 -41.11
CA GLU B 184 -11.92 -23.24 -40.38
C GLU B 184 -10.67 -24.04 -40.08
N SER B 185 -9.64 -23.87 -40.91
CA SER B 185 -8.38 -24.59 -40.74
C SER B 185 -7.68 -24.18 -39.44
N THR B 186 -7.81 -22.91 -39.08
CA THR B 186 -7.20 -22.40 -37.87
C THR B 186 -8.25 -22.00 -36.83
N LYS B 187 -9.52 -22.13 -37.21
CA LYS B 187 -10.65 -21.75 -36.36
C LYS B 187 -10.52 -20.30 -35.91
N THR B 188 -10.06 -19.44 -36.82
CA THR B 188 -9.81 -18.04 -36.52
C THR B 188 -10.72 -17.14 -37.35
N VAL B 189 -11.25 -16.09 -36.73
CA VAL B 189 -12.05 -15.11 -37.44
C VAL B 189 -11.25 -13.83 -37.69
N HIS B 190 -11.21 -13.40 -38.93
CA HIS B 190 -10.55 -12.14 -39.28
C HIS B 190 -11.55 -11.00 -39.24
N LEU B 191 -11.70 -10.39 -38.07
CA LEU B 191 -12.72 -9.38 -37.84
C LEU B 191 -12.26 -7.99 -38.30
N GLY B 192 -13.16 -7.26 -38.95
CA GLY B 192 -12.86 -5.93 -39.44
C GLY B 192 -13.61 -4.85 -38.70
N TYR B 193 -14.10 -5.19 -37.51
CA TYR B 193 -14.83 -4.24 -36.67
C TYR B 193 -14.14 -4.10 -35.31
N SER B 194 -14.33 -2.97 -34.65
CA SER B 194 -13.76 -2.76 -33.33
C SER B 194 -14.74 -3.20 -32.26
N TYR B 195 -14.27 -3.26 -31.01
CA TYR B 195 -15.11 -3.67 -29.89
C TYR B 195 -16.29 -2.72 -29.71
N GLN B 196 -16.07 -1.45 -30.03
CA GLN B 196 -17.10 -0.43 -29.89
C GLN B 196 -18.12 -0.51 -31.02
N GLU B 197 -17.65 -0.84 -32.21
CA GLU B 197 -18.50 -0.91 -33.38
C GLU B 197 -19.46 -2.11 -33.30
N LEU B 198 -18.98 -3.21 -32.74
CA LEU B 198 -19.83 -4.38 -32.53
C LEU B 198 -20.90 -4.10 -31.49
N GLN B 199 -20.51 -3.34 -30.47
CA GLN B 199 -21.42 -3.02 -29.36
C GLN B 199 -22.58 -2.15 -29.84
N ASP B 200 -22.34 -1.38 -30.90
CA ASP B 200 -23.35 -0.47 -31.45
C ASP B 200 -24.36 -1.19 -32.32
N LEU B 201 -24.09 -2.46 -32.62
CA LEU B 201 -24.97 -3.26 -33.46
C LEU B 201 -25.66 -4.38 -32.67
N THR B 202 -25.56 -4.31 -31.34
CA THR B 202 -26.11 -5.35 -30.49
C THR B 202 -27.63 -5.25 -30.34
N GLY B 203 -28.22 -4.25 -30.98
CA GLY B 203 -29.67 -4.13 -31.02
C GLY B 203 -30.24 -5.29 -31.80
N ALA B 204 -29.45 -5.79 -32.74
CA ALA B 204 -29.79 -7.01 -33.46
C ALA B 204 -29.31 -8.22 -32.66
N GLU B 205 -30.23 -9.10 -32.30
CA GLU B 205 -29.93 -10.28 -31.49
C GLU B 205 -28.89 -11.16 -32.18
N SER B 206 -28.84 -11.10 -33.51
CA SER B 206 -27.89 -11.85 -34.30
C SER B 206 -26.45 -11.47 -33.95
N VAL B 207 -26.20 -10.16 -33.86
CA VAL B 207 -24.86 -9.66 -33.59
C VAL B 207 -24.51 -9.80 -32.10
N GLN B 208 -25.51 -9.62 -31.24
CA GLN B 208 -25.32 -9.72 -29.81
C GLN B 208 -24.85 -11.12 -29.40
N MET B 209 -25.32 -12.13 -30.12
CA MET B 209 -24.90 -13.49 -29.86
C MET B 209 -23.47 -13.72 -30.35
N ALA B 210 -23.17 -13.22 -31.56
CA ALA B 210 -21.83 -13.34 -32.11
C ALA B 210 -20.83 -12.56 -31.27
N PHE B 211 -21.29 -11.47 -30.68
CA PHE B 211 -20.46 -10.66 -29.81
C PHE B 211 -20.15 -11.40 -28.52
N TYR B 212 -21.12 -12.15 -28.04
CA TYR B 212 -20.97 -12.91 -26.78
C TYR B 212 -19.89 -13.97 -26.90
N PHE B 213 -19.98 -14.79 -27.94
CA PHE B 213 -19.02 -15.87 -28.14
C PHE B 213 -17.63 -15.34 -28.49
N LEU B 214 -17.58 -14.10 -28.98
CA LEU B 214 -16.30 -13.47 -29.26
C LEU B 214 -15.60 -13.07 -27.96
N LYS B 215 -16.39 -12.53 -27.03
CA LYS B 215 -15.87 -12.12 -25.73
C LYS B 215 -15.53 -13.32 -24.86
N GLU B 216 -16.29 -14.40 -25.02
CA GLU B 216 -16.04 -15.63 -24.28
C GLU B 216 -14.75 -16.29 -24.77
N ALA B 217 -14.50 -16.20 -26.07
CA ALA B 217 -13.30 -16.77 -26.66
C ALA B 217 -12.06 -16.05 -26.18
N ALA B 218 -12.19 -14.75 -25.95
CA ALA B 218 -11.07 -13.93 -25.46
C ALA B 218 -10.72 -14.29 -24.02
N LYS B 219 -11.74 -14.46 -23.19
CA LYS B 219 -11.53 -14.77 -21.78
C LYS B 219 -10.96 -16.18 -21.58
N LYS B 220 -11.18 -17.05 -22.56
CA LYS B 220 -10.59 -18.38 -22.52
C LYS B 220 -9.08 -18.32 -22.74
N ALA B 221 -8.65 -17.32 -23.51
CA ALA B 221 -7.24 -17.17 -23.85
C ALA B 221 -6.45 -16.52 -22.71
N ASP B 222 -7.14 -15.76 -21.87
CA ASP B 222 -6.48 -15.06 -20.77
C ASP B 222 -7.44 -14.76 -19.61
N PRO B 223 -7.69 -15.77 -18.75
CA PRO B 223 -8.56 -15.61 -17.58
C PRO B 223 -7.78 -15.32 -16.31
N ILE B 224 -6.49 -15.05 -16.45
CA ILE B 224 -5.61 -14.88 -15.29
C ILE B 224 -5.34 -13.40 -14.99
N SER B 225 -5.03 -12.64 -16.04
CA SER B 225 -4.62 -11.25 -15.89
C SER B 225 -5.70 -10.36 -15.28
N GLY B 226 -6.95 -10.77 -15.43
CA GLY B 226 -8.07 -9.99 -14.91
C GLY B 226 -8.44 -8.87 -15.85
N ASP B 227 -7.94 -8.95 -17.08
CA ASP B 227 -8.28 -7.98 -18.11
C ASP B 227 -9.75 -8.09 -18.50
N SER B 228 -10.32 -6.98 -18.96
CA SER B 228 -11.68 -6.99 -19.48
C SER B 228 -11.69 -7.69 -20.84
N ALA B 229 -12.87 -8.09 -21.29
CA ALA B 229 -13.01 -8.77 -22.57
C ALA B 229 -12.47 -7.90 -23.70
N GLU B 230 -12.69 -6.60 -23.59
CA GLU B 230 -12.23 -5.65 -24.59
C GLU B 230 -10.70 -5.55 -24.63
N MET B 231 -10.09 -5.53 -23.44
CA MET B 231 -8.65 -5.36 -23.33
C MET B 231 -7.89 -6.60 -23.83
N ILE B 232 -8.46 -7.78 -23.59
CA ILE B 232 -7.84 -9.03 -24.02
C ILE B 232 -7.72 -9.08 -25.55
N LEU B 233 -8.78 -8.67 -26.24
CA LEU B 233 -8.80 -8.68 -27.69
C LEU B 233 -7.68 -7.84 -28.28
N LEU B 234 -7.36 -6.73 -27.62
CA LEU B 234 -6.27 -5.86 -28.06
C LEU B 234 -4.90 -6.48 -27.82
N LYS B 235 -4.69 -7.00 -26.61
CA LYS B 235 -3.40 -7.54 -26.23
C LYS B 235 -3.10 -8.88 -26.87
N LYS B 236 -4.14 -9.57 -27.35
CA LYS B 236 -3.98 -10.93 -27.83
C LYS B 236 -4.23 -11.08 -29.33
N PHE B 237 -5.30 -10.47 -29.83
CA PHE B 237 -5.74 -10.75 -31.20
C PHE B 237 -5.79 -9.53 -32.13
N ALA B 238 -5.40 -8.37 -31.64
CA ALA B 238 -5.48 -7.14 -32.44
C ALA B 238 -4.44 -7.12 -33.54
N ASP B 239 -4.83 -6.60 -34.70
CA ASP B 239 -3.92 -6.45 -35.83
C ASP B 239 -2.88 -5.39 -35.52
N GLN B 240 -1.64 -5.62 -35.95
CA GLN B 240 -0.54 -4.70 -35.65
C GLN B 240 -0.76 -3.32 -36.27
N SER B 241 -1.44 -3.29 -37.41
CA SER B 241 -1.75 -2.03 -38.06
C SER B 241 -2.84 -1.27 -37.31
N TYR B 242 -3.75 -2.03 -36.70
CA TYR B 242 -4.83 -1.44 -35.92
C TYR B 242 -4.31 -0.87 -34.61
N LEU B 243 -3.31 -1.53 -34.02
CA LEU B 243 -2.70 -1.06 -32.78
C LEU B 243 -1.95 0.24 -32.99
N SER B 244 -1.32 0.37 -34.16
CA SER B 244 -0.57 1.57 -34.51
C SER B 244 -1.48 2.79 -34.62
N GLN B 245 -2.63 2.60 -35.26
CA GLN B 245 -3.59 3.68 -35.44
C GLN B 245 -4.19 4.13 -34.11
N LEU B 246 -4.35 3.19 -33.19
CA LEU B 246 -4.88 3.50 -31.86
C LEU B 246 -3.92 4.38 -31.07
N ASP B 247 -2.65 3.98 -31.06
CA ASP B 247 -1.62 4.77 -30.38
C ASP B 247 -1.49 6.15 -31.02
N SER B 248 -1.53 6.17 -32.34
CA SER B 248 -1.44 7.42 -33.10
C SER B 248 -2.59 8.36 -32.76
N ASP B 249 -3.80 7.82 -32.71
CA ASP B 249 -4.99 8.62 -32.43
C ASP B 249 -5.00 9.12 -30.99
N ARG B 250 -4.53 8.27 -30.07
CA ARG B 250 -4.53 8.61 -28.66
C ARG B 250 -3.51 9.70 -28.35
N MET B 251 -2.36 9.66 -29.04
CA MET B 251 -1.35 10.70 -28.90
C MET B 251 -1.89 12.03 -29.40
N ASP B 252 -2.60 12.00 -30.53
CA ASP B 252 -3.18 13.20 -31.11
C ASP B 252 -4.23 13.83 -30.19
N GLN B 253 -5.01 12.98 -29.54
CA GLN B 253 -6.06 13.46 -28.65
C GLN B 253 -5.49 14.09 -27.38
N ILE B 254 -4.38 13.54 -26.89
CA ILE B 254 -3.68 14.12 -25.75
C ILE B 254 -3.24 15.54 -26.09
N GLU B 255 -2.68 15.71 -27.27
CA GLU B 255 -2.27 17.01 -27.75
C GLU B 255 -3.48 17.93 -27.91
N GLY B 256 -4.61 17.36 -28.30
CA GLY B 256 -5.84 18.12 -28.42
C GLY B 256 -6.33 18.60 -27.07
N ILE B 257 -6.18 17.75 -26.06
CA ILE B 257 -6.52 18.11 -24.70
C ILE B 257 -5.56 19.17 -24.19
N TYR B 258 -4.29 19.01 -24.54
CA TYR B 258 -3.25 19.96 -24.15
C TYR B 258 -3.54 21.36 -24.68
N ARG B 259 -3.78 21.45 -25.99
CA ARG B 259 -4.00 22.74 -26.63
C ARG B 259 -5.32 23.38 -26.21
N SER B 260 -6.37 22.57 -26.10
CA SER B 260 -7.69 23.07 -25.69
C SER B 260 -7.65 23.63 -24.28
N SER B 261 -6.66 23.19 -23.49
CA SER B 261 -6.50 23.66 -22.13
C SER B 261 -6.01 25.10 -22.08
N HIS B 262 -5.28 25.51 -23.12
CA HIS B 262 -4.69 26.84 -23.17
C HIS B 262 -5.40 27.76 -24.15
N GLU B 263 -5.86 27.20 -25.27
CA GLU B 263 -6.39 28.00 -26.36
C GLU B 263 -7.87 28.32 -26.21
N THR B 264 -8.57 27.59 -25.36
CA THR B 264 -9.98 27.85 -25.11
C THR B 264 -10.14 28.99 -24.12
N ASP B 265 -10.89 30.01 -24.50
CA ASP B 265 -11.10 31.17 -23.65
C ASP B 265 -12.25 30.93 -22.69
N ILE B 266 -11.96 30.23 -21.59
CA ILE B 266 -12.95 29.95 -20.57
C ILE B 266 -13.27 31.22 -19.77
N ASP B 267 -12.35 32.18 -19.82
CA ASP B 267 -12.56 33.48 -19.22
C ASP B 267 -13.79 34.16 -19.81
N ALA B 268 -13.90 34.09 -21.14
CA ALA B 268 -15.00 34.70 -21.86
C ALA B 268 -16.30 33.93 -21.66
N TRP B 269 -16.18 32.62 -21.44
CA TRP B 269 -17.35 31.78 -21.24
C TRP B 269 -18.04 32.11 -19.93
N ASP B 270 -17.27 32.20 -18.85
CA ASP B 270 -17.81 32.49 -17.54
C ASP B 270 -18.34 33.93 -17.46
N ARG B 271 -17.82 34.80 -18.31
CA ARG B 271 -18.33 36.16 -18.39
C ARG B 271 -19.67 36.23 -19.10
N ARG B 272 -19.97 35.19 -19.86
CA ARG B 272 -21.16 35.18 -20.71
C ARG B 272 -22.27 34.29 -20.16
N TYR B 273 -21.90 33.10 -19.68
CA TYR B 273 -22.90 32.14 -19.22
C TYR B 273 -22.74 31.79 -17.74
N SER B 274 -22.10 32.67 -16.99
CA SER B 274 -21.94 32.48 -15.56
C SER B 274 -21.95 33.82 -14.83
N GLY B 275 -22.38 33.80 -13.57
CA GLY B 275 -22.45 35.01 -12.78
C GLY B 275 -23.55 35.95 -13.28
N THR B 276 -23.15 37.17 -13.63
CA THR B 276 -24.11 38.18 -14.09
C THR B 276 -24.69 37.81 -15.46
N GLY B 277 -23.84 37.29 -16.34
CA GLY B 277 -24.26 36.87 -17.66
C GLY B 277 -25.29 35.76 -17.61
N TYR B 278 -25.19 34.92 -16.59
CA TYR B 278 -26.14 33.84 -16.38
C TYR B 278 -27.46 34.38 -15.83
N ASP B 279 -27.37 35.43 -15.02
CA ASP B 279 -28.55 36.03 -14.40
C ASP B 279 -29.41 36.77 -15.41
N GLU B 280 -28.76 37.51 -16.31
CA GLU B 280 -29.48 38.29 -17.32
C GLU B 280 -30.00 37.41 -18.44
N LEU B 281 -29.41 36.23 -18.59
CA LEU B 281 -29.87 35.26 -19.59
C LEU B 281 -31.04 34.45 -19.06
N THR B 282 -30.97 34.08 -17.78
CA THR B 282 -32.06 33.39 -17.12
C THR B 282 -33.28 34.30 -17.05
N ASN B 283 -33.02 35.59 -16.90
CA ASN B 283 -34.07 36.60 -16.87
C ASN B 283 -34.81 36.69 -18.21
N LYS B 284 -34.04 36.79 -19.29
CA LYS B 284 -34.60 36.89 -20.64
C LYS B 284 -35.37 35.62 -21.01
N LEU B 285 -34.88 34.47 -20.54
CA LEU B 285 -35.48 33.19 -20.85
C LEU B 285 -36.81 33.00 -20.12
N ALA B 286 -36.90 33.56 -18.91
CA ALA B 286 -38.09 33.44 -18.10
C ALA B 286 -39.22 34.34 -18.62
N SER B 287 -38.85 35.44 -19.26
CA SER B 287 -39.83 36.40 -19.77
C SER B 287 -40.39 35.98 -21.12
N ALA B 288 -40.00 34.79 -21.58
CA ALA B 288 -40.48 34.27 -22.85
C ALA B 288 -41.63 33.28 -22.63
N THR B 289 -42.66 33.40 -23.46
CA THR B 289 -43.82 32.52 -23.36
C THR B 289 -43.99 31.71 -24.65
N GLY B 290 -43.90 30.39 -24.53
CA GLY B 290 -44.03 29.52 -25.68
C GLY B 290 -42.69 29.11 -26.25
N VAL B 291 -42.69 28.03 -27.02
CA VAL B 291 -41.46 27.46 -27.57
C VAL B 291 -40.75 28.41 -28.53
N ASP B 292 -41.52 29.06 -29.40
CA ASP B 292 -40.97 29.82 -30.51
C ASP B 292 -40.08 30.99 -30.09
N GLU B 293 -40.50 31.76 -29.10
CA GLU B 293 -39.72 32.93 -28.70
C GLU B 293 -38.69 32.59 -27.62
N GLN B 294 -38.71 31.35 -27.14
CA GLN B 294 -37.67 30.86 -26.24
C GLN B 294 -36.43 30.48 -27.04
N LEU B 295 -36.65 29.91 -28.22
CA LEU B 295 -35.56 29.54 -29.11
C LEU B 295 -34.88 30.79 -29.68
N ALA B 296 -35.66 31.87 -29.77
CA ALA B 296 -35.15 33.13 -30.32
C ALA B 296 -34.15 33.79 -29.37
N VAL B 297 -34.36 33.63 -28.07
CA VAL B 297 -33.48 34.24 -27.08
C VAL B 297 -32.30 33.33 -26.77
N LEU B 298 -32.44 32.05 -27.09
CA LEU B 298 -31.37 31.09 -26.87
C LEU B 298 -30.40 31.07 -28.06
N LEU B 299 -30.90 31.47 -29.22
CA LEU B 299 -30.09 31.50 -30.43
C LEU B 299 -29.69 32.93 -30.80
N ASP B 300 -29.98 33.87 -29.91
CA ASP B 300 -29.65 35.27 -30.13
C ASP B 300 -28.14 35.47 -30.16
N ASP B 301 -27.59 35.60 -31.36
CA ASP B 301 -26.15 35.72 -31.57
C ASP B 301 -25.41 34.54 -30.92
N ARG B 302 -25.92 33.35 -31.17
CA ARG B 302 -25.34 32.14 -30.58
C ARG B 302 -25.26 31.02 -31.62
N LYS B 303 -24.23 30.18 -31.48
CA LYS B 303 -23.91 29.16 -32.47
C LYS B 303 -25.00 28.11 -32.63
N GLY B 304 -25.65 27.74 -31.53
CA GLY B 304 -26.68 26.73 -31.57
C GLY B 304 -27.25 26.40 -30.19
N LEU B 305 -27.75 25.17 -30.05
CA LEU B 305 -28.34 24.74 -28.79
C LEU B 305 -27.68 23.46 -28.27
N LEU B 306 -27.40 23.45 -26.98
CA LEU B 306 -26.85 22.27 -26.33
C LEU B 306 -27.83 21.72 -25.31
N ILE B 307 -28.66 20.78 -25.73
CA ILE B 307 -29.62 20.14 -24.83
C ILE B 307 -28.97 18.91 -24.20
N GLY B 308 -29.18 18.74 -22.90
CA GLY B 308 -28.61 17.61 -22.19
C GLY B 308 -29.61 16.50 -21.93
N GLU B 309 -29.12 15.33 -21.56
CA GLU B 309 -29.97 14.17 -21.31
C GLU B 309 -29.54 13.42 -20.07
N VAL B 310 -30.41 13.39 -19.07
CA VAL B 310 -30.15 12.64 -17.84
C VAL B 310 -30.22 11.15 -18.12
N HIS B 311 -29.29 10.40 -17.55
CA HIS B 311 -29.22 8.96 -17.76
C HIS B 311 -30.49 8.25 -17.28
N GLY B 312 -31.03 7.38 -18.12
CA GLY B 312 -32.19 6.58 -17.75
C GLY B 312 -33.42 6.82 -18.60
N SER B 313 -34.46 7.35 -17.97
CA SER B 313 -35.76 7.51 -18.62
C SER B 313 -35.92 8.84 -19.34
N ASP B 314 -35.06 9.81 -19.01
CA ASP B 314 -35.16 11.14 -19.59
C ASP B 314 -34.84 11.12 -21.09
N VAL B 315 -35.87 11.40 -21.91
CA VAL B 315 -35.70 11.43 -23.35
C VAL B 315 -36.41 12.65 -23.95
N ASN B 316 -36.66 13.65 -23.11
CA ASN B 316 -37.36 14.85 -23.53
C ASN B 316 -36.58 15.66 -24.56
N GLY B 317 -35.26 15.46 -24.59
CA GLY B 317 -34.43 16.11 -25.59
C GLY B 317 -34.73 15.56 -26.97
N LEU B 318 -34.77 14.24 -27.08
CA LEU B 318 -35.08 13.58 -28.34
C LEU B 318 -36.52 13.84 -28.76
N ARG B 319 -37.40 14.02 -27.78
CA ARG B 319 -38.81 14.27 -28.05
C ARG B 319 -39.01 15.66 -28.62
N PHE B 320 -38.35 16.64 -28.02
CA PHE B 320 -38.48 18.03 -28.43
C PHE B 320 -38.00 18.26 -29.85
N VAL B 321 -36.85 17.68 -30.17
CA VAL B 321 -36.24 17.84 -31.48
C VAL B 321 -37.15 17.25 -32.57
N ASN B 322 -37.88 16.19 -32.22
CA ASN B 322 -38.80 15.56 -33.16
C ASN B 322 -40.11 16.33 -33.29
N GLU B 323 -40.77 16.57 -32.15
CA GLU B 323 -42.06 17.25 -32.15
C GLU B 323 -41.94 18.70 -32.61
N GLN B 324 -41.21 19.52 -31.85
CA GLN B 324 -41.04 20.92 -32.18
C GLN B 324 -39.87 21.11 -33.15
N MET B 325 -39.93 20.43 -34.29
CA MET B 325 -38.82 20.42 -35.23
C MET B 325 -38.83 21.61 -36.19
N ASP B 326 -39.99 21.92 -36.75
CA ASP B 326 -40.12 23.05 -37.66
C ASP B 326 -39.85 24.35 -36.90
N ALA B 327 -40.16 24.34 -35.61
CA ALA B 327 -39.88 25.48 -34.74
C ALA B 327 -38.38 25.78 -34.74
N LEU B 328 -37.57 24.76 -34.96
CA LEU B 328 -36.12 24.92 -35.05
C LEU B 328 -35.70 25.42 -36.43
N LYS B 329 -36.29 24.83 -37.47
CA LYS B 329 -36.02 25.22 -38.85
C LYS B 329 -36.38 26.69 -39.08
N LYS B 330 -37.43 27.13 -38.38
CA LYS B 330 -37.88 28.51 -38.44
C LYS B 330 -36.83 29.46 -37.85
N GLN B 331 -36.06 28.97 -36.90
CA GLN B 331 -35.04 29.77 -36.23
C GLN B 331 -33.68 29.67 -36.92
N GLY B 332 -33.60 28.86 -37.97
CA GLY B 332 -32.39 28.72 -38.75
C GLY B 332 -31.58 27.48 -38.43
N VAL B 333 -32.20 26.50 -37.79
CA VAL B 333 -31.53 25.26 -37.46
C VAL B 333 -31.60 24.28 -38.64
N THR B 334 -30.44 23.82 -39.09
CA THR B 334 -30.36 22.90 -40.22
C THR B 334 -29.62 21.61 -39.85
N VAL B 335 -29.02 21.59 -38.67
CA VAL B 335 -28.23 20.43 -38.23
C VAL B 335 -28.68 19.92 -36.86
N ILE B 336 -28.92 18.62 -36.77
CA ILE B 336 -29.29 17.98 -35.51
C ILE B 336 -28.20 17.02 -35.05
N GLY B 337 -27.63 17.30 -33.87
CA GLY B 337 -26.54 16.51 -33.35
C GLY B 337 -26.97 15.48 -32.32
N LEU B 338 -26.47 14.26 -32.49
CA LEU B 338 -26.78 13.18 -31.56
C LEU B 338 -25.51 12.50 -31.07
N GLU B 339 -25.35 12.41 -29.75
CA GLU B 339 -24.21 11.70 -29.17
C GLU B 339 -24.51 10.20 -29.11
N HIS B 340 -25.75 9.86 -29.45
CA HIS B 340 -26.20 8.47 -29.36
C HIS B 340 -25.54 7.59 -30.42
N LEU B 341 -25.06 8.21 -31.51
CA LEU B 341 -24.45 7.46 -32.60
C LEU B 341 -22.96 7.77 -32.73
N ARG B 342 -22.19 6.78 -33.14
CA ARG B 342 -20.74 6.92 -33.28
C ARG B 342 -20.37 7.45 -34.66
N SER B 343 -19.73 8.62 -34.70
CA SER B 343 -19.50 9.37 -35.93
C SER B 343 -18.71 8.61 -37.00
N ASP B 344 -17.86 7.69 -36.59
CA ASP B 344 -16.95 7.02 -37.53
C ASP B 344 -17.69 6.20 -38.59
N LEU B 345 -18.68 5.41 -38.16
CA LEU B 345 -19.39 4.52 -39.08
C LEU B 345 -20.83 4.94 -39.34
N ALA B 346 -21.45 5.59 -38.36
CA ALA B 346 -22.85 5.95 -38.47
C ALA B 346 -23.08 7.06 -39.51
N GLN B 347 -22.13 7.98 -39.61
CA GLN B 347 -22.29 9.15 -40.47
C GLN B 347 -22.47 8.82 -41.97
N PRO B 348 -21.66 7.90 -42.52
CA PRO B 348 -21.93 7.55 -43.92
C PRO B 348 -23.30 6.89 -44.10
N LEU B 349 -23.73 6.13 -43.09
CA LEU B 349 -25.03 5.48 -43.13
C LEU B 349 -26.17 6.50 -43.07
N ILE B 350 -26.00 7.50 -42.22
CA ILE B 350 -27.01 8.55 -42.07
C ILE B 350 -27.12 9.40 -43.33
N ASP B 351 -25.96 9.80 -43.86
CA ASP B 351 -25.92 10.64 -45.06
C ASP B 351 -26.59 9.97 -46.25
N ARG B 352 -26.42 8.65 -46.35
CA ARG B 352 -26.99 7.90 -47.47
C ARG B 352 -28.51 7.77 -47.32
N TYR B 353 -28.98 7.63 -46.09
CA TYR B 353 -30.42 7.54 -45.85
C TYR B 353 -31.11 8.86 -46.14
N LEU B 354 -30.49 9.96 -45.70
CA LEU B 354 -31.08 11.29 -45.89
C LEU B 354 -31.12 11.67 -47.37
N ALA B 355 -30.29 11.02 -48.17
CA ALA B 355 -30.21 11.32 -49.60
C ALA B 355 -31.18 10.46 -50.41
N THR B 356 -31.38 9.21 -49.99
CA THR B 356 -32.18 8.27 -50.76
C THR B 356 -33.53 7.96 -50.12
N GLY B 357 -33.60 8.03 -48.80
CA GLY B 357 -34.82 7.72 -48.08
C GLY B 357 -34.96 6.23 -47.82
N VAL B 358 -33.88 5.50 -48.07
CA VAL B 358 -33.87 4.06 -47.87
C VAL B 358 -33.06 3.68 -46.63
N MET B 359 -33.72 2.98 -45.70
CA MET B 359 -33.07 2.55 -44.47
C MET B 359 -32.21 1.32 -44.70
N SER B 360 -30.94 1.38 -44.30
CA SER B 360 -30.04 0.25 -44.44
C SER B 360 -30.05 -0.62 -43.19
N SER B 361 -29.52 -1.83 -43.32
CA SER B 361 -29.54 -2.80 -42.23
C SER B 361 -28.65 -2.36 -41.07
N GLU B 362 -27.48 -1.82 -41.38
CA GLU B 362 -26.54 -1.40 -40.37
C GLU B 362 -27.02 -0.14 -39.65
N LEU B 363 -27.67 0.75 -40.38
CA LEU B 363 -28.21 1.97 -39.77
C LEU B 363 -29.43 1.66 -38.91
N SER B 364 -30.26 0.73 -39.38
CA SER B 364 -31.45 0.33 -38.63
C SER B 364 -31.07 -0.36 -37.33
N ALA B 365 -29.98 -1.13 -37.38
CA ALA B 365 -29.49 -1.83 -36.21
C ALA B 365 -28.90 -0.87 -35.19
N MET B 366 -28.24 0.18 -35.66
CA MET B 366 -27.67 1.19 -34.78
C MET B 366 -28.75 1.98 -34.06
N LEU B 367 -29.82 2.29 -34.77
CA LEU B 367 -30.95 3.00 -34.18
C LEU B 367 -31.71 2.11 -33.20
N LYS B 368 -31.71 0.81 -33.47
CA LYS B 368 -32.39 -0.16 -32.63
C LYS B 368 -31.67 -0.33 -31.30
N THR B 369 -30.33 -0.28 -31.35
CA THR B 369 -29.51 -0.43 -30.16
C THR B 369 -29.71 0.74 -29.20
N LYS B 370 -29.75 1.96 -29.76
CA LYS B 370 -29.90 3.16 -28.95
C LYS B 370 -31.37 3.52 -28.75
N HIS B 371 -32.25 2.66 -29.24
CA HIS B 371 -33.71 2.86 -29.14
C HIS B 371 -34.14 4.20 -29.72
N LEU B 372 -33.60 4.55 -30.89
CA LEU B 372 -33.94 5.81 -31.54
C LEU B 372 -35.16 5.65 -32.44
N ASP B 373 -36.06 6.63 -32.37
CA ASP B 373 -37.26 6.63 -33.19
C ASP B 373 -36.93 6.95 -34.64
N VAL B 374 -37.42 6.13 -35.55
CA VAL B 374 -37.16 6.30 -36.98
C VAL B 374 -37.84 7.57 -37.51
N THR B 375 -38.92 7.98 -36.85
CA THR B 375 -39.66 9.18 -37.24
C THR B 375 -38.79 10.43 -37.17
N LEU B 376 -37.79 10.41 -36.31
CA LEU B 376 -36.85 11.51 -36.20
C LEU B 376 -36.03 11.65 -37.48
N PHE B 377 -35.64 10.52 -38.06
CA PHE B 377 -34.88 10.51 -39.30
C PHE B 377 -35.75 10.79 -40.51
N GLU B 378 -37.00 10.34 -40.44
CA GLU B 378 -37.95 10.56 -41.53
C GLU B 378 -38.33 12.03 -41.63
N ASN B 379 -38.52 12.67 -40.48
CA ASN B 379 -38.82 14.09 -40.46
C ASN B 379 -37.60 14.94 -40.80
N ALA B 380 -36.42 14.37 -40.55
CA ALA B 380 -35.16 15.05 -40.85
C ALA B 380 -34.98 15.21 -42.35
N ARG B 381 -35.37 14.18 -43.09
CA ARG B 381 -35.27 14.21 -44.54
C ARG B 381 -36.39 15.07 -45.13
N ALA B 382 -37.52 15.12 -44.43
CA ALA B 382 -38.69 15.87 -44.89
C ALA B 382 -38.51 17.36 -44.69
N ASN B 383 -37.73 17.74 -43.69
CA ASN B 383 -37.50 19.15 -43.38
C ASN B 383 -36.15 19.65 -43.90
N GLY B 384 -35.44 18.79 -44.63
CA GLY B 384 -34.17 19.16 -45.22
C GLY B 384 -33.06 19.37 -44.22
N MET B 385 -33.21 18.78 -43.03
CA MET B 385 -32.19 18.87 -42.00
C MET B 385 -31.20 17.73 -42.10
N ARG B 386 -30.02 17.92 -41.50
CA ARG B 386 -29.00 16.88 -41.47
C ARG B 386 -28.79 16.39 -40.04
N ILE B 387 -28.71 15.08 -39.88
CA ILE B 387 -28.43 14.49 -38.57
C ILE B 387 -26.97 14.05 -38.50
N VAL B 388 -26.25 14.52 -37.49
CA VAL B 388 -24.85 14.16 -37.33
C VAL B 388 -24.60 13.38 -36.04
N ALA B 389 -23.69 12.42 -36.12
CA ALA B 389 -23.31 11.64 -34.96
C ALA B 389 -22.14 12.31 -34.23
N LEU B 390 -22.22 12.37 -32.90
CA LEU B 390 -21.26 13.15 -32.13
C LEU B 390 -20.53 12.34 -31.06
N ASP B 391 -20.48 11.02 -31.22
CA ASP B 391 -19.79 10.17 -30.26
C ASP B 391 -18.43 9.73 -30.81
N ALA B 392 -17.48 9.50 -29.89
CA ALA B 392 -16.13 9.14 -30.28
C ALA B 392 -15.95 7.62 -30.33
N ASN B 393 -14.83 7.19 -30.88
CA ASN B 393 -14.54 5.77 -31.06
C ASN B 393 -13.94 5.12 -29.81
N SER B 394 -14.45 5.49 -28.64
CA SER B 394 -13.90 4.99 -27.38
C SER B 394 -14.98 4.46 -26.44
N SER B 395 -14.56 3.63 -25.50
CA SER B 395 -15.46 3.12 -24.47
C SER B 395 -14.88 3.38 -23.08
N ALA B 396 -15.30 4.49 -22.47
CA ALA B 396 -14.89 4.83 -21.12
C ALA B 396 -16.00 4.48 -20.14
N ARG B 397 -16.65 3.34 -20.37
CA ARG B 397 -17.80 2.90 -19.60
C ARG B 397 -18.89 3.97 -19.60
N GLY B 402 -8.64 0.89 -14.29
CA GLY B 402 -8.92 2.12 -15.01
C GLY B 402 -8.60 3.35 -14.19
N THR B 403 -8.54 4.50 -14.85
CA THR B 403 -8.25 5.77 -14.20
C THR B 403 -9.03 6.87 -14.90
N GLU B 404 -8.68 8.13 -14.63
CA GLU B 404 -9.33 9.27 -15.27
C GLU B 404 -8.96 9.37 -16.74
N HIS B 405 -7.89 8.66 -17.12
CA HIS B 405 -7.39 8.70 -18.49
C HIS B 405 -8.43 8.19 -19.50
N GLY B 406 -9.27 7.26 -19.06
CA GLY B 406 -10.37 6.79 -19.88
C GLY B 406 -11.39 7.89 -20.08
N LEU B 407 -11.71 8.58 -19.00
CA LEU B 407 -12.68 9.68 -19.05
C LEU B 407 -12.13 10.88 -19.80
N MET B 408 -10.86 11.20 -19.56
CA MET B 408 -10.23 12.34 -20.20
C MET B 408 -10.10 12.17 -21.70
N TYR B 409 -9.77 10.95 -22.13
CA TYR B 409 -9.66 10.66 -23.55
C TYR B 409 -11.00 10.80 -24.25
N ARG B 410 -12.03 10.19 -23.66
CA ARG B 410 -13.38 10.27 -24.22
C ARG B 410 -13.88 11.71 -24.26
N ALA B 411 -13.60 12.46 -23.19
CA ALA B 411 -14.04 13.85 -23.10
C ALA B 411 -13.37 14.71 -24.16
N GLY B 412 -12.08 14.47 -24.39
CA GLY B 412 -11.32 15.23 -25.38
C GLY B 412 -11.66 14.84 -26.80
N ALA B 413 -11.89 13.55 -27.02
CA ALA B 413 -12.23 13.05 -28.35
C ALA B 413 -13.62 13.51 -28.77
N ALA B 414 -14.52 13.65 -27.81
CA ALA B 414 -15.86 14.16 -28.08
C ALA B 414 -15.81 15.64 -28.43
N ASN B 415 -14.85 16.34 -27.84
CA ASN B 415 -14.67 17.77 -28.10
C ASN B 415 -14.23 18.03 -29.54
N ASN B 416 -13.20 17.33 -29.99
CA ASN B 416 -12.65 17.53 -31.33
C ASN B 416 -13.63 17.12 -32.42
N ILE B 417 -14.58 16.25 -32.09
CA ILE B 417 -15.63 15.88 -33.02
C ILE B 417 -16.67 16.99 -33.10
N ALA B 418 -17.10 17.47 -31.95
CA ALA B 418 -18.07 18.56 -31.88
C ALA B 418 -17.54 19.82 -32.56
N VAL B 419 -16.24 20.07 -32.39
CA VAL B 419 -15.60 21.21 -33.02
C VAL B 419 -15.58 21.09 -34.54
N GLU B 420 -15.17 19.91 -35.02
CA GLU B 420 -15.03 19.67 -36.45
C GLU B 420 -16.36 19.66 -37.19
N VAL B 421 -17.46 19.50 -36.45
CA VAL B 421 -18.77 19.36 -37.06
C VAL B 421 -19.69 20.56 -36.80
N LEU B 422 -19.67 21.08 -35.58
CA LEU B 422 -20.66 22.08 -35.18
C LEU B 422 -20.14 23.51 -35.11
N GLN B 423 -18.85 23.69 -34.87
CA GLN B 423 -18.31 25.03 -34.64
C GLN B 423 -18.30 25.88 -35.91
N ASN B 424 -17.89 25.30 -37.03
CA ASN B 424 -17.76 26.05 -38.27
C ASN B 424 -18.79 25.66 -39.33
N LEU B 425 -20.05 25.95 -39.05
CA LEU B 425 -21.13 25.74 -40.02
C LEU B 425 -21.24 26.93 -40.95
N PRO B 426 -21.84 26.74 -42.14
CA PRO B 426 -22.09 27.85 -43.07
C PRO B 426 -22.76 29.04 -42.41
N ASP B 427 -22.40 30.24 -42.84
CA ASP B 427 -22.88 31.47 -42.21
C ASP B 427 -24.40 31.60 -42.27
N GLY B 428 -25.05 31.39 -41.13
CA GLY B 428 -26.49 31.52 -41.04
C GLY B 428 -27.15 30.29 -40.43
N GLU B 429 -26.47 29.15 -40.51
CA GLU B 429 -27.01 27.89 -40.01
C GLU B 429 -26.70 27.68 -38.53
N LYS B 430 -27.71 27.27 -37.77
CA LYS B 430 -27.55 26.93 -36.37
C LYS B 430 -27.84 25.46 -36.15
N PHE B 431 -27.58 24.95 -34.96
CA PHE B 431 -27.77 23.53 -34.69
C PHE B 431 -28.39 23.27 -33.32
N VAL B 432 -28.84 22.04 -33.12
CA VAL B 432 -29.31 21.59 -31.81
C VAL B 432 -28.73 20.21 -31.53
N ALA B 433 -27.86 20.14 -30.52
CA ALA B 433 -27.18 18.89 -30.20
C ALA B 433 -27.70 18.30 -28.90
N ILE B 434 -27.74 16.97 -28.83
CA ILE B 434 -28.18 16.28 -27.64
C ILE B 434 -27.04 15.46 -27.05
N TYR B 435 -26.52 15.91 -25.91
CA TYR B 435 -25.45 15.22 -25.21
C TYR B 435 -25.92 14.69 -23.87
N GLY B 436 -25.12 13.82 -23.27
CA GLY B 436 -25.35 13.41 -21.89
C GLY B 436 -24.88 14.53 -20.99
N LYS B 437 -25.44 14.61 -19.79
CA LYS B 437 -25.11 15.69 -18.87
C LYS B 437 -23.67 15.60 -18.35
N ALA B 438 -22.92 14.60 -18.80
CA ALA B 438 -21.55 14.39 -18.36
C ALA B 438 -20.56 15.21 -19.17
N HIS B 439 -20.84 15.41 -20.45
CA HIS B 439 -19.92 16.10 -21.34
C HIS B 439 -20.23 17.58 -21.50
N LEU B 440 -21.43 17.99 -21.09
CA LEU B 440 -21.78 19.40 -21.12
C LEU B 440 -21.00 20.16 -20.06
N GLN B 441 -20.55 19.44 -19.03
CA GLN B 441 -19.72 20.01 -17.99
C GLN B 441 -18.27 19.61 -18.22
N SER B 442 -17.34 20.44 -17.76
CA SER B 442 -15.92 20.19 -17.94
C SER B 442 -15.41 19.13 -16.96
N HIS B 443 -14.30 18.49 -17.30
CA HIS B 443 -13.70 17.48 -16.44
C HIS B 443 -12.54 18.06 -15.64
N LYS B 444 -12.75 18.26 -14.35
CA LYS B 444 -11.73 18.84 -13.48
C LYS B 444 -11.22 17.82 -12.47
N GLY B 445 -10.20 17.06 -12.86
CA GLY B 445 -9.64 16.03 -12.00
C GLY B 445 -8.19 16.27 -11.67
N ILE B 446 -7.63 15.42 -10.80
CA ILE B 446 -6.23 15.52 -10.40
C ILE B 446 -5.31 15.18 -11.57
N GLU B 447 -5.71 14.21 -12.37
CA GLU B 447 -4.88 13.71 -13.47
C GLU B 447 -4.83 14.69 -14.63
N GLY B 448 -5.78 15.61 -14.70
CA GLY B 448 -5.80 16.60 -15.76
C GLY B 448 -7.09 17.39 -15.86
N PHE B 449 -7.18 18.23 -16.90
CA PHE B 449 -8.35 19.04 -17.14
C PHE B 449 -8.77 18.99 -18.60
N VAL B 450 -10.05 18.75 -18.84
CA VAL B 450 -10.60 18.77 -20.19
C VAL B 450 -11.80 19.70 -20.24
N PRO B 451 -11.75 20.70 -21.14
CA PRO B 451 -12.86 21.65 -21.31
C PRO B 451 -14.14 20.95 -21.75
N GLY B 452 -15.28 21.43 -21.27
CA GLY B 452 -16.56 20.85 -21.64
C GLY B 452 -17.00 21.25 -23.03
N ILE B 453 -18.05 20.60 -23.53
CA ILE B 453 -18.64 20.94 -24.82
C ILE B 453 -19.10 22.39 -24.82
N THR B 454 -19.69 22.80 -23.69
CA THR B 454 -20.17 24.15 -23.51
C THR B 454 -19.06 25.19 -23.66
N HIS B 455 -17.88 24.83 -23.17
CA HIS B 455 -16.73 25.75 -23.19
C HIS B 455 -16.15 25.93 -24.59
N ARG B 456 -16.10 24.85 -25.36
CA ARG B 456 -15.47 24.90 -26.68
C ARG B 456 -16.40 25.44 -27.76
N LEU B 457 -17.71 25.30 -27.56
CA LEU B 457 -18.68 25.77 -28.54
C LEU B 457 -19.24 27.14 -28.15
N ASP B 458 -18.81 27.62 -26.99
CA ASP B 458 -19.26 28.92 -26.46
C ASP B 458 -20.77 28.96 -26.32
N LEU B 459 -21.34 27.87 -25.83
CA LEU B 459 -22.78 27.77 -25.63
C LEU B 459 -23.09 27.40 -24.18
N PRO B 460 -24.28 27.77 -23.69
CA PRO B 460 -24.67 27.36 -22.33
C PRO B 460 -25.26 25.95 -22.33
N ALA B 461 -25.35 25.35 -21.15
CA ALA B 461 -25.96 24.03 -21.01
C ALA B 461 -27.46 24.17 -20.79
N LEU B 462 -28.24 23.37 -21.51
CA LEU B 462 -29.70 23.47 -21.45
C LEU B 462 -30.37 22.14 -21.11
N LYS B 463 -31.58 22.21 -20.60
CA LYS B 463 -32.40 21.03 -20.38
C LYS B 463 -33.85 21.33 -20.74
N VAL B 464 -34.59 20.29 -21.13
CA VAL B 464 -35.99 20.48 -21.51
C VAL B 464 -36.92 19.59 -20.71
N SER B 465 -38.02 20.17 -20.24
CA SER B 465 -39.08 19.40 -19.60
C SER B 465 -40.06 18.96 -20.67
N ASP B 466 -41.14 18.28 -20.26
CA ASP B 466 -42.15 17.87 -21.22
C ASP B 466 -43.09 19.04 -21.52
N SER B 467 -42.97 20.09 -20.73
CA SER B 467 -43.73 21.33 -20.95
C SER B 467 -43.04 22.21 -21.98
N ASN B 468 -41.96 21.70 -22.55
CA ASN B 468 -41.16 22.40 -23.56
C ASN B 468 -40.65 23.75 -23.08
N GLN B 469 -40.22 23.81 -21.82
CA GLN B 469 -39.61 25.02 -21.28
C GLN B 469 -38.12 24.80 -21.02
N PHE B 470 -37.30 25.66 -21.64
CA PHE B 470 -35.85 25.57 -21.47
C PHE B 470 -35.41 26.25 -20.17
N THR B 471 -34.46 25.64 -19.48
CA THR B 471 -33.83 26.25 -18.32
C THR B 471 -32.32 26.11 -18.44
N VAL B 472 -31.60 27.20 -18.20
CA VAL B 472 -30.15 27.19 -18.32
C VAL B 472 -29.50 26.40 -17.19
N GLU B 473 -28.72 25.39 -17.55
CA GLU B 473 -28.04 24.55 -16.57
C GLU B 473 -26.74 25.17 -16.10
N GLN B 474 -26.48 25.06 -14.80
CA GLN B 474 -25.25 25.59 -14.22
C GLN B 474 -24.44 24.46 -13.59
N ASP B 475 -23.13 24.58 -13.64
CA ASP B 475 -22.24 23.53 -13.13
C ASP B 475 -21.60 23.92 -11.80
N ASP B 476 -21.39 22.93 -10.94
CA ASP B 476 -20.71 23.14 -9.66
C ASP B 476 -19.19 23.08 -9.82
N GLY C 1 -51.69 35.21 29.82
CA GLY C 1 -51.38 35.07 31.23
C GLY C 1 -50.04 34.40 31.46
N ALA C 2 -49.26 34.97 32.36
CA ALA C 2 -47.94 34.41 32.68
C ALA C 2 -48.07 33.05 33.36
N MET C 3 -49.19 32.84 34.05
CA MET C 3 -49.46 31.57 34.71
C MET C 3 -49.68 30.47 33.68
N ALA C 4 -50.45 30.78 32.64
CA ALA C 4 -50.74 29.83 31.59
C ALA C 4 -49.50 29.51 30.78
N GLN C 5 -48.57 30.46 30.72
CA GLN C 5 -47.34 30.28 29.96
C GLN C 5 -46.32 29.45 30.71
N GLU C 6 -46.32 29.57 32.04
CA GLU C 6 -45.40 28.80 32.88
C GLU C 6 -45.84 27.35 32.97
N LEU C 7 -47.15 27.14 33.12
CA LEU C 7 -47.71 25.78 33.15
C LEU C 7 -47.44 25.06 31.84
N LYS C 8 -47.53 25.80 30.73
CA LYS C 8 -47.28 25.24 29.41
C LYS C 8 -45.80 24.91 29.24
N GLU C 9 -44.94 25.75 29.81
CA GLU C 9 -43.50 25.59 29.68
C GLU C 9 -43.01 24.37 30.47
N ARG C 10 -43.61 24.15 31.64
CA ARG C 10 -43.23 23.03 32.48
C ARG C 10 -43.54 21.70 31.80
N ALA C 11 -44.70 21.63 31.15
CA ALA C 11 -45.11 20.43 30.43
C ALA C 11 -44.32 20.26 29.14
N LYS C 12 -43.82 21.36 28.60
CA LYS C 12 -43.06 21.34 27.36
C LYS C 12 -41.61 20.92 27.60
N VAL C 13 -41.07 21.32 28.75
CA VAL C 13 -39.69 20.98 29.10
C VAL C 13 -39.58 19.54 29.60
N PHE C 14 -40.50 19.16 30.49
CA PHE C 14 -40.51 17.81 31.05
C PHE C 14 -40.72 16.77 29.95
N ALA C 15 -41.82 16.91 29.21
CA ALA C 15 -42.10 16.02 28.09
C ALA C 15 -41.24 16.39 26.88
N LYS C 16 -39.95 16.07 26.98
CA LYS C 16 -38.97 16.43 25.96
C LYS C 16 -39.21 15.72 24.62
N PRO C 17 -39.29 16.50 23.54
CA PRO C 17 -39.41 15.97 22.17
C PRO C 17 -38.15 15.20 21.76
N ILE C 18 -38.29 13.89 21.60
CA ILE C 18 -37.14 13.03 21.28
C ILE C 18 -36.65 13.25 19.86
N GLY C 19 -35.33 13.43 19.72
CA GLY C 19 -34.72 13.59 18.41
C GLY C 19 -34.84 12.34 17.57
N ALA C 20 -34.81 12.50 16.25
CA ALA C 20 -34.97 11.38 15.34
C ALA C 20 -33.82 10.38 15.44
N SER C 21 -32.62 10.89 15.72
CA SER C 21 -31.44 10.04 15.81
C SER C 21 -31.35 9.35 17.17
N TYR C 22 -31.84 10.04 18.20
CA TYR C 22 -31.81 9.50 19.55
C TYR C 22 -32.91 8.46 19.75
N GLN C 23 -34.00 8.61 19.00
CA GLN C 23 -35.12 7.67 19.07
C GLN C 23 -34.71 6.30 18.59
N GLY C 24 -33.80 6.27 17.62
CA GLY C 24 -33.28 5.02 17.09
C GLY C 24 -32.50 4.26 18.14
N ILE C 25 -31.89 4.99 19.07
CA ILE C 25 -31.15 4.39 20.17
C ILE C 25 -32.10 3.77 21.18
N LEU C 26 -33.15 4.50 21.52
CA LEU C 26 -34.16 4.02 22.46
C LEU C 26 -34.87 2.79 21.92
N ASP C 27 -35.16 2.80 20.62
CA ASP C 27 -35.79 1.66 19.97
C ASP C 27 -34.86 0.46 19.96
N GLN C 28 -33.58 0.72 19.72
CA GLN C 28 -32.57 -0.34 19.74
C GLN C 28 -32.37 -0.86 21.16
N LEU C 29 -32.52 0.03 22.13
CA LEU C 29 -32.35 -0.33 23.53
C LEU C 29 -33.40 -1.34 23.98
N ASP C 30 -34.60 -1.20 23.44
CA ASP C 30 -35.69 -2.13 23.77
C ASP C 30 -35.45 -3.49 23.12
N LEU C 31 -34.73 -3.50 22.00
CA LEU C 31 -34.37 -4.74 21.34
C LEU C 31 -33.35 -5.51 22.16
N VAL C 32 -32.43 -4.77 22.78
CA VAL C 32 -31.45 -5.37 23.68
C VAL C 32 -32.15 -5.98 24.88
N HIS C 33 -33.26 -5.37 25.27
CA HIS C 33 -34.03 -5.85 26.41
C HIS C 33 -34.85 -7.10 26.08
N GLN C 34 -35.65 -7.04 25.03
CA GLN C 34 -36.55 -8.13 24.68
C GLN C 34 -35.81 -9.39 24.26
N ALA C 35 -34.85 -9.25 23.37
CA ALA C 35 -34.14 -10.40 22.81
C ALA C 35 -33.31 -11.15 23.84
N LYS C 36 -32.94 -12.38 23.50
CA LYS C 36 -32.11 -13.21 24.36
C LYS C 36 -31.23 -14.11 23.49
N GLY C 37 -30.05 -14.47 24.00
CA GLY C 37 -29.15 -15.34 23.28
C GLY C 37 -28.23 -14.57 22.34
N ARG C 38 -28.17 -15.01 21.09
CA ARG C 38 -27.29 -14.39 20.10
C ARG C 38 -27.86 -13.06 19.60
N ASP C 39 -29.18 -12.99 19.50
CA ASP C 39 -29.84 -11.78 19.02
C ASP C 39 -29.64 -10.61 19.97
N GLN C 40 -29.65 -10.89 21.26
CA GLN C 40 -29.51 -9.86 22.29
C GLN C 40 -28.10 -9.24 22.28
N ILE C 41 -27.09 -10.09 22.21
CA ILE C 41 -25.70 -9.63 22.15
C ILE C 41 -25.49 -8.84 20.85
N ALA C 42 -26.04 -9.34 19.76
CA ALA C 42 -26.00 -8.63 18.48
C ALA C 42 -26.68 -7.27 18.61
N ALA C 43 -27.79 -7.24 19.34
CA ALA C 43 -28.51 -5.99 19.58
C ALA C 43 -27.68 -5.04 20.44
N SER C 44 -26.88 -5.61 21.32
CA SER C 44 -26.01 -4.83 22.20
C SER C 44 -24.90 -4.15 21.40
N PHE C 45 -24.32 -4.88 20.46
CA PHE C 45 -23.29 -4.33 19.59
C PHE C 45 -23.86 -3.26 18.66
N GLU C 46 -25.11 -3.44 18.26
CA GLU C 46 -25.79 -2.45 17.43
C GLU C 46 -26.10 -1.20 18.24
N LEU C 47 -26.36 -1.39 19.53
CA LEU C 47 -26.62 -0.26 20.43
C LEU C 47 -25.39 0.64 20.55
N ASN C 48 -24.26 0.04 20.87
CA ASN C 48 -23.00 0.77 20.98
C ASN C 48 -22.58 1.41 19.66
N LYS C 49 -23.02 0.81 18.56
CA LYS C 49 -22.74 1.34 17.22
C LYS C 49 -23.53 2.63 17.00
N LYS C 50 -24.79 2.63 17.44
CA LYS C 50 -25.64 3.81 17.28
C LYS C 50 -25.24 4.93 18.23
N ILE C 51 -24.79 4.56 19.43
CA ILE C 51 -24.37 5.54 20.43
C ILE C 51 -23.13 6.29 19.96
N ASN C 52 -22.17 5.57 19.40
CA ASN C 52 -20.96 6.19 18.87
C ASN C 52 -21.26 7.14 17.73
N ASP C 53 -22.28 6.81 16.93
CA ASP C 53 -22.67 7.66 15.81
C ASP C 53 -23.38 8.93 16.29
N TYR C 54 -24.20 8.79 17.33
CA TYR C 54 -24.93 9.93 17.88
C TYR C 54 -23.98 10.96 18.48
N ILE C 55 -22.97 10.49 19.20
CA ILE C 55 -21.98 11.37 19.81
C ILE C 55 -21.15 12.06 18.74
N ALA C 56 -20.85 11.34 17.67
CA ALA C 56 -20.10 11.91 16.55
C ALA C 56 -20.91 12.98 15.83
N GLU C 57 -22.17 12.67 15.54
CA GLU C 57 -23.06 13.59 14.83
C GLU C 57 -23.51 14.73 15.74
N HIS C 58 -23.53 14.48 17.05
CA HIS C 58 -23.94 15.48 18.01
C HIS C 58 -22.89 15.59 19.12
N PRO C 59 -21.83 16.38 18.88
CA PRO C 59 -20.67 16.48 19.78
C PRO C 59 -20.95 17.24 21.08
N THR C 60 -21.60 18.39 20.99
CA THR C 60 -21.80 19.24 22.17
C THR C 60 -23.08 18.89 22.94
N SER C 61 -23.37 17.59 23.03
CA SER C 61 -24.46 17.09 23.84
C SER C 61 -23.91 16.81 25.25
N GLY C 62 -24.76 16.82 26.28
CA GLY C 62 -26.20 16.97 26.15
C GLY C 62 -26.84 15.66 26.59
N ARG C 63 -26.78 14.66 25.70
CA ARG C 63 -27.17 13.30 26.04
C ARG C 63 -25.95 12.39 26.00
N ASN C 64 -24.83 12.95 25.55
CA ASN C 64 -23.59 12.20 25.40
C ASN C 64 -23.08 11.61 26.72
N GLN C 65 -23.07 12.43 27.76
CA GLN C 65 -22.59 12.03 29.08
C GLN C 65 -23.31 10.77 29.57
N ALA C 66 -24.63 10.74 29.40
CA ALA C 66 -25.44 9.61 29.83
C ALA C 66 -25.27 8.41 28.89
N LEU C 67 -25.13 8.70 27.60
CA LEU C 67 -24.96 7.65 26.60
C LEU C 67 -23.57 7.02 26.69
N THR C 68 -22.58 7.84 27.05
CA THR C 68 -21.22 7.36 27.25
C THR C 68 -21.20 6.40 28.43
N GLN C 69 -21.95 6.74 29.48
CA GLN C 69 -22.07 5.88 30.65
C GLN C 69 -22.77 4.58 30.29
N LEU C 70 -23.84 4.68 29.51
CA LEU C 70 -24.60 3.51 29.09
C LEU C 70 -23.75 2.59 28.21
N LYS C 71 -22.99 3.18 27.29
CA LYS C 71 -22.14 2.41 26.40
C LYS C 71 -21.06 1.67 27.17
N GLU C 72 -20.56 2.30 28.23
CA GLU C 72 -19.54 1.67 29.08
C GLU C 72 -20.13 0.54 29.91
N GLN C 73 -21.36 0.72 30.37
CA GLN C 73 -22.02 -0.30 31.19
C GLN C 73 -22.43 -1.51 30.37
N VAL C 74 -22.83 -1.27 29.12
CA VAL C 74 -23.18 -2.37 28.22
C VAL C 74 -21.93 -3.16 27.86
N THR C 75 -20.85 -2.46 27.56
CA THR C 75 -19.58 -3.10 27.20
C THR C 75 -19.00 -3.86 28.39
N SER C 76 -19.14 -3.27 29.58
CA SER C 76 -18.64 -3.91 30.80
C SER C 76 -19.36 -5.22 31.08
N ALA C 77 -20.68 -5.22 30.86
CA ALA C 77 -21.49 -6.41 31.08
C ALA C 77 -21.17 -7.50 30.07
N LEU C 78 -20.89 -7.08 28.84
CA LEU C 78 -20.57 -8.02 27.76
C LEU C 78 -19.20 -8.67 27.97
N PHE C 79 -18.19 -7.84 28.21
CA PHE C 79 -16.82 -8.33 28.32
C PHE C 79 -16.32 -8.31 29.76
N ILE C 80 -17.11 -8.89 30.67
CA ILE C 80 -16.73 -8.96 32.07
C ILE C 80 -15.91 -10.23 32.33
N GLY C 81 -14.91 -10.12 33.21
CA GLY C 81 -14.11 -11.26 33.59
C GLY C 81 -13.19 -11.76 32.48
N LYS C 82 -13.25 -13.06 32.22
CA LYS C 82 -12.37 -13.71 31.26
C LYS C 82 -12.74 -13.38 29.81
N MET C 83 -13.88 -12.73 29.62
CA MET C 83 -14.37 -12.42 28.28
C MET C 83 -13.60 -11.26 27.65
N GLN C 84 -12.91 -10.49 28.48
CA GLN C 84 -12.21 -9.31 28.00
C GLN C 84 -10.94 -9.66 27.25
N VAL C 85 -10.60 -10.94 27.25
CA VAL C 85 -9.41 -11.44 26.56
C VAL C 85 -9.55 -11.27 25.05
N ALA C 86 -10.70 -11.64 24.51
CA ALA C 86 -10.93 -11.55 23.08
C ALA C 86 -11.81 -10.33 22.73
N GLN C 87 -11.79 -9.33 23.60
CA GLN C 87 -12.62 -8.15 23.42
C GLN C 87 -12.20 -7.30 22.22
N ALA C 88 -10.90 -7.06 22.10
CA ALA C 88 -10.36 -6.19 21.06
C ALA C 88 -10.74 -6.64 19.66
N GLY C 89 -10.51 -7.92 19.36
CA GLY C 89 -10.81 -8.47 18.06
C GLY C 89 -12.29 -8.42 17.73
N ILE C 90 -13.13 -8.81 18.68
CA ILE C 90 -14.57 -8.84 18.48
C ILE C 90 -15.15 -7.43 18.35
N ASP C 91 -14.72 -6.53 19.22
CA ASP C 91 -15.22 -5.16 19.22
C ASP C 91 -14.85 -4.44 17.92
N ALA C 92 -13.72 -4.81 17.35
CA ALA C 92 -13.28 -4.23 16.07
C ALA C 92 -14.21 -4.67 14.94
N ILE C 93 -14.72 -5.89 15.06
CA ILE C 93 -15.65 -6.44 14.07
C ILE C 93 -17.05 -5.90 14.30
N ALA C 94 -17.39 -5.67 15.57
CA ALA C 94 -18.72 -5.20 15.94
C ALA C 94 -19.00 -3.78 15.45
N GLN C 95 -17.95 -3.07 15.04
CA GLN C 95 -18.09 -1.69 14.57
C GLN C 95 -18.78 -1.65 13.21
N THR C 96 -18.62 -2.70 12.42
CA THR C 96 -19.20 -2.75 11.08
C THR C 96 -20.14 -3.93 10.90
N ARG C 97 -19.86 -5.02 11.61
CA ARG C 97 -20.66 -6.24 11.48
C ARG C 97 -21.07 -6.77 12.85
N PRO C 98 -22.13 -6.18 13.43
CA PRO C 98 -22.61 -6.54 14.77
C PRO C 98 -23.13 -7.98 14.85
N GLU C 99 -23.89 -8.40 13.84
CA GLU C 99 -24.47 -9.74 13.84
C GLU C 99 -23.40 -10.82 13.77
N LEU C 100 -22.37 -10.58 12.96
CA LEU C 100 -21.26 -11.52 12.84
C LEU C 100 -20.44 -11.54 14.13
N ALA C 101 -20.29 -10.38 14.76
CA ALA C 101 -19.54 -10.28 16.00
C ALA C 101 -20.20 -11.08 17.12
N ALA C 102 -21.53 -11.13 17.10
CA ALA C 102 -22.27 -11.91 18.07
C ALA C 102 -22.02 -13.40 17.90
N ARG C 103 -21.85 -13.83 16.64
CA ARG C 103 -21.56 -15.23 16.36
C ARG C 103 -20.18 -15.62 16.89
N ILE C 104 -19.23 -14.70 16.80
CA ILE C 104 -17.89 -14.94 17.31
C ILE C 104 -17.86 -14.77 18.82
N PHE C 105 -18.74 -13.91 19.32
CA PHE C 105 -18.87 -13.67 20.75
C PHE C 105 -19.34 -14.93 21.47
N MET C 106 -20.28 -15.65 20.87
CA MET C 106 -20.82 -16.86 21.45
C MET C 106 -19.77 -17.95 21.53
N VAL C 107 -18.88 -17.98 20.54
CA VAL C 107 -17.77 -18.93 20.54
C VAL C 107 -16.79 -18.58 21.65
N ALA C 108 -16.59 -17.28 21.86
CA ALA C 108 -15.70 -16.80 22.92
C ALA C 108 -16.26 -17.13 24.30
N ILE C 109 -17.58 -17.16 24.42
CA ILE C 109 -18.24 -17.56 25.66
C ILE C 109 -17.90 -19.01 25.99
N GLU C 110 -17.98 -19.87 24.98
CA GLU C 110 -17.68 -21.28 25.15
C GLU C 110 -16.20 -21.50 25.46
N GLU C 111 -15.35 -20.68 24.86
CA GLU C 111 -13.90 -20.80 25.08
C GLU C 111 -13.54 -20.34 26.49
N ALA C 112 -14.38 -19.50 27.06
CA ALA C 112 -14.20 -19.06 28.45
C ALA C 112 -14.51 -20.21 29.40
N ASN C 113 -15.23 -21.21 28.89
CA ASN C 113 -15.55 -22.40 29.67
C ASN C 113 -14.59 -23.55 29.34
N GLY C 114 -13.59 -23.28 28.52
CA GLY C 114 -12.56 -24.24 28.22
C GLY C 114 -12.78 -25.03 26.95
N LYS C 115 -13.85 -24.71 26.23
CA LYS C 115 -14.17 -25.41 24.98
C LYS C 115 -13.40 -24.83 23.79
N HIS C 116 -12.92 -25.73 22.93
CA HIS C 116 -12.22 -25.39 21.68
C HIS C 116 -11.30 -24.17 21.78
N VAL C 117 -10.26 -24.31 22.58
CA VAL C 117 -9.31 -23.23 22.80
C VAL C 117 -8.59 -22.85 21.50
N GLY C 118 -8.73 -21.58 21.10
CA GLY C 118 -8.07 -21.08 19.91
C GLY C 118 -9.00 -20.87 18.74
N LEU C 119 -10.26 -21.26 18.90
CA LEU C 119 -11.24 -21.15 17.83
C LEU C 119 -11.69 -19.70 17.64
N THR C 120 -11.82 -18.97 18.74
CA THR C 120 -12.22 -17.57 18.69
C THR C 120 -11.20 -16.74 17.94
N ASP C 121 -9.92 -16.96 18.22
CA ASP C 121 -8.85 -16.26 17.53
C ASP C 121 -8.88 -16.54 16.03
N MET C 122 -9.16 -17.79 15.68
CA MET C 122 -9.20 -18.21 14.28
C MET C 122 -10.35 -17.55 13.52
N MET C 123 -11.51 -17.44 14.17
CA MET C 123 -12.67 -16.83 13.54
C MET C 123 -12.53 -15.32 13.42
N VAL C 124 -11.71 -14.73 14.28
CA VAL C 124 -11.43 -13.29 14.21
C VAL C 124 -10.56 -12.99 13.00
N ARG C 125 -9.50 -13.77 12.81
CA ARG C 125 -8.61 -13.61 11.67
C ARG C 125 -9.33 -13.84 10.34
N TRP C 126 -10.27 -14.78 10.35
CA TRP C 126 -11.09 -15.05 9.17
C TRP C 126 -11.95 -13.85 8.82
N ALA C 127 -12.63 -13.29 9.82
CA ALA C 127 -13.53 -12.17 9.61
C ALA C 127 -12.78 -10.91 9.17
N ASN C 128 -11.47 -10.89 9.37
CA ASN C 128 -10.66 -9.75 9.01
C ASN C 128 -9.95 -9.90 7.67
N GLU C 129 -9.95 -11.12 7.13
CA GLU C 129 -9.19 -11.41 5.91
C GLU C 129 -10.04 -12.05 4.81
N ASP C 130 -11.11 -12.73 5.18
CA ASP C 130 -11.98 -13.37 4.19
C ASP C 130 -12.93 -12.36 3.56
N PRO C 131 -12.82 -12.15 2.24
CA PRO C 131 -13.65 -11.21 1.49
C PRO C 131 -15.15 -11.50 1.59
N TYR C 132 -15.51 -12.77 1.73
CA TYR C 132 -16.92 -13.15 1.83
C TYR C 132 -17.50 -12.81 3.20
N LEU C 133 -16.62 -12.45 4.14
CA LEU C 133 -17.05 -12.07 5.48
C LEU C 133 -16.93 -10.56 5.68
N ALA C 134 -16.50 -9.86 4.64
CA ALA C 134 -16.46 -8.41 4.64
C ALA C 134 -17.88 -7.84 4.74
N PRO C 135 -18.02 -6.62 5.26
CA PRO C 135 -19.33 -5.97 5.40
C PRO C 135 -20.18 -6.00 4.13
N LYS C 136 -21.26 -6.78 4.16
CA LYS C 136 -22.16 -6.89 3.03
C LYS C 136 -23.46 -6.13 3.30
N HIS C 137 -23.66 -5.06 2.55
CA HIS C 137 -24.82 -4.19 2.74
C HIS C 137 -26.08 -4.82 2.16
N GLY C 138 -25.93 -5.57 1.07
CA GLY C 138 -27.03 -6.30 0.47
C GLY C 138 -28.17 -5.42 0.00
N TYR C 139 -29.31 -6.04 -0.30
CA TYR C 139 -30.50 -5.31 -0.70
C TYR C 139 -31.38 -5.00 0.51
N LYS C 140 -31.67 -3.72 0.72
CA LYS C 140 -32.54 -3.31 1.82
C LYS C 140 -33.81 -2.66 1.29
N GLY C 141 -34.94 -3.05 1.86
CA GLY C 141 -36.24 -2.63 1.40
C GLY C 141 -37.21 -3.79 1.55
N GLU C 142 -38.48 -3.55 1.29
CA GLU C 142 -39.49 -4.59 1.45
C GLU C 142 -39.47 -5.57 0.28
N THR C 143 -39.46 -6.86 0.61
CA THR C 143 -39.46 -7.92 -0.39
C THR C 143 -40.82 -8.61 -0.42
N PRO C 144 -41.24 -9.11 -1.60
CA PRO C 144 -42.52 -9.81 -1.74
C PRO C 144 -42.64 -11.01 -0.81
N SER C 145 -43.87 -11.39 -0.49
CA SER C 145 -44.12 -12.45 0.49
C SER C 145 -44.55 -13.77 -0.16
N ASP C 146 -45.24 -13.68 -1.30
CA ASP C 146 -45.77 -14.86 -1.95
C ASP C 146 -44.97 -15.28 -3.18
N LEU C 147 -43.65 -15.34 -3.04
CA LEU C 147 -42.79 -15.76 -4.14
C LEU C 147 -42.88 -17.27 -4.34
N GLY C 148 -43.18 -17.99 -3.27
CA GLY C 148 -43.27 -19.44 -3.34
C GLY C 148 -41.93 -20.10 -3.03
N PHE C 149 -40.88 -19.30 -2.96
CA PHE C 149 -39.55 -19.80 -2.67
C PHE C 149 -38.74 -18.80 -1.86
N ASP C 150 -37.60 -19.24 -1.34
CA ASP C 150 -36.70 -18.35 -0.60
C ASP C 150 -35.83 -17.55 -1.56
N ALA C 151 -36.06 -16.25 -1.62
CA ALA C 151 -35.32 -15.38 -2.51
C ALA C 151 -33.88 -15.21 -2.03
N LYS C 152 -32.93 -15.31 -2.96
CA LYS C 152 -31.52 -15.17 -2.63
C LYS C 152 -30.93 -13.91 -3.24
N TYR C 153 -31.64 -13.35 -4.22
CA TYR C 153 -31.21 -12.12 -4.88
C TYR C 153 -32.40 -11.26 -5.29
N HIS C 154 -32.21 -9.95 -5.23
CA HIS C 154 -33.21 -9.01 -5.74
C HIS C 154 -32.54 -8.04 -6.70
N VAL C 155 -32.18 -8.54 -7.88
CA VAL C 155 -31.36 -7.81 -8.84
C VAL C 155 -32.14 -6.79 -9.64
N ASP C 156 -31.66 -5.56 -9.66
CA ASP C 156 -32.24 -4.50 -10.49
C ASP C 156 -31.57 -4.50 -11.87
N LEU C 157 -32.27 -5.04 -12.86
CA LEU C 157 -31.72 -5.20 -14.20
C LEU C 157 -31.63 -3.88 -14.95
N GLY C 158 -32.69 -3.09 -14.91
CA GLY C 158 -32.73 -1.80 -15.57
C GLY C 158 -32.64 -1.90 -17.08
N GLU C 159 -31.44 -1.68 -17.61
CA GLU C 159 -31.21 -1.69 -19.05
C GLU C 159 -31.34 -3.10 -19.63
N HIS C 160 -30.82 -4.09 -18.90
CA HIS C 160 -30.79 -5.47 -19.39
C HIS C 160 -32.04 -6.26 -18.99
N TYR C 161 -33.12 -5.55 -18.68
CA TYR C 161 -34.35 -6.21 -18.24
C TYR C 161 -35.02 -6.99 -19.36
N ALA C 162 -35.16 -6.35 -20.52
CA ALA C 162 -35.86 -6.94 -21.65
C ALA C 162 -35.17 -8.20 -22.16
N ASP C 163 -33.83 -8.15 -22.23
CA ASP C 163 -33.06 -9.30 -22.69
C ASP C 163 -33.08 -10.44 -21.67
N PHE C 164 -33.11 -10.09 -20.39
CA PHE C 164 -33.16 -11.10 -19.35
C PHE C 164 -34.54 -11.75 -19.32
N LYS C 165 -35.58 -10.94 -19.48
CA LYS C 165 -36.95 -11.42 -19.49
C LYS C 165 -37.18 -12.45 -20.59
N GLN C 166 -36.51 -12.23 -21.72
CA GLN C 166 -36.64 -13.13 -22.87
C GLN C 166 -36.06 -14.51 -22.58
N TRP C 167 -34.84 -14.54 -22.06
CA TRP C 167 -34.15 -15.81 -21.83
C TRP C 167 -34.63 -16.52 -20.57
N LEU C 168 -35.26 -15.78 -19.67
CA LEU C 168 -35.82 -16.37 -18.46
C LEU C 168 -37.10 -17.13 -18.79
N GLU C 169 -37.96 -16.52 -19.59
CA GLU C 169 -39.21 -17.14 -20.00
C GLU C 169 -38.96 -18.30 -20.95
N THR C 170 -37.90 -18.20 -21.74
CA THR C 170 -37.49 -19.29 -22.62
C THR C 170 -37.06 -20.49 -21.76
N SER C 171 -36.37 -20.20 -20.67
CA SER C 171 -35.92 -21.23 -19.74
C SER C 171 -37.09 -21.81 -18.96
N GLN C 172 -37.95 -20.93 -18.45
CA GLN C 172 -39.09 -21.35 -17.63
C GLN C 172 -40.12 -22.15 -18.43
N SER C 173 -40.08 -22.04 -19.75
CA SER C 173 -40.99 -22.78 -20.60
C SER C 173 -40.57 -24.24 -20.72
N ASN C 174 -39.31 -24.52 -20.39
CA ASN C 174 -38.77 -25.87 -20.53
C ASN C 174 -38.33 -26.44 -19.18
N GLY C 175 -38.91 -25.94 -18.10
CA GLY C 175 -38.63 -26.45 -16.77
C GLY C 175 -37.28 -26.03 -16.21
N LEU C 176 -36.85 -24.83 -16.55
CA LEU C 176 -35.59 -24.28 -16.05
C LEU C 176 -35.82 -22.97 -15.33
N LEU C 177 -34.97 -22.68 -14.34
CA LEU C 177 -35.05 -21.44 -13.56
C LEU C 177 -36.45 -21.18 -13.05
N SER C 178 -37.05 -22.21 -12.44
CA SER C 178 -38.40 -22.12 -11.92
C SER C 178 -38.52 -21.07 -10.82
N LYS C 179 -37.54 -21.04 -9.92
CA LYS C 179 -37.56 -20.15 -8.77
C LYS C 179 -37.09 -18.74 -9.16
N ALA C 180 -37.89 -18.06 -9.97
CA ALA C 180 -37.58 -16.70 -10.40
C ALA C 180 -38.86 -15.95 -10.77
N THR C 181 -38.98 -14.72 -10.25
CA THR C 181 -40.16 -13.90 -10.50
C THR C 181 -39.76 -12.48 -10.90
N LEU C 182 -40.35 -11.99 -11.99
CA LEU C 182 -40.05 -10.67 -12.50
C LEU C 182 -41.04 -9.62 -12.01
N ASP C 183 -40.56 -8.38 -11.91
CA ASP C 183 -41.41 -7.25 -11.56
C ASP C 183 -41.07 -6.06 -12.44
N GLU C 184 -41.85 -5.86 -13.50
CA GLU C 184 -41.57 -4.85 -14.50
C GLU C 184 -41.61 -3.43 -13.93
N SER C 185 -42.52 -3.20 -12.99
CA SER C 185 -42.70 -1.88 -12.38
C SER C 185 -41.40 -1.38 -11.73
N THR C 186 -40.61 -2.31 -11.18
CA THR C 186 -39.34 -1.97 -10.58
C THR C 186 -38.18 -2.47 -11.43
N LYS C 187 -38.52 -3.20 -12.50
CA LYS C 187 -37.53 -3.81 -13.39
C LYS C 187 -36.53 -4.69 -12.63
N THR C 188 -37.03 -5.42 -11.65
CA THR C 188 -36.17 -6.29 -10.84
C THR C 188 -36.54 -7.75 -10.99
N VAL C 189 -35.58 -8.63 -10.72
CA VAL C 189 -35.81 -10.06 -10.76
C VAL C 189 -35.54 -10.69 -9.39
N HIS C 190 -36.50 -11.46 -8.89
CA HIS C 190 -36.35 -12.14 -7.62
C HIS C 190 -35.82 -13.54 -7.83
N LEU C 191 -34.51 -13.72 -7.67
CA LEU C 191 -33.88 -15.01 -7.92
C LEU C 191 -33.95 -15.92 -6.70
N GLY C 192 -34.17 -17.21 -6.95
CA GLY C 192 -34.16 -18.22 -5.90
C GLY C 192 -32.95 -19.12 -6.06
N TYR C 193 -32.00 -18.68 -6.88
CA TYR C 193 -30.78 -19.44 -7.12
C TYR C 193 -29.56 -18.62 -6.73
N SER C 194 -28.46 -19.31 -6.43
CA SER C 194 -27.21 -18.65 -6.11
C SER C 194 -26.38 -18.47 -7.38
N TYR C 195 -25.30 -17.71 -7.26
CA TYR C 195 -24.39 -17.48 -8.39
C TYR C 195 -23.77 -18.79 -8.84
N GLN C 196 -23.54 -19.69 -7.89
CA GLN C 196 -22.92 -20.98 -8.19
C GLN C 196 -23.91 -21.92 -8.88
N GLU C 197 -25.16 -21.88 -8.44
CA GLU C 197 -26.20 -22.74 -9.00
C GLU C 197 -26.50 -22.36 -10.45
N LEU C 198 -26.59 -21.06 -10.72
CA LEU C 198 -26.78 -20.58 -12.08
C LEU C 198 -25.57 -20.94 -12.94
N GLN C 199 -24.40 -20.94 -12.31
CA GLN C 199 -23.16 -21.26 -13.01
C GLN C 199 -23.11 -22.74 -13.38
N ASP C 200 -23.87 -23.56 -12.66
CA ASP C 200 -23.90 -25.00 -12.90
C ASP C 200 -24.93 -25.37 -13.96
N LEU C 201 -25.81 -24.43 -14.29
CA LEU C 201 -26.88 -24.67 -15.26
C LEU C 201 -26.60 -24.04 -16.61
N THR C 202 -25.37 -23.57 -16.82
CA THR C 202 -25.02 -22.88 -18.06
C THR C 202 -24.85 -23.85 -19.22
N GLY C 203 -24.99 -25.14 -18.95
CA GLY C 203 -24.96 -26.15 -19.99
C GLY C 203 -26.07 -25.90 -20.99
N ALA C 204 -27.21 -25.46 -20.47
CA ALA C 204 -28.32 -25.01 -21.31
C ALA C 204 -28.06 -23.59 -21.79
N GLU C 205 -28.09 -23.39 -23.10
CA GLU C 205 -27.81 -22.08 -23.69
C GLU C 205 -28.78 -21.01 -23.18
N SER C 206 -30.01 -21.42 -22.90
CA SER C 206 -31.04 -20.51 -22.39
C SER C 206 -30.61 -19.85 -21.09
N VAL C 207 -30.21 -20.67 -20.12
CA VAL C 207 -29.77 -20.18 -18.82
C VAL C 207 -28.47 -19.40 -18.95
N GLN C 208 -27.60 -19.87 -19.84
CA GLN C 208 -26.30 -19.25 -20.05
C GLN C 208 -26.42 -17.78 -20.44
N MET C 209 -27.40 -17.48 -21.31
CA MET C 209 -27.62 -16.11 -21.74
C MET C 209 -28.28 -15.28 -20.63
N ALA C 210 -29.25 -15.87 -19.95
CA ALA C 210 -29.91 -15.22 -18.83
C ALA C 210 -28.89 -14.90 -17.73
N PHE C 211 -27.92 -15.78 -17.57
CA PHE C 211 -26.83 -15.58 -16.62
C PHE C 211 -25.96 -14.40 -17.04
N TYR C 212 -25.71 -14.31 -18.35
CA TYR C 212 -24.88 -13.25 -18.91
C TYR C 212 -25.47 -11.87 -18.63
N PHE C 213 -26.75 -11.69 -18.95
CA PHE C 213 -27.41 -10.41 -18.77
C PHE C 213 -27.60 -10.08 -17.29
N LEU C 214 -27.56 -11.11 -16.45
CA LEU C 214 -27.62 -10.91 -15.00
C LEU C 214 -26.31 -10.31 -14.51
N LYS C 215 -25.21 -10.84 -15.01
CA LYS C 215 -23.88 -10.36 -14.63
C LYS C 215 -23.61 -8.99 -15.23
N GLU C 216 -24.13 -8.74 -16.42
CA GLU C 216 -23.99 -7.43 -17.06
C GLU C 216 -24.69 -6.35 -16.26
N ALA C 217 -25.86 -6.69 -15.73
CA ALA C 217 -26.61 -5.75 -14.89
C ALA C 217 -25.86 -5.49 -13.58
N ALA C 218 -25.14 -6.50 -13.13
CA ALA C 218 -24.35 -6.39 -11.90
C ALA C 218 -23.15 -5.47 -12.09
N LYS C 219 -22.44 -5.65 -13.20
CA LYS C 219 -21.29 -4.82 -13.52
C LYS C 219 -21.69 -3.36 -13.69
N LYS C 220 -22.90 -3.14 -14.19
CA LYS C 220 -23.41 -1.80 -14.43
C LYS C 220 -23.82 -1.12 -13.13
N ALA C 221 -24.12 -1.93 -12.12
CA ALA C 221 -24.55 -1.41 -10.82
C ALA C 221 -23.41 -0.70 -10.10
N ASP C 222 -22.21 -1.27 -10.16
CA ASP C 222 -21.05 -0.68 -9.49
C ASP C 222 -19.74 -1.14 -10.15
N PRO C 223 -19.30 -0.40 -11.17
CA PRO C 223 -18.10 -0.75 -11.94
C PRO C 223 -16.81 -0.14 -11.38
N ILE C 224 -16.92 0.91 -10.57
CA ILE C 224 -15.77 1.49 -9.91
C ILE C 224 -15.31 0.59 -8.77
N SER C 225 -16.17 -0.34 -8.41
CA SER C 225 -15.91 -1.29 -7.33
C SER C 225 -14.68 -2.16 -7.59
N GLY C 226 -14.60 -2.72 -8.80
CA GLY C 226 -13.51 -3.61 -9.14
C GLY C 226 -13.80 -5.05 -8.78
N ASP C 227 -14.89 -5.27 -8.05
CA ASP C 227 -15.29 -6.61 -7.64
C ASP C 227 -15.78 -7.42 -8.83
N SER C 228 -15.82 -8.74 -8.65
CA SER C 228 -16.36 -9.64 -9.67
C SER C 228 -17.88 -9.51 -9.72
N ALA C 229 -18.49 -10.12 -10.72
CA ALA C 229 -19.94 -10.10 -10.88
C ALA C 229 -20.61 -10.77 -9.68
N GLU C 230 -19.99 -11.81 -9.16
CA GLU C 230 -20.51 -12.54 -8.02
C GLU C 230 -20.56 -11.69 -6.75
N MET C 231 -19.51 -10.90 -6.54
CA MET C 231 -19.39 -10.08 -5.34
C MET C 231 -20.36 -8.91 -5.32
N ILE C 232 -20.60 -8.32 -6.49
CA ILE C 232 -21.51 -7.18 -6.61
C ILE C 232 -22.95 -7.60 -6.30
N LEU C 233 -23.33 -8.78 -6.80
CA LEU C 233 -24.66 -9.32 -6.54
C LEU C 233 -24.88 -9.54 -5.05
N LEU C 234 -23.83 -9.96 -4.36
CA LEU C 234 -23.90 -10.27 -2.94
C LEU C 234 -23.90 -9.00 -2.08
N LYS C 235 -23.19 -7.98 -2.54
CA LYS C 235 -23.05 -6.75 -1.77
C LYS C 235 -24.22 -5.79 -1.92
N LYS C 236 -24.95 -5.90 -3.04
CA LYS C 236 -25.98 -4.92 -3.36
C LYS C 236 -27.39 -5.51 -3.49
N PHE C 237 -27.49 -6.74 -3.99
CA PHE C 237 -28.80 -7.29 -4.32
C PHE C 237 -29.20 -8.50 -3.48
N ALA C 238 -28.27 -9.02 -2.68
CA ALA C 238 -28.52 -10.21 -1.88
C ALA C 238 -29.59 -9.99 -0.82
N ASP C 239 -30.46 -10.98 -0.64
CA ASP C 239 -31.50 -10.91 0.37
C ASP C 239 -30.88 -10.99 1.77
N GLN C 240 -31.51 -10.34 2.74
CA GLN C 240 -30.98 -10.27 4.10
C GLN C 240 -30.98 -11.64 4.78
N SER C 241 -31.98 -12.46 4.49
CA SER C 241 -32.07 -13.80 5.05
C SER C 241 -30.96 -14.69 4.48
N TYR C 242 -30.66 -14.50 3.20
CA TYR C 242 -29.64 -15.29 2.53
C TYR C 242 -28.24 -14.87 2.97
N LEU C 243 -28.07 -13.59 3.31
CA LEU C 243 -26.80 -13.08 3.79
C LEU C 243 -26.45 -13.70 5.14
N SER C 244 -27.43 -13.75 6.03
CA SER C 244 -27.25 -14.32 7.36
C SER C 244 -26.93 -15.82 7.25
N GLN C 245 -27.58 -16.49 6.30
CA GLN C 245 -27.36 -17.90 6.07
C GLN C 245 -25.91 -18.19 5.68
N LEU C 246 -25.38 -17.35 4.79
CA LEU C 246 -24.00 -17.51 4.33
C LEU C 246 -23.01 -17.29 5.45
N ASP C 247 -23.22 -16.24 6.23
CA ASP C 247 -22.36 -15.95 7.37
C ASP C 247 -22.42 -17.05 8.41
N SER C 248 -23.63 -17.51 8.72
CA SER C 248 -23.83 -18.56 9.70
C SER C 248 -23.20 -19.87 9.26
N ASP C 249 -23.34 -20.20 7.98
CA ASP C 249 -22.80 -21.44 7.45
C ASP C 249 -21.28 -21.39 7.32
N ARG C 250 -20.74 -20.21 7.08
CA ARG C 250 -19.31 -20.05 6.92
C ARG C 250 -18.61 -20.17 8.27
N MET C 251 -19.28 -19.72 9.33
CA MET C 251 -18.77 -19.86 10.68
C MET C 251 -18.70 -21.33 11.08
N ASP C 252 -19.72 -22.09 10.69
CA ASP C 252 -19.78 -23.52 10.97
C ASP C 252 -18.65 -24.27 10.28
N GLN C 253 -18.34 -23.86 9.05
CA GLN C 253 -17.29 -24.49 8.27
C GLN C 253 -15.91 -24.20 8.84
N ILE C 254 -15.74 -23.00 9.40
CA ILE C 254 -14.49 -22.64 10.05
C ILE C 254 -14.24 -23.55 11.26
N GLU C 255 -15.28 -23.74 12.05
CA GLU C 255 -15.19 -24.63 13.21
C GLU C 255 -14.92 -26.06 12.77
N GLY C 256 -15.49 -26.44 11.63
CA GLY C 256 -15.25 -27.76 11.07
C GLY C 256 -13.80 -27.94 10.65
N ILE C 257 -13.22 -26.88 10.10
CA ILE C 257 -11.81 -26.89 9.72
C ILE C 257 -10.92 -26.96 10.95
N TYR C 258 -11.30 -26.23 11.98
CA TYR C 258 -10.57 -26.22 13.25
C TYR C 258 -10.52 -27.61 13.88
N ARG C 259 -11.70 -28.21 14.06
CA ARG C 259 -11.79 -29.52 14.71
C ARG C 259 -11.13 -30.61 13.89
N SER C 260 -11.20 -30.49 12.57
CA SER C 260 -10.62 -31.49 11.68
C SER C 260 -9.10 -31.54 11.82
N SER C 261 -8.49 -30.40 12.12
CA SER C 261 -7.04 -30.32 12.24
C SER C 261 -6.52 -31.03 13.50
N HIS C 262 -7.41 -31.25 14.46
CA HIS C 262 -7.03 -31.89 15.70
C HIS C 262 -7.52 -33.33 15.79
N GLU C 263 -8.72 -33.57 15.27
CA GLU C 263 -9.38 -34.87 15.43
C GLU C 263 -8.99 -35.87 14.36
N THR C 264 -8.57 -35.39 13.19
CA THR C 264 -8.15 -36.28 12.11
C THR C 264 -6.77 -36.86 12.43
N ASP C 265 -6.67 -38.18 12.34
CA ASP C 265 -5.42 -38.86 12.66
C ASP C 265 -4.52 -38.97 11.43
N ILE C 266 -3.84 -37.88 11.11
CA ILE C 266 -2.91 -37.85 9.98
C ILE C 266 -1.69 -38.73 10.29
N ASP C 267 -1.40 -38.90 11.57
CA ASP C 267 -0.35 -39.80 12.02
C ASP C 267 -0.58 -41.22 11.50
N ALA C 268 -1.80 -41.71 11.67
CA ALA C 268 -2.15 -43.05 11.24
C ALA C 268 -2.18 -43.17 9.73
N TRP C 269 -2.58 -42.09 9.05
CA TRP C 269 -2.64 -42.09 7.60
C TRP C 269 -1.24 -42.23 7.01
N ASP C 270 -0.30 -41.45 7.54
CA ASP C 270 1.08 -41.49 7.07
C ASP C 270 1.72 -42.84 7.36
N ARG C 271 1.28 -43.49 8.43
CA ARG C 271 1.80 -44.81 8.80
C ARG C 271 1.36 -45.86 7.80
N ARG C 272 0.17 -45.67 7.22
CA ARG C 272 -0.40 -46.65 6.30
C ARG C 272 -0.11 -46.36 4.83
N TYR C 273 -0.12 -45.08 4.46
CA TYR C 273 -0.04 -44.72 3.05
C TYR C 273 1.15 -43.83 2.69
N SER C 274 2.19 -43.85 3.52
CA SER C 274 3.42 -43.14 3.22
C SER C 274 4.63 -43.87 3.79
N GLY C 275 5.78 -43.67 3.18
CA GLY C 275 7.00 -44.33 3.62
C GLY C 275 6.96 -45.83 3.39
N THR C 276 7.01 -46.59 4.47
CA THR C 276 6.99 -48.04 4.40
C THR C 276 5.62 -48.55 3.96
N GLY C 277 4.57 -47.97 4.54
CA GLY C 277 3.21 -48.34 4.19
C GLY C 277 2.89 -48.10 2.72
N TYR C 278 3.51 -47.07 2.16
CA TYR C 278 3.36 -46.76 0.74
C TYR C 278 4.00 -47.85 -0.10
N ASP C 279 5.14 -48.35 0.35
CA ASP C 279 5.87 -49.40 -0.36
C ASP C 279 5.12 -50.73 -0.31
N GLU C 280 4.53 -51.02 0.84
CA GLU C 280 3.77 -52.25 1.04
C GLU C 280 2.54 -52.29 0.14
N LEU C 281 1.98 -51.11 -0.14
CA LEU C 281 0.78 -51.01 -0.95
C LEU C 281 1.11 -51.01 -2.44
N THR C 282 2.21 -50.35 -2.81
CA THR C 282 2.62 -50.24 -4.20
C THR C 282 3.05 -51.59 -4.77
N ASN C 283 3.91 -52.30 -4.05
CA ASN C 283 4.39 -53.60 -4.51
C ASN C 283 3.27 -54.64 -4.51
N LYS C 284 2.31 -54.48 -3.61
CA LYS C 284 1.16 -55.36 -3.57
C LYS C 284 0.24 -55.08 -4.76
N LEU C 285 0.20 -53.83 -5.18
CA LEU C 285 -0.61 -53.41 -6.32
C LEU C 285 0.11 -53.74 -7.63
N ALA C 286 1.43 -53.69 -7.60
CA ALA C 286 2.24 -54.01 -8.77
C ALA C 286 2.29 -55.51 -9.00
N SER C 287 2.12 -56.29 -7.93
CA SER C 287 2.12 -57.74 -8.03
C SER C 287 0.72 -58.26 -8.31
N ALA C 288 0.01 -57.55 -9.18
CA ALA C 288 -1.33 -57.95 -9.59
C ALA C 288 -1.55 -57.63 -11.06
N THR C 289 -2.09 -58.61 -11.80
CA THR C 289 -2.33 -58.43 -13.23
C THR C 289 -3.82 -58.36 -13.52
N GLY C 290 -4.26 -57.24 -14.09
CA GLY C 290 -5.66 -57.06 -14.46
C GLY C 290 -6.37 -56.04 -13.61
N VAL C 291 -7.59 -55.71 -14.00
CA VAL C 291 -8.40 -54.72 -13.28
C VAL C 291 -8.89 -55.26 -11.94
N ASP C 292 -9.49 -56.45 -11.98
CA ASP C 292 -10.11 -57.03 -10.79
C ASP C 292 -9.12 -57.30 -9.66
N GLU C 293 -7.91 -57.73 -10.01
CA GLU C 293 -6.89 -58.01 -9.00
C GLU C 293 -6.43 -56.73 -8.31
N GLN C 294 -6.26 -55.66 -9.09
CA GLN C 294 -5.84 -54.38 -8.53
C GLN C 294 -6.92 -53.80 -7.64
N LEU C 295 -8.18 -53.94 -8.05
CA LEU C 295 -9.30 -53.47 -7.25
C LEU C 295 -9.41 -54.26 -5.95
N ALA C 296 -9.03 -55.53 -6.00
CA ALA C 296 -9.06 -56.39 -4.82
C ALA C 296 -8.03 -55.92 -3.80
N VAL C 297 -6.92 -55.41 -4.30
CA VAL C 297 -5.85 -54.89 -3.44
C VAL C 297 -6.27 -53.60 -2.76
N LEU C 298 -6.96 -52.73 -3.51
CA LEU C 298 -7.28 -51.40 -3.05
C LEU C 298 -8.53 -51.34 -2.17
N LEU C 299 -9.39 -52.34 -2.27
CA LEU C 299 -10.70 -52.28 -1.61
C LEU C 299 -10.81 -53.16 -0.36
N ASP C 300 -9.74 -53.86 -0.01
CA ASP C 300 -9.75 -54.71 1.18
C ASP C 300 -8.52 -54.44 2.06
N ASP C 301 -8.76 -53.97 3.28
CA ASP C 301 -10.09 -53.69 3.78
C ASP C 301 -10.35 -52.19 3.88
N ARG C 302 -10.73 -51.59 2.76
CA ARG C 302 -10.98 -50.16 2.71
C ARG C 302 -12.41 -49.87 2.26
N LYS C 303 -12.96 -48.75 2.72
CA LYS C 303 -14.36 -48.43 2.52
C LYS C 303 -14.68 -48.05 1.07
N GLY C 304 -13.65 -47.74 0.28
CA GLY C 304 -13.86 -47.36 -1.09
C GLY C 304 -12.63 -46.88 -1.85
N LEU C 305 -12.85 -46.27 -3.01
CA LEU C 305 -11.76 -45.78 -3.85
C LEU C 305 -11.78 -44.26 -3.97
N LEU C 306 -10.61 -43.68 -4.13
CA LEU C 306 -10.49 -42.25 -4.39
C LEU C 306 -9.60 -42.01 -5.61
N ILE C 307 -10.24 -41.72 -6.74
CA ILE C 307 -9.51 -41.49 -7.98
C ILE C 307 -9.43 -40.00 -8.28
N GLY C 308 -8.23 -39.52 -8.63
CA GLY C 308 -8.01 -38.11 -8.88
C GLY C 308 -8.14 -37.73 -10.35
N GLU C 309 -8.49 -36.48 -10.60
CA GLU C 309 -8.64 -35.97 -11.95
C GLU C 309 -7.98 -34.61 -12.12
N VAL C 310 -6.87 -34.57 -12.86
CA VAL C 310 -6.11 -33.34 -13.02
C VAL C 310 -6.77 -32.42 -14.05
N HIS C 311 -6.73 -31.11 -13.76
CA HIS C 311 -7.27 -30.09 -14.66
C HIS C 311 -6.64 -30.16 -16.05
N GLY C 312 -7.43 -30.60 -17.03
CA GLY C 312 -6.96 -30.69 -18.40
C GLY C 312 -7.70 -31.71 -19.24
N SER C 313 -6.95 -32.43 -20.07
CA SER C 313 -7.53 -33.39 -21.00
C SER C 313 -7.81 -34.74 -20.33
N ASP C 314 -7.28 -34.92 -19.13
CA ASP C 314 -7.40 -36.19 -18.42
C ASP C 314 -8.81 -36.46 -17.93
N VAL C 315 -9.37 -37.58 -18.39
CA VAL C 315 -10.68 -38.03 -17.94
C VAL C 315 -10.69 -39.53 -17.69
N ASN C 316 -9.51 -40.06 -17.36
CA ASN C 316 -9.35 -41.49 -17.13
C ASN C 316 -10.19 -42.00 -15.96
N GLY C 317 -10.42 -41.13 -14.99
CA GLY C 317 -11.27 -41.47 -13.86
C GLY C 317 -12.68 -41.75 -14.31
N LEU C 318 -13.24 -40.82 -15.08
CA LEU C 318 -14.61 -40.96 -15.58
C LEU C 318 -14.74 -42.13 -16.55
N ARG C 319 -13.67 -42.42 -17.28
CA ARG C 319 -13.69 -43.49 -18.27
C ARG C 319 -13.72 -44.86 -17.61
N PHE C 320 -12.81 -45.07 -16.66
CA PHE C 320 -12.68 -46.35 -15.97
C PHE C 320 -13.95 -46.71 -15.20
N VAL C 321 -14.53 -45.73 -14.54
CA VAL C 321 -15.76 -45.94 -13.78
C VAL C 321 -16.90 -46.36 -14.70
N ASN C 322 -16.95 -45.76 -15.89
CA ASN C 322 -17.98 -46.07 -16.87
C ASN C 322 -17.74 -47.43 -17.53
N GLU C 323 -16.52 -47.63 -18.03
CA GLU C 323 -16.20 -48.85 -18.78
C GLU C 323 -16.08 -50.08 -17.89
N GLN C 324 -15.13 -50.04 -16.95
CA GLN C 324 -14.89 -51.18 -16.07
C GLN C 324 -15.83 -51.15 -14.86
N MET C 325 -17.08 -50.82 -15.10
CA MET C 325 -18.07 -50.68 -14.04
C MET C 325 -18.50 -52.04 -13.49
N ASP C 326 -18.58 -53.03 -14.36
CA ASP C 326 -18.96 -54.38 -13.97
C ASP C 326 -17.99 -54.94 -12.94
N ALA C 327 -16.71 -54.65 -13.12
CA ALA C 327 -15.68 -55.11 -12.20
C ALA C 327 -15.86 -54.49 -10.82
N LEU C 328 -16.29 -53.23 -10.78
CA LEU C 328 -16.52 -52.52 -9.53
C LEU C 328 -17.66 -53.13 -8.74
N LYS C 329 -18.72 -53.53 -9.43
CA LYS C 329 -19.88 -54.10 -8.77
C LYS C 329 -19.56 -55.45 -8.12
N LYS C 330 -18.60 -56.16 -8.71
CA LYS C 330 -18.17 -57.46 -8.17
C LYS C 330 -17.40 -57.27 -6.87
N GLN C 331 -16.80 -56.10 -6.69
CA GLN C 331 -15.96 -55.84 -5.53
C GLN C 331 -16.72 -55.17 -4.40
N GLY C 332 -18.04 -55.06 -4.55
CA GLY C 332 -18.88 -54.53 -3.50
C GLY C 332 -19.24 -53.07 -3.64
N VAL C 333 -18.71 -52.42 -4.67
CA VAL C 333 -18.99 -51.01 -4.92
C VAL C 333 -20.43 -50.81 -5.41
N THR C 334 -21.21 -50.05 -4.65
CA THR C 334 -22.61 -49.80 -5.01
C THR C 334 -22.89 -48.32 -5.16
N VAL C 335 -21.91 -47.48 -4.85
CA VAL C 335 -22.09 -46.03 -4.92
C VAL C 335 -20.94 -45.37 -5.68
N ILE C 336 -21.29 -44.46 -6.59
CA ILE C 336 -20.30 -43.71 -7.34
C ILE C 336 -20.42 -42.22 -7.06
N GLY C 337 -19.33 -41.61 -6.61
CA GLY C 337 -19.33 -40.21 -6.26
C GLY C 337 -18.67 -39.32 -7.30
N LEU C 338 -19.26 -38.15 -7.51
CA LEU C 338 -18.72 -37.18 -8.46
C LEU C 338 -18.63 -35.80 -7.83
N GLU C 339 -17.44 -35.20 -7.89
CA GLU C 339 -17.25 -33.84 -7.40
C GLU C 339 -17.61 -32.84 -8.48
N HIS C 340 -17.99 -33.36 -9.65
CA HIS C 340 -18.36 -32.53 -10.78
C HIS C 340 -19.72 -31.87 -10.55
N LEU C 341 -20.55 -32.52 -9.73
CA LEU C 341 -21.90 -32.04 -9.49
C LEU C 341 -22.05 -31.51 -8.07
N ARG C 342 -22.86 -30.46 -7.91
CA ARG C 342 -23.08 -29.84 -6.61
C ARG C 342 -24.17 -30.58 -5.84
N SER C 343 -23.84 -31.05 -4.64
CA SER C 343 -24.69 -31.97 -3.88
C SER C 343 -26.06 -31.41 -3.48
N ASP C 344 -26.17 -30.10 -3.31
CA ASP C 344 -27.38 -29.51 -2.77
C ASP C 344 -28.58 -29.57 -3.72
N LEU C 345 -28.33 -29.48 -5.02
CA LEU C 345 -29.44 -29.47 -5.99
C LEU C 345 -29.39 -30.65 -6.96
N ALA C 346 -28.20 -31.13 -7.26
CA ALA C 346 -28.05 -32.21 -8.23
C ALA C 346 -28.56 -33.53 -7.67
N GLN C 347 -28.37 -33.74 -6.37
CA GLN C 347 -28.71 -35.02 -5.75
C GLN C 347 -30.19 -35.39 -5.84
N PRO C 348 -31.11 -34.44 -5.55
CA PRO C 348 -32.51 -34.81 -5.76
C PRO C 348 -32.84 -35.11 -7.23
N LEU C 349 -32.15 -34.42 -8.14
CA LEU C 349 -32.37 -34.64 -9.58
C LEU C 349 -31.82 -35.99 -10.02
N ILE C 350 -30.71 -36.41 -9.42
CA ILE C 350 -30.11 -37.71 -9.73
C ILE C 350 -30.98 -38.83 -9.20
N ASP C 351 -31.51 -38.65 -8.00
CA ASP C 351 -32.38 -39.64 -7.38
C ASP C 351 -33.68 -39.83 -8.16
N ARG C 352 -34.18 -38.74 -8.74
CA ARG C 352 -35.38 -38.81 -9.56
C ARG C 352 -35.13 -39.53 -10.87
N TYR C 353 -33.91 -39.41 -11.40
CA TYR C 353 -33.55 -40.09 -12.63
C TYR C 353 -33.48 -41.61 -12.44
N LEU C 354 -32.97 -42.02 -11.30
CA LEU C 354 -32.85 -43.45 -10.99
C LEU C 354 -34.22 -44.08 -10.77
N ALA C 355 -35.20 -43.24 -10.43
CA ALA C 355 -36.55 -43.71 -10.15
C ALA C 355 -37.44 -43.71 -11.40
N THR C 356 -37.25 -42.72 -12.27
CA THR C 356 -38.10 -42.57 -13.44
C THR C 356 -37.47 -43.13 -14.71
N GLY C 357 -36.17 -42.94 -14.87
CA GLY C 357 -35.47 -43.44 -16.04
C GLY C 357 -35.14 -42.36 -17.06
N VAL C 358 -35.58 -41.14 -16.78
CA VAL C 358 -35.31 -40.01 -17.66
C VAL C 358 -34.85 -38.79 -16.86
N MET C 359 -34.00 -37.97 -17.48
CA MET C 359 -33.47 -36.78 -16.82
C MET C 359 -34.33 -35.55 -17.07
N SER C 360 -34.38 -34.66 -16.10
CA SER C 360 -35.05 -33.38 -16.26
C SER C 360 -34.14 -32.42 -17.00
N SER C 361 -34.70 -31.28 -17.41
CA SER C 361 -33.92 -30.27 -18.12
C SER C 361 -32.78 -29.75 -17.25
N GLU C 362 -33.06 -29.60 -15.96
CA GLU C 362 -32.06 -29.10 -15.02
C GLU C 362 -30.92 -30.08 -14.84
N LEU C 363 -31.25 -31.37 -14.76
CA LEU C 363 -30.23 -32.40 -14.61
C LEU C 363 -29.39 -32.54 -15.88
N SER C 364 -30.04 -32.42 -17.03
CA SER C 364 -29.34 -32.51 -18.31
C SER C 364 -28.43 -31.31 -18.49
N ALA C 365 -28.84 -30.16 -17.95
CA ALA C 365 -28.05 -28.95 -18.03
C ALA C 365 -26.80 -29.05 -17.17
N MET C 366 -26.95 -29.62 -15.98
CA MET C 366 -25.83 -29.79 -15.06
C MET C 366 -24.79 -30.74 -15.61
N LEU C 367 -25.23 -31.82 -16.24
CA LEU C 367 -24.33 -32.78 -16.85
C LEU C 367 -23.62 -32.19 -18.05
N LYS C 368 -24.32 -31.31 -18.78
CA LYS C 368 -23.78 -30.71 -19.99
C LYS C 368 -22.78 -29.61 -19.65
N THR C 369 -22.96 -29.01 -18.47
CA THR C 369 -22.03 -27.99 -17.99
C THR C 369 -20.66 -28.58 -17.70
N LYS C 370 -20.65 -29.75 -17.07
CA LYS C 370 -19.41 -30.41 -16.67
C LYS C 370 -18.96 -31.43 -17.70
N HIS C 371 -19.63 -31.44 -18.85
CA HIS C 371 -19.30 -32.33 -19.97
C HIS C 371 -19.29 -33.80 -19.55
N LEU C 372 -20.21 -34.18 -18.68
CA LEU C 372 -20.29 -35.56 -18.20
C LEU C 372 -21.00 -36.46 -19.20
N ASP C 373 -20.43 -37.65 -19.42
CA ASP C 373 -21.04 -38.62 -20.32
C ASP C 373 -22.36 -39.13 -19.72
N VAL C 374 -23.41 -39.07 -20.53
CA VAL C 374 -24.75 -39.46 -20.06
C VAL C 374 -24.83 -40.98 -19.88
N THR C 375 -23.94 -41.71 -20.56
CA THR C 375 -23.94 -43.16 -20.48
C THR C 375 -23.50 -43.65 -19.11
N LEU C 376 -22.77 -42.80 -18.38
CA LEU C 376 -22.32 -43.12 -17.03
C LEU C 376 -23.51 -43.31 -16.12
N PHE C 377 -24.53 -42.47 -16.28
CA PHE C 377 -25.73 -42.55 -15.48
C PHE C 377 -26.63 -43.70 -15.94
N GLU C 378 -26.64 -43.94 -17.25
CA GLU C 378 -27.44 -45.02 -17.82
C GLU C 378 -26.95 -46.38 -17.37
N ASN C 379 -25.63 -46.56 -17.36
CA ASN C 379 -25.04 -47.80 -16.86
C ASN C 379 -25.17 -47.91 -15.35
N ALA C 380 -25.35 -46.77 -14.70
CA ALA C 380 -25.51 -46.73 -13.25
C ALA C 380 -26.88 -47.25 -12.84
N ARG C 381 -27.91 -46.80 -13.55
CA ARG C 381 -29.27 -47.22 -13.26
C ARG C 381 -29.47 -48.69 -13.64
N ALA C 382 -28.68 -49.17 -14.59
CA ALA C 382 -28.79 -50.53 -15.08
C ALA C 382 -28.15 -51.54 -14.13
N ASN C 383 -27.16 -51.10 -13.38
CA ASN C 383 -26.43 -51.99 -12.48
C ASN C 383 -26.78 -51.78 -11.01
N GLY C 384 -27.90 -51.09 -10.76
CA GLY C 384 -28.35 -50.83 -9.41
C GLY C 384 -27.40 -49.94 -8.63
N MET C 385 -26.62 -49.15 -9.37
CA MET C 385 -25.65 -48.25 -8.78
C MET C 385 -26.25 -46.89 -8.51
N ARG C 386 -25.82 -46.24 -7.43
CA ARG C 386 -26.27 -44.89 -7.14
C ARG C 386 -25.14 -43.89 -7.37
N ILE C 387 -25.44 -42.81 -8.09
CA ILE C 387 -24.48 -41.75 -8.31
C ILE C 387 -24.72 -40.62 -7.33
N VAL C 388 -23.66 -40.15 -6.67
CA VAL C 388 -23.78 -39.12 -5.66
C VAL C 388 -22.90 -37.91 -5.97
N ALA C 389 -23.49 -36.72 -5.92
CA ALA C 389 -22.73 -35.48 -6.10
C ALA C 389 -21.94 -35.17 -4.83
N LEU C 390 -20.68 -34.75 -4.99
CA LEU C 390 -19.79 -34.58 -3.84
C LEU C 390 -19.19 -33.18 -3.72
N ASP C 391 -19.72 -32.22 -4.47
CA ASP C 391 -19.20 -30.86 -4.41
C ASP C 391 -20.07 -29.95 -3.55
N ALA C 392 -19.44 -28.98 -2.90
CA ALA C 392 -20.15 -28.04 -2.04
C ALA C 392 -20.33 -26.69 -2.73
N ASN C 393 -21.17 -25.84 -2.14
CA ASN C 393 -21.42 -24.51 -2.69
C ASN C 393 -20.24 -23.58 -2.42
N SER C 394 -19.17 -23.76 -3.18
CA SER C 394 -17.94 -23.00 -2.98
C SER C 394 -17.47 -22.35 -4.27
N SER C 395 -16.50 -21.44 -4.15
CA SER C 395 -15.95 -20.72 -5.30
C SER C 395 -14.53 -21.18 -5.60
N ALA C 396 -14.30 -21.62 -6.83
CA ALA C 396 -12.98 -22.07 -7.25
C ALA C 396 -12.44 -21.21 -8.39
N GLY C 402 -8.10 -15.07 -6.24
CA GLY C 402 -8.51 -16.17 -5.40
C GLY C 402 -7.88 -16.12 -4.02
N THR C 403 -8.71 -16.05 -2.99
CA THR C 403 -8.24 -16.00 -1.62
C THR C 403 -7.71 -17.37 -1.18
N GLU C 404 -6.76 -17.37 -0.26
CA GLU C 404 -6.31 -18.61 0.35
C GLU C 404 -7.42 -19.14 1.25
N HIS C 405 -8.20 -18.22 1.82
CA HIS C 405 -9.33 -18.58 2.66
C HIS C 405 -10.43 -19.23 1.83
N GLY C 406 -10.54 -18.82 0.56
CA GLY C 406 -11.50 -19.40 -0.34
C GLY C 406 -11.19 -20.85 -0.62
N LEU C 407 -9.91 -21.15 -0.78
CA LEU C 407 -9.45 -22.52 -0.98
C LEU C 407 -9.68 -23.35 0.27
N MET C 408 -9.45 -22.73 1.44
CA MET C 408 -9.64 -23.40 2.71
C MET C 408 -11.10 -23.73 2.95
N TYR C 409 -11.98 -22.78 2.66
CA TYR C 409 -13.41 -22.99 2.80
C TYR C 409 -13.90 -24.06 1.85
N ARG C 410 -13.38 -24.04 0.62
CA ARG C 410 -13.78 -25.01 -0.39
C ARG C 410 -13.32 -26.42 -0.03
N ALA C 411 -12.09 -26.54 0.45
CA ALA C 411 -11.54 -27.83 0.85
C ALA C 411 -12.23 -28.36 2.09
N GLY C 412 -12.54 -27.46 3.02
CA GLY C 412 -13.21 -27.83 4.25
C GLY C 412 -14.63 -28.30 4.01
N ALA C 413 -15.36 -27.58 3.17
CA ALA C 413 -16.75 -27.91 2.86
C ALA C 413 -16.85 -29.21 2.06
N ALA C 414 -15.83 -29.47 1.25
CA ALA C 414 -15.77 -30.72 0.49
C ALA C 414 -15.56 -31.90 1.42
N ASN C 415 -14.80 -31.70 2.48
CA ASN C 415 -14.56 -32.73 3.48
C ASN C 415 -15.83 -33.08 4.26
N ASN C 416 -16.59 -32.05 4.60
CA ASN C 416 -17.83 -32.23 5.37
C ASN C 416 -18.84 -33.09 4.62
N ILE C 417 -18.95 -32.88 3.32
CA ILE C 417 -19.88 -33.65 2.49
C ILE C 417 -19.40 -35.08 2.30
N ALA C 418 -18.10 -35.23 2.03
CA ALA C 418 -17.50 -36.54 1.80
C ALA C 418 -17.67 -37.47 2.99
N VAL C 419 -17.69 -36.90 4.19
CA VAL C 419 -17.82 -37.68 5.42
C VAL C 419 -19.28 -38.09 5.65
N GLU C 420 -20.19 -37.14 5.50
CA GLU C 420 -21.62 -37.41 5.73
C GLU C 420 -22.20 -38.34 4.68
N VAL C 421 -21.52 -38.48 3.56
CA VAL C 421 -22.04 -39.26 2.45
C VAL C 421 -21.33 -40.60 2.26
N LEU C 422 -20.00 -40.58 2.30
CA LEU C 422 -19.22 -41.76 1.91
C LEU C 422 -18.60 -42.55 3.07
N GLN C 423 -18.48 -41.93 4.23
CA GLN C 423 -17.77 -42.57 5.34
C GLN C 423 -18.57 -43.71 5.96
N ASN C 424 -19.90 -43.57 5.98
CA ASN C 424 -20.74 -44.58 6.61
C ASN C 424 -21.79 -45.17 5.67
N LEU C 425 -21.32 -45.87 4.65
CA LEU C 425 -22.21 -46.66 3.80
C LEU C 425 -22.59 -47.93 4.54
N PRO C 426 -23.87 -48.32 4.46
CA PRO C 426 -24.36 -49.48 5.23
C PRO C 426 -24.46 -50.79 4.43
N ASP C 427 -23.53 -51.73 4.57
CA ASP C 427 -22.27 -51.54 5.30
C ASP C 427 -21.24 -52.41 4.59
N GLY C 428 -21.72 -53.38 3.81
CA GLY C 428 -20.87 -54.20 2.99
C GLY C 428 -20.54 -53.51 1.68
N GLU C 429 -21.08 -52.30 1.52
CA GLU C 429 -20.97 -51.55 0.28
C GLU C 429 -19.73 -50.67 0.24
N LYS C 430 -18.96 -50.80 -0.84
CA LYS C 430 -17.82 -49.91 -1.08
C LYS C 430 -18.25 -48.80 -2.02
N PHE C 431 -17.32 -47.93 -2.40
CA PHE C 431 -17.63 -46.87 -3.34
C PHE C 431 -16.41 -46.45 -4.16
N VAL C 432 -16.66 -45.69 -5.22
CA VAL C 432 -15.58 -45.09 -5.99
C VAL C 432 -15.91 -43.62 -6.21
N ALA C 433 -15.02 -42.76 -5.75
CA ALA C 433 -15.23 -41.31 -5.86
C ALA C 433 -14.21 -40.68 -6.80
N ILE C 434 -14.64 -39.66 -7.51
CA ILE C 434 -13.74 -38.96 -8.43
C ILE C 434 -13.59 -37.49 -8.04
N TYR C 435 -12.46 -37.16 -7.44
CA TYR C 435 -12.13 -35.79 -7.10
C TYR C 435 -11.05 -35.26 -8.02
N GLY C 436 -10.73 -33.97 -7.89
CA GLY C 436 -9.57 -33.41 -8.56
C GLY C 436 -8.32 -33.88 -7.84
N LYS C 437 -7.15 -33.57 -8.39
CA LYS C 437 -5.91 -33.96 -7.73
C LYS C 437 -5.77 -33.19 -6.43
N ALA C 438 -6.24 -31.94 -6.43
CA ALA C 438 -6.38 -31.17 -5.20
C ALA C 438 -7.52 -31.73 -4.37
N HIS C 439 -7.69 -31.20 -3.16
CA HIS C 439 -8.71 -31.68 -2.21
C HIS C 439 -8.44 -33.11 -1.73
N LEU C 440 -7.86 -33.94 -2.60
CA LEU C 440 -7.40 -35.26 -2.19
C LEU C 440 -6.16 -35.11 -1.33
N GLN C 441 -5.36 -34.09 -1.63
CA GLN C 441 -4.18 -33.77 -0.83
C GLN C 441 -4.52 -32.69 0.18
N SER C 442 -3.82 -32.69 1.31
CA SER C 442 -4.05 -31.70 2.35
C SER C 442 -3.64 -30.31 1.89
N HIS C 443 -4.29 -29.29 2.45
CA HIS C 443 -3.94 -27.90 2.16
C HIS C 443 -2.99 -27.36 3.23
N LYS C 444 -1.73 -27.19 2.85
CA LYS C 444 -0.72 -26.67 3.77
C LYS C 444 -0.29 -25.26 3.37
N GLY C 445 -1.00 -24.26 3.91
CA GLY C 445 -0.71 -22.88 3.61
C GLY C 445 -0.37 -22.07 4.84
N ILE C 446 0.02 -20.81 4.62
CA ILE C 446 0.41 -19.93 5.71
C ILE C 446 -0.78 -19.55 6.58
N GLU C 447 -1.94 -19.35 5.95
CA GLU C 447 -3.12 -18.86 6.65
C GLU C 447 -3.90 -19.97 7.35
N GLY C 448 -3.46 -21.22 7.18
CA GLY C 448 -4.12 -22.33 7.85
C GLY C 448 -3.85 -23.70 7.24
N PHE C 449 -4.55 -24.70 7.75
CA PHE C 449 -4.38 -26.07 7.30
C PHE C 449 -5.72 -26.78 7.16
N VAL C 450 -5.91 -27.52 6.06
CA VAL C 450 -7.09 -28.35 5.87
C VAL C 450 -6.68 -29.71 5.37
N PRO C 451 -7.05 -30.77 6.11
CA PRO C 451 -6.71 -32.14 5.69
C PRO C 451 -7.49 -32.55 4.44
N GLY C 452 -6.85 -33.32 3.57
CA GLY C 452 -7.47 -33.73 2.32
C GLY C 452 -8.53 -34.80 2.50
N ILE C 453 -9.22 -35.12 1.41
CA ILE C 453 -10.23 -36.18 1.40
C ILE C 453 -9.61 -37.50 1.84
N THR C 454 -8.37 -37.72 1.43
CA THR C 454 -7.64 -38.93 1.78
C THR C 454 -7.51 -39.11 3.29
N HIS C 455 -7.33 -38.01 4.00
CA HIS C 455 -7.13 -38.06 5.45
C HIS C 455 -8.43 -38.32 6.20
N ARG C 456 -9.51 -37.71 5.74
CA ARG C 456 -10.81 -37.83 6.41
C ARG C 456 -11.43 -39.22 6.21
N LEU C 457 -11.14 -39.85 5.08
CA LEU C 457 -11.77 -41.13 4.75
C LEU C 457 -10.81 -42.31 4.91
N ASP C 458 -9.60 -42.04 5.37
CA ASP C 458 -8.59 -43.07 5.60
C ASP C 458 -8.32 -43.89 4.33
N LEU C 459 -8.20 -43.20 3.20
CA LEU C 459 -7.95 -43.85 1.92
C LEU C 459 -6.75 -43.21 1.22
N PRO C 460 -6.11 -43.94 0.30
CA PRO C 460 -5.01 -43.37 -0.47
C PRO C 460 -5.50 -42.63 -1.71
N ALA C 461 -4.63 -41.83 -2.32
CA ALA C 461 -4.94 -41.16 -3.58
C ALA C 461 -4.52 -42.04 -4.75
N LEU C 462 -5.42 -42.21 -5.71
CA LEU C 462 -5.19 -43.14 -6.81
C LEU C 462 -5.21 -42.47 -8.18
N LYS C 463 -4.44 -43.02 -9.10
CA LYS C 463 -4.39 -42.53 -10.48
C LYS C 463 -4.48 -43.69 -11.46
N VAL C 464 -5.41 -43.61 -12.40
CA VAL C 464 -5.59 -44.67 -13.38
C VAL C 464 -5.06 -44.24 -14.75
N SER C 465 -4.20 -45.06 -15.34
CA SER C 465 -3.62 -44.76 -16.64
C SER C 465 -4.60 -45.10 -17.76
N ASP C 466 -4.12 -45.02 -19.00
CA ASP C 466 -4.94 -45.35 -20.15
C ASP C 466 -5.05 -46.86 -20.31
N SER C 467 -4.18 -47.59 -19.62
CA SER C 467 -4.17 -49.05 -19.66
C SER C 467 -4.96 -49.64 -18.50
N ASN C 468 -5.80 -48.81 -17.88
CA ASN C 468 -6.60 -49.20 -16.73
C ASN C 468 -5.76 -49.77 -15.59
N GLN C 469 -4.59 -49.17 -15.35
CA GLN C 469 -3.72 -49.58 -14.27
C GLN C 469 -3.66 -48.50 -13.19
N PHE C 470 -3.75 -48.91 -11.92
CA PHE C 470 -3.77 -47.97 -10.82
C PHE C 470 -2.38 -47.67 -10.28
N THR C 471 -2.19 -46.43 -9.83
CA THR C 471 -0.93 -45.99 -9.25
C THR C 471 -1.19 -45.04 -8.08
N VAL C 472 -0.60 -45.36 -6.93
CA VAL C 472 -0.78 -44.54 -5.73
C VAL C 472 -0.07 -43.20 -5.89
N GLU C 473 -0.81 -42.12 -5.65
CA GLU C 473 -0.27 -40.77 -5.76
C GLU C 473 0.25 -40.26 -4.43
N GLN C 474 1.17 -39.31 -4.48
CA GLN C 474 1.76 -38.75 -3.27
C GLN C 474 2.46 -37.41 -3.54
N ASP C 475 2.56 -36.59 -2.50
CA ASP C 475 3.24 -35.30 -2.61
C ASP C 475 3.75 -34.82 -1.25
N GLY D 1 -43.54 29.75 28.55
CA GLY D 1 -43.09 30.55 27.42
C GLY D 1 -43.66 31.95 27.43
N ALA D 2 -43.58 32.62 28.58
CA ALA D 2 -44.06 33.98 28.72
C ALA D 2 -43.11 34.95 28.01
N MET D 3 -43.40 36.24 28.10
CA MET D 3 -42.48 37.24 27.58
C MET D 3 -41.23 37.20 28.45
N ALA D 4 -40.10 37.57 27.86
CA ALA D 4 -38.76 37.16 28.33
C ALA D 4 -38.63 35.66 28.10
N GLN D 5 -37.44 35.24 27.66
CA GLN D 5 -37.18 33.93 27.02
C GLN D 5 -37.73 33.94 25.60
N GLU D 6 -38.91 34.53 25.42
CA GLU D 6 -39.44 34.81 24.09
C GLU D 6 -38.72 36.01 23.49
N LEU D 7 -38.63 37.07 24.27
CA LEU D 7 -37.86 38.26 23.88
C LEU D 7 -36.39 37.92 23.79
N LYS D 8 -35.93 37.04 24.68
CA LYS D 8 -34.53 36.62 24.69
C LYS D 8 -34.18 35.89 23.40
N GLU D 9 -35.05 34.97 22.98
CA GLU D 9 -34.80 34.20 21.77
C GLU D 9 -35.01 35.06 20.53
N ARG D 10 -35.84 36.08 20.63
CA ARG D 10 -36.05 37.01 19.52
C ARG D 10 -34.85 37.95 19.39
N ALA D 11 -34.44 38.55 20.50
CA ALA D 11 -33.21 39.32 20.55
C ALA D 11 -32.04 38.43 20.14
N LYS D 12 -32.14 37.14 20.48
CA LYS D 12 -31.31 36.13 19.87
C LYS D 12 -31.58 36.09 18.37
N VAL D 13 -32.79 35.65 17.99
CA VAL D 13 -33.11 35.35 16.60
C VAL D 13 -32.46 36.28 15.57
N PHE D 14 -32.32 37.55 15.92
CA PHE D 14 -31.61 38.49 15.07
C PHE D 14 -30.10 38.20 15.07
N ALA D 15 -29.51 38.20 16.27
CA ALA D 15 -28.07 37.97 16.41
C ALA D 15 -27.70 36.98 17.55
N LYS D 16 -27.66 35.67 17.24
CA LYS D 16 -27.14 34.66 18.19
C LYS D 16 -25.71 35.01 18.63
N PRO D 17 -25.44 34.91 19.94
CA PRO D 17 -24.10 34.98 20.53
C PRO D 17 -23.05 34.24 19.69
N ILE D 18 -22.01 34.97 19.29
CA ILE D 18 -20.92 34.41 18.49
C ILE D 18 -20.07 33.44 19.30
N GLY D 19 -19.85 32.25 18.75
CA GLY D 19 -19.05 31.24 19.41
C GLY D 19 -17.56 31.52 19.35
N ALA D 20 -16.77 30.55 19.80
CA ALA D 20 -15.32 30.71 19.86
C ALA D 20 -14.68 30.58 18.49
N SER D 21 -14.96 29.47 17.80
CA SER D 21 -14.33 29.20 16.51
C SER D 21 -15.01 29.93 15.35
N TYR D 22 -16.18 30.49 15.61
CA TYR D 22 -16.87 31.28 14.58
C TYR D 22 -16.35 32.70 14.56
N GLN D 23 -15.94 33.20 15.73
CA GLN D 23 -15.32 34.51 15.83
C GLN D 23 -14.01 34.52 15.04
N GLY D 24 -13.33 33.38 15.05
CA GLY D 24 -12.10 33.22 14.29
C GLY D 24 -12.36 33.24 12.79
N ILE D 25 -13.55 32.78 12.40
CA ILE D 25 -13.94 32.83 11.00
C ILE D 25 -14.18 34.27 10.54
N LEU D 26 -14.85 35.03 11.39
CA LEU D 26 -15.11 36.44 11.09
C LEU D 26 -13.81 37.23 11.02
N ASP D 27 -12.88 36.92 11.91
CA ASP D 27 -11.57 37.56 11.91
C ASP D 27 -10.79 37.20 10.66
N GLN D 28 -10.89 35.95 10.25
CA GLN D 28 -10.23 35.48 9.03
C GLN D 28 -10.92 36.04 7.81
N LEU D 29 -12.22 36.26 7.92
CA LEU D 29 -13.01 36.84 6.84
C LEU D 29 -12.64 38.31 6.66
N ASP D 30 -12.33 38.97 7.75
CA ASP D 30 -11.96 40.38 7.73
C ASP D 30 -10.62 40.59 7.03
N LEU D 31 -9.76 39.57 7.10
CA LEU D 31 -8.48 39.61 6.41
C LEU D 31 -8.67 39.64 4.91
N VAL D 32 -9.59 38.82 4.41
CA VAL D 32 -9.91 38.75 2.99
C VAL D 32 -10.43 40.10 2.49
N HIS D 33 -11.18 40.78 3.35
CA HIS D 33 -11.76 42.07 3.02
C HIS D 33 -10.72 43.18 2.96
N GLN D 34 -9.70 43.09 3.82
CA GLN D 34 -8.70 44.15 3.93
C GLN D 34 -7.46 43.87 3.09
N ALA D 35 -6.87 42.69 3.25
CA ALA D 35 -5.62 42.35 2.59
C ALA D 35 -5.78 42.28 1.07
N LYS D 36 -4.65 42.41 0.37
CA LYS D 36 -4.63 42.32 -1.09
C LYS D 36 -3.42 41.52 -1.55
N GLY D 37 -3.39 41.18 -2.83
CA GLY D 37 -2.28 40.41 -3.37
C GLY D 37 -2.35 38.95 -2.97
N ARG D 38 -1.19 38.34 -2.77
CA ARG D 38 -1.11 36.93 -2.42
C ARG D 38 -1.62 36.65 -1.02
N ASP D 39 -1.41 37.60 -0.12
CA ASP D 39 -1.85 37.45 1.27
C ASP D 39 -3.36 37.33 1.38
N GLN D 40 -4.08 37.94 0.44
CA GLN D 40 -5.53 37.85 0.41
C GLN D 40 -5.98 36.49 -0.09
N ILE D 41 -5.24 35.94 -1.05
CA ILE D 41 -5.53 34.61 -1.58
C ILE D 41 -5.32 33.55 -0.51
N ALA D 42 -4.24 33.70 0.24
CA ALA D 42 -3.94 32.79 1.35
C ALA D 42 -5.01 32.91 2.43
N ALA D 43 -5.49 34.13 2.64
CA ALA D 43 -6.54 34.38 3.62
C ALA D 43 -7.84 33.73 3.18
N SER D 44 -8.05 33.65 1.87
CA SER D 44 -9.25 33.04 1.31
C SER D 44 -9.21 31.52 1.47
N PHE D 45 -8.04 30.94 1.24
CA PHE D 45 -7.86 29.50 1.42
C PHE D 45 -7.95 29.12 2.90
N GLU D 46 -7.37 29.95 3.76
CA GLU D 46 -7.43 29.72 5.20
C GLU D 46 -8.86 29.82 5.70
N LEU D 47 -9.64 30.71 5.08
CA LEU D 47 -11.06 30.84 5.38
C LEU D 47 -11.79 29.53 5.09
N ASN D 48 -11.53 28.98 3.90
CA ASN D 48 -12.13 27.72 3.49
C ASN D 48 -11.71 26.57 4.40
N LYS D 49 -10.48 26.62 4.89
CA LYS D 49 -9.99 25.59 5.80
C LYS D 49 -10.73 25.67 7.13
N LYS D 50 -10.95 26.88 7.62
CA LYS D 50 -11.66 27.08 8.88
C LYS D 50 -13.14 26.72 8.74
N ILE D 51 -13.71 27.00 7.57
CA ILE D 51 -15.10 26.65 7.30
C ILE D 51 -15.28 25.13 7.26
N ASN D 52 -14.37 24.45 6.58
CA ASN D 52 -14.39 22.99 6.51
C ASN D 52 -14.16 22.34 7.86
N ASP D 53 -13.38 23.00 8.71
CA ASP D 53 -13.09 22.49 10.05
C ASP D 53 -14.23 22.81 11.02
N TYR D 54 -14.94 23.90 10.77
CA TYR D 54 -16.04 24.30 11.63
C TYR D 54 -17.20 23.32 11.51
N ILE D 55 -17.50 22.91 10.27
CA ILE D 55 -18.58 21.97 10.02
C ILE D 55 -18.22 20.59 10.59
N ALA D 56 -16.93 20.28 10.62
CA ALA D 56 -16.45 19.02 11.18
C ALA D 56 -16.68 18.96 12.68
N GLU D 57 -16.22 19.98 13.40
CA GLU D 57 -16.38 20.04 14.84
C GLU D 57 -17.84 20.27 15.22
N HIS D 58 -18.58 20.92 14.34
CA HIS D 58 -19.99 21.18 14.57
C HIS D 58 -20.84 20.70 13.39
N PRO D 59 -21.16 19.40 13.36
CA PRO D 59 -21.94 18.79 12.28
C PRO D 59 -23.31 19.42 12.11
N THR D 60 -24.03 19.62 13.21
CA THR D 60 -25.36 20.23 13.18
C THR D 60 -25.33 21.66 13.71
N SER D 61 -25.39 22.63 12.80
CA SER D 61 -25.39 24.04 13.17
C SER D 61 -26.16 24.87 12.15
N GLY D 62 -26.81 25.94 12.63
CA GLY D 62 -27.59 26.79 11.77
C GLY D 62 -26.74 27.64 10.83
N ARG D 63 -25.49 27.85 11.21
CA ARG D 63 -24.57 28.65 10.40
C ARG D 63 -23.99 27.84 9.25
N ASN D 64 -24.06 26.51 9.36
CA ASN D 64 -23.43 25.61 8.41
C ASN D 64 -23.78 25.86 6.94
N GLN D 65 -25.07 25.86 6.63
CA GLN D 65 -25.51 26.05 5.25
C GLN D 65 -25.19 27.44 4.74
N ALA D 66 -25.12 28.41 5.66
CA ALA D 66 -24.73 29.76 5.32
C ALA D 66 -23.23 29.83 5.08
N LEU D 67 -22.48 29.13 5.92
CA LEU D 67 -21.02 29.08 5.79
C LEU D 67 -20.61 28.28 4.56
N THR D 68 -21.39 27.25 4.24
CA THR D 68 -21.14 26.46 3.05
C THR D 68 -21.35 27.33 1.82
N GLN D 69 -22.38 28.17 1.86
CA GLN D 69 -22.66 29.11 0.77
C GLN D 69 -21.48 30.06 0.57
N LEU D 70 -20.86 30.48 1.67
CA LEU D 70 -19.72 31.38 1.61
C LEU D 70 -18.51 30.71 0.96
N LYS D 71 -18.25 29.46 1.33
CA LYS D 71 -17.13 28.71 0.79
C LYS D 71 -17.27 28.51 -0.72
N GLU D 72 -18.50 28.24 -1.16
CA GLU D 72 -18.77 28.07 -2.59
C GLU D 72 -18.48 29.35 -3.36
N GLN D 73 -18.93 30.47 -2.81
CA GLN D 73 -18.77 31.76 -3.48
C GLN D 73 -17.31 32.20 -3.55
N VAL D 74 -16.55 31.95 -2.49
CA VAL D 74 -15.13 32.27 -2.47
C VAL D 74 -14.37 31.40 -3.45
N THR D 75 -14.62 30.09 -3.39
CA THR D 75 -14.00 29.14 -4.31
C THR D 75 -14.33 29.49 -5.76
N SER D 76 -15.58 29.91 -5.99
CA SER D 76 -16.03 30.29 -7.32
C SER D 76 -15.34 31.56 -7.79
N ALA D 77 -15.04 32.45 -6.84
CA ALA D 77 -14.37 33.70 -7.15
C ALA D 77 -12.88 33.50 -7.35
N LEU D 78 -12.31 32.55 -6.61
CA LEU D 78 -10.89 32.24 -6.73
C LEU D 78 -10.58 31.58 -8.07
N PHE D 79 -11.31 30.51 -8.38
CA PHE D 79 -11.06 29.76 -9.61
C PHE D 79 -12.06 30.12 -10.70
N ILE D 80 -12.11 31.40 -11.05
CA ILE D 80 -12.98 31.87 -12.12
C ILE D 80 -12.24 31.86 -13.45
N GLY D 81 -12.94 31.57 -14.53
CA GLY D 81 -12.34 31.56 -15.85
C GLY D 81 -11.41 30.39 -16.09
N LYS D 82 -10.23 30.67 -16.62
CA LYS D 82 -9.26 29.63 -16.94
C LYS D 82 -8.48 29.15 -15.72
N MET D 83 -8.87 29.62 -14.54
CA MET D 83 -8.24 29.18 -13.30
C MET D 83 -8.76 27.79 -12.89
N GLN D 84 -9.81 27.34 -13.59
CA GLN D 84 -10.41 26.04 -13.30
C GLN D 84 -9.50 24.89 -13.73
N VAL D 85 -8.51 25.20 -14.58
CA VAL D 85 -7.63 24.18 -15.13
C VAL D 85 -6.83 23.46 -14.04
N ALA D 86 -6.29 24.22 -13.10
CA ALA D 86 -5.49 23.65 -12.02
C ALA D 86 -6.19 23.73 -10.68
N GLN D 87 -7.51 23.88 -10.70
CA GLN D 87 -8.29 23.98 -9.48
C GLN D 87 -8.22 22.72 -8.63
N ALA D 88 -8.27 21.56 -9.30
CA ALA D 88 -8.29 20.28 -8.60
C ALA D 88 -7.03 20.07 -7.76
N GLY D 89 -5.87 20.34 -8.35
CA GLY D 89 -4.61 20.15 -7.66
C GLY D 89 -4.39 21.16 -6.55
N ILE D 90 -4.64 22.43 -6.84
CA ILE D 90 -4.40 23.51 -5.89
C ILE D 90 -5.31 23.44 -4.67
N ASP D 91 -6.61 23.25 -4.90
CA ASP D 91 -7.57 23.21 -3.82
C ASP D 91 -7.36 21.98 -2.93
N ALA D 92 -6.76 20.94 -3.50
CA ALA D 92 -6.43 19.74 -2.73
C ALA D 92 -5.31 20.05 -1.74
N ILE D 93 -4.39 20.91 -2.17
CA ILE D 93 -3.28 21.34 -1.32
C ILE D 93 -3.78 22.37 -0.30
N ALA D 94 -4.76 23.16 -0.70
CA ALA D 94 -5.30 24.22 0.15
C ALA D 94 -6.06 23.67 1.35
N GLN D 95 -6.31 22.36 1.34
CA GLN D 95 -7.06 21.72 2.43
C GLN D 95 -6.23 21.65 3.70
N THR D 96 -4.90 21.52 3.54
CA THR D 96 -4.01 21.42 4.68
C THR D 96 -2.99 22.55 4.69
N ARG D 97 -2.66 23.05 3.51
CA ARG D 97 -1.63 24.08 3.38
C ARG D 97 -2.09 25.27 2.55
N PRO D 98 -2.89 26.16 3.15
CA PRO D 98 -3.41 27.36 2.48
C PRO D 98 -2.33 28.29 1.95
N GLU D 99 -1.30 28.56 2.75
CA GLU D 99 -0.21 29.44 2.35
C GLU D 99 0.54 28.88 1.16
N LEU D 100 0.74 27.56 1.14
CA LEU D 100 1.46 26.92 0.06
C LEU D 100 0.64 26.96 -1.23
N ALA D 101 -0.65 26.75 -1.11
CA ALA D 101 -1.56 26.76 -2.25
C ALA D 101 -1.59 28.15 -2.89
N ALA D 102 -1.53 29.18 -2.04
CA ALA D 102 -1.56 30.56 -2.51
C ALA D 102 -0.34 30.90 -3.36
N ARG D 103 0.80 30.30 -3.01
CA ARG D 103 2.02 30.51 -3.78
C ARG D 103 1.92 29.86 -5.15
N ILE D 104 1.30 28.67 -5.19
CA ILE D 104 1.10 27.97 -6.45
C ILE D 104 -0.02 28.63 -7.25
N PHE D 105 -0.98 29.21 -6.53
CA PHE D 105 -2.11 29.89 -7.16
C PHE D 105 -1.66 31.09 -7.97
N MET D 106 -0.69 31.83 -7.45
CA MET D 106 -0.14 32.99 -8.14
C MET D 106 0.56 32.57 -9.43
N VAL D 107 1.26 31.45 -9.36
CA VAL D 107 1.92 30.87 -10.52
C VAL D 107 0.87 30.43 -11.55
N ALA D 108 -0.25 29.92 -11.04
CA ALA D 108 -1.34 29.45 -11.90
C ALA D 108 -1.98 30.61 -12.67
N ILE D 109 -2.05 31.77 -12.02
CA ILE D 109 -2.57 32.97 -12.66
C ILE D 109 -1.68 33.40 -13.83
N GLU D 110 -0.37 33.28 -13.63
CA GLU D 110 0.60 33.61 -14.68
C GLU D 110 0.46 32.64 -15.86
N GLU D 111 0.22 31.37 -15.55
CA GLU D 111 0.09 30.35 -16.58
C GLU D 111 -1.22 30.52 -17.35
N ALA D 112 -2.20 31.14 -16.70
CA ALA D 112 -3.47 31.46 -17.35
C ALA D 112 -3.25 32.53 -18.42
N ASN D 113 -2.17 33.28 -18.30
CA ASN D 113 -1.79 34.27 -19.30
C ASN D 113 -0.78 33.71 -20.29
N GLY D 114 -0.44 32.43 -20.13
CA GLY D 114 0.44 31.75 -21.07
C GLY D 114 1.89 31.71 -20.65
N LYS D 115 2.18 32.16 -19.42
CA LYS D 115 3.55 32.16 -18.91
C LYS D 115 3.93 30.80 -18.32
N HIS D 116 5.17 30.37 -18.60
CA HIS D 116 5.75 29.12 -18.09
C HIS D 116 4.77 27.96 -18.02
N VAL D 117 4.30 27.52 -19.20
CA VAL D 117 3.32 26.45 -19.28
C VAL D 117 3.82 25.14 -18.70
N GLY D 118 3.06 24.59 -17.76
CA GLY D 118 3.41 23.30 -17.15
C GLY D 118 4.09 23.44 -15.80
N LEU D 119 4.38 24.67 -15.40
CA LEU D 119 5.05 24.91 -14.13
C LEU D 119 4.10 24.71 -12.95
N THR D 120 2.83 25.06 -13.14
CA THR D 120 1.82 24.87 -12.10
C THR D 120 1.66 23.40 -11.75
N ASP D 121 1.57 22.56 -12.78
CA ASP D 121 1.45 21.12 -12.59
C ASP D 121 2.68 20.55 -11.89
N MET D 122 3.85 21.10 -12.22
CA MET D 122 5.10 20.67 -11.62
C MET D 122 5.13 21.03 -10.13
N MET D 123 4.66 22.24 -9.81
CA MET D 123 4.64 22.68 -8.42
C MET D 123 3.56 21.99 -7.61
N VAL D 124 2.55 21.47 -8.30
CA VAL D 124 1.50 20.69 -7.64
C VAL D 124 2.02 19.29 -7.32
N ARG D 125 2.72 18.69 -8.28
CA ARG D 125 3.28 17.36 -8.10
C ARG D 125 4.37 17.35 -7.02
N TRP D 126 5.11 18.45 -6.92
CA TRP D 126 6.14 18.58 -5.88
C TRP D 126 5.51 18.65 -4.50
N ALA D 127 4.47 19.47 -4.35
CA ALA D 127 3.83 19.69 -3.06
C ALA D 127 3.15 18.43 -2.53
N ASN D 128 2.92 17.46 -3.41
CA ASN D 128 2.25 16.21 -3.02
C ASN D 128 3.23 15.10 -2.63
N GLU D 129 4.47 15.21 -3.10
CA GLU D 129 5.42 14.12 -2.91
C GLU D 129 6.71 14.53 -2.21
N ASP D 130 6.97 15.82 -2.13
CA ASP D 130 8.17 16.32 -1.46
C ASP D 130 7.92 16.45 0.04
N PRO D 131 8.69 15.70 0.85
CA PRO D 131 8.56 15.68 2.32
C PRO D 131 8.69 17.06 2.96
N TYR D 132 9.53 17.92 2.40
CA TYR D 132 9.74 19.26 2.97
C TYR D 132 8.57 20.20 2.66
N LEU D 133 7.66 19.75 1.81
CA LEU D 133 6.47 20.53 1.47
C LEU D 133 5.22 19.95 2.12
N ALA D 134 5.41 18.90 2.93
CA ALA D 134 4.33 18.29 3.67
C ALA D 134 3.81 19.27 4.73
N PRO D 135 2.55 19.08 5.18
CA PRO D 135 1.98 19.94 6.22
C PRO D 135 2.85 20.04 7.46
N LYS D 136 3.30 21.26 7.77
CA LYS D 136 4.14 21.49 8.94
C LYS D 136 3.46 22.46 9.90
N HIS D 137 3.00 21.93 11.02
CA HIS D 137 2.34 22.73 12.06
C HIS D 137 3.31 23.75 12.67
N GLY D 138 4.50 23.28 13.02
CA GLY D 138 5.50 24.13 13.64
C GLY D 138 5.09 24.56 15.03
N TYR D 139 5.80 25.55 15.57
CA TYR D 139 5.48 26.06 16.89
C TYR D 139 4.55 27.27 16.81
N LYS D 140 3.34 27.12 17.33
CA LYS D 140 2.41 28.24 17.40
C LYS D 140 2.20 28.69 18.85
N GLY D 141 2.26 29.99 19.06
CA GLY D 141 2.14 30.57 20.38
C GLY D 141 2.97 31.84 20.46
N GLU D 142 2.90 32.51 21.61
CA GLU D 142 3.66 33.74 21.80
C GLU D 142 5.15 33.45 21.89
N THR D 143 5.93 34.13 21.05
CA THR D 143 7.38 33.97 21.03
C THR D 143 8.05 35.28 21.39
N PRO D 144 9.19 35.21 22.09
CA PRO D 144 9.93 36.41 22.49
C PRO D 144 10.46 37.21 21.30
N SER D 145 10.40 38.53 21.38
CA SER D 145 10.94 39.40 20.35
C SER D 145 12.21 40.06 20.85
N ASP D 146 12.64 39.67 22.04
CA ASP D 146 13.80 40.25 22.71
C ASP D 146 15.11 39.64 22.24
N LEU D 147 15.02 38.56 21.46
CA LEU D 147 16.15 37.71 21.13
C LEU D 147 17.36 38.44 20.53
N GLY D 148 17.12 39.27 19.52
CA GLY D 148 18.20 39.98 18.86
C GLY D 148 18.71 39.19 17.67
N PHE D 149 17.99 38.14 17.31
CA PHE D 149 18.30 37.35 16.14
C PHE D 149 17.03 36.70 15.59
N ASP D 150 17.12 36.16 14.38
CA ASP D 150 15.98 35.50 13.76
C ASP D 150 15.85 34.07 14.29
N ALA D 151 14.79 33.82 15.06
CA ALA D 151 14.57 32.49 15.62
C ALA D 151 14.09 31.52 14.55
N LYS D 152 14.73 30.35 14.50
CA LYS D 152 14.36 29.34 13.53
C LYS D 152 13.67 28.15 14.21
N TYR D 153 13.90 28.01 15.51
CA TYR D 153 13.30 26.93 16.27
C TYR D 153 12.92 27.36 17.69
N HIS D 154 11.86 26.75 18.22
CA HIS D 154 11.46 26.96 19.59
C HIS D 154 11.27 25.61 20.26
N VAL D 155 12.39 24.93 20.53
CA VAL D 155 12.37 23.54 20.97
C VAL D 155 12.19 23.39 22.48
N ASP D 156 11.18 22.62 22.87
CA ASP D 156 10.98 22.26 24.27
C ASP D 156 11.83 21.04 24.61
N LEU D 157 12.85 21.24 25.43
CA LEU D 157 13.81 20.19 25.75
C LEU D 157 13.27 19.22 26.79
N GLY D 158 12.56 19.75 27.78
CA GLY D 158 11.97 18.94 28.83
C GLY D 158 13.01 18.19 29.66
N GLU D 159 13.09 16.89 29.43
CA GLU D 159 14.01 16.03 30.16
C GLU D 159 15.47 16.37 29.87
N HIS D 160 15.77 16.64 28.60
CA HIS D 160 17.15 16.85 28.17
C HIS D 160 17.61 18.31 28.31
N TYR D 161 16.87 19.09 29.09
CA TYR D 161 17.17 20.50 29.27
C TYR D 161 18.53 20.71 29.95
N ALA D 162 18.77 19.95 31.02
CA ALA D 162 19.99 20.10 31.80
C ALA D 162 21.24 19.83 30.98
N ASP D 163 21.23 18.72 30.23
CA ASP D 163 22.38 18.33 29.43
C ASP D 163 22.62 19.29 28.27
N PHE D 164 21.55 19.77 27.65
CA PHE D 164 21.67 20.72 26.55
C PHE D 164 22.18 22.06 27.06
N LYS D 165 21.67 22.48 28.21
CA LYS D 165 22.08 23.75 28.81
C LYS D 165 23.58 23.77 29.10
N GLN D 166 24.10 22.64 29.54
CA GLN D 166 25.53 22.52 29.83
C GLN D 166 26.38 22.67 28.58
N TRP D 167 26.03 21.94 27.53
CA TRP D 167 26.82 21.93 26.31
C TRP D 167 26.62 23.19 25.46
N LEU D 168 25.51 23.87 25.66
CA LEU D 168 25.29 25.15 24.98
C LEU D 168 26.20 26.20 25.58
N GLU D 169 26.24 26.27 26.90
CA GLU D 169 27.08 27.22 27.62
C GLU D 169 28.56 26.94 27.39
N THR D 170 28.90 25.67 27.23
CA THR D 170 30.26 25.27 26.90
C THR D 170 30.60 25.74 25.49
N SER D 171 29.62 25.67 24.59
CA SER D 171 29.79 26.12 23.22
C SER D 171 29.88 27.64 23.14
N GLN D 172 28.96 28.31 23.84
CA GLN D 172 28.91 29.77 23.83
C GLN D 172 30.14 30.38 24.51
N SER D 173 30.83 29.57 25.32
CA SER D 173 32.07 30.00 25.95
C SER D 173 33.22 29.88 24.95
N ASN D 174 32.96 29.24 23.83
CA ASN D 174 33.97 29.05 22.79
C ASN D 174 33.58 29.78 21.51
N GLY D 175 32.66 30.73 21.62
CA GLY D 175 32.25 31.55 20.50
C GLY D 175 31.39 30.83 19.49
N LEU D 176 30.74 29.76 19.93
CA LEU D 176 29.88 28.97 19.06
C LEU D 176 28.43 28.98 19.55
N LEU D 177 27.50 28.79 18.62
CA LEU D 177 26.06 28.81 18.92
C LEU D 177 25.67 30.11 19.62
N SER D 178 26.17 31.22 19.10
CA SER D 178 25.94 32.53 19.68
C SER D 178 24.46 32.88 19.74
N LYS D 179 23.75 32.60 18.64
CA LYS D 179 22.34 32.91 18.54
C LYS D 179 21.48 31.84 19.19
N ALA D 180 21.49 31.80 20.52
CA ALA D 180 20.71 30.84 21.27
C ALA D 180 20.33 31.40 22.64
N THR D 181 19.08 31.23 23.02
CA THR D 181 18.60 31.73 24.31
C THR D 181 17.75 30.68 25.01
N LEU D 182 18.05 30.44 26.27
CA LEU D 182 17.33 29.45 27.06
C LEU D 182 16.19 30.08 27.87
N ASP D 183 15.27 29.24 28.32
CA ASP D 183 14.16 29.68 29.15
C ASP D 183 13.66 28.50 29.99
N GLU D 184 14.22 28.38 31.19
CA GLU D 184 13.92 27.23 32.06
C GLU D 184 12.47 27.19 32.51
N SER D 185 11.82 28.35 32.52
CA SER D 185 10.41 28.44 32.91
C SER D 185 9.53 27.52 32.06
N THR D 186 9.92 27.34 30.80
CA THR D 186 9.23 26.42 29.90
C THR D 186 10.19 25.35 29.38
N LYS D 187 11.43 25.40 29.87
CA LYS D 187 12.50 24.51 29.43
C LYS D 187 12.64 24.50 27.91
N THR D 188 12.61 25.69 27.33
CA THR D 188 12.64 25.85 25.88
C THR D 188 13.85 26.66 25.44
N VAL D 189 14.51 26.21 24.38
CA VAL D 189 15.61 26.96 23.79
C VAL D 189 15.18 27.60 22.48
N HIS D 190 15.30 28.92 22.39
CA HIS D 190 14.98 29.64 21.16
C HIS D 190 16.20 29.67 20.25
N LEU D 191 16.25 28.70 19.33
CA LEU D 191 17.42 28.49 18.50
C LEU D 191 17.39 29.38 17.25
N GLY D 192 18.55 29.95 16.91
CA GLY D 192 18.66 30.83 15.77
C GLY D 192 19.40 30.19 14.61
N TYR D 193 19.59 28.88 14.67
CA TYR D 193 20.29 28.15 13.62
C TYR D 193 19.38 27.10 12.99
N SER D 194 19.72 26.68 11.77
CA SER D 194 18.97 25.62 11.10
C SER D 194 19.63 24.27 11.37
N TYR D 195 18.93 23.21 11.01
CA TYR D 195 19.43 21.85 11.22
C TYR D 195 20.77 21.63 10.50
N GLN D 196 20.88 22.15 9.28
CA GLN D 196 22.07 21.98 8.48
C GLN D 196 23.23 22.84 9.00
N GLU D 197 22.90 23.99 9.55
CA GLU D 197 23.91 24.91 10.07
C GLU D 197 24.57 24.33 11.33
N LEU D 198 23.78 23.73 12.19
CA LEU D 198 24.29 23.04 13.37
C LEU D 198 25.16 21.87 12.96
N GLN D 199 24.77 21.22 11.86
CA GLN D 199 25.48 20.05 11.37
C GLN D 199 26.88 20.43 10.87
N ASP D 200 27.03 21.66 10.41
CA ASP D 200 28.31 22.13 9.89
C ASP D 200 29.27 22.54 11.01
N LEU D 201 28.75 22.59 12.23
CA LEU D 201 29.56 22.97 13.39
C LEU D 201 29.86 21.79 14.31
N THR D 202 29.56 20.59 13.84
CA THR D 202 29.75 19.39 14.66
C THR D 202 31.21 18.97 14.75
N GLY D 203 32.09 19.76 14.13
CA GLY D 203 33.52 19.54 14.26
C GLY D 203 33.95 19.83 15.69
N ALA D 204 33.20 20.68 16.36
CA ALA D 204 33.40 20.95 17.77
C ALA D 204 32.52 20.04 18.62
N GLU D 205 33.15 19.29 19.52
CA GLU D 205 32.45 18.32 20.36
C GLU D 205 31.32 18.96 21.16
N SER D 206 31.53 20.20 21.60
CA SER D 206 30.53 20.91 22.39
C SER D 206 29.24 21.10 21.60
N VAL D 207 29.37 21.44 20.32
CA VAL D 207 28.21 21.60 19.45
C VAL D 207 27.62 20.25 19.10
N GLN D 208 28.49 19.27 18.87
CA GLN D 208 28.07 17.91 18.53
C GLN D 208 27.15 17.32 19.59
N MET D 209 27.46 17.60 20.85
CA MET D 209 26.65 17.10 21.96
C MET D 209 25.37 17.90 22.12
N ALA D 210 25.45 19.21 21.90
CA ALA D 210 24.26 20.06 21.97
C ALA D 210 23.29 19.68 20.87
N PHE D 211 23.83 19.24 19.74
CA PHE D 211 23.03 18.77 18.62
C PHE D 211 22.35 17.45 18.98
N TYR D 212 23.09 16.59 19.69
CA TYR D 212 22.59 15.28 20.08
C TYR D 212 21.37 15.37 20.99
N PHE D 213 21.49 16.17 22.05
CA PHE D 213 20.40 16.32 23.01
C PHE D 213 19.21 17.04 22.39
N LEU D 214 19.46 17.80 21.31
CA LEU D 214 18.40 18.46 20.60
C LEU D 214 17.59 17.44 19.80
N LYS D 215 18.30 16.52 19.15
CA LYS D 215 17.67 15.44 18.41
C LYS D 215 16.83 14.55 19.32
N GLU D 216 17.41 14.19 20.47
CA GLU D 216 16.75 13.33 21.43
C GLU D 216 15.47 13.98 21.98
N ALA D 217 15.54 15.29 22.20
CA ALA D 217 14.38 16.03 22.69
C ALA D 217 13.26 16.03 21.65
N ALA D 218 13.66 16.06 20.38
CA ALA D 218 12.69 16.06 19.28
C ALA D 218 12.02 14.70 19.15
N LYS D 219 12.82 13.64 19.16
CA LYS D 219 12.31 12.28 19.01
C LYS D 219 11.41 11.89 20.19
N LYS D 220 11.66 12.51 21.34
CA LYS D 220 10.80 12.30 22.51
C LYS D 220 9.41 12.89 22.29
N ALA D 221 9.35 13.93 21.47
CA ALA D 221 8.10 14.64 21.23
C ALA D 221 7.25 13.96 20.16
N ASP D 222 7.88 13.12 19.35
CA ASP D 222 7.17 12.42 18.28
C ASP D 222 7.82 11.08 17.95
N PRO D 223 7.54 10.05 18.77
CA PRO D 223 8.06 8.70 18.51
C PRO D 223 7.06 7.85 17.73
N ILE D 224 5.89 8.40 17.46
CA ILE D 224 4.85 7.66 16.74
C ILE D 224 5.14 7.63 15.24
N SER D 225 5.37 8.79 14.65
CA SER D 225 5.64 8.89 13.22
C SER D 225 7.01 8.32 12.88
N GLY D 226 7.23 8.06 11.59
CA GLY D 226 8.51 7.57 11.12
C GLY D 226 9.43 8.70 10.70
N ASP D 227 9.07 9.91 11.10
CA ASP D 227 9.85 11.10 10.74
C ASP D 227 11.22 11.10 11.42
N SER D 228 12.24 11.54 10.67
CA SER D 228 13.57 11.66 11.22
C SER D 228 13.62 12.84 12.19
N ALA D 229 14.71 12.91 12.96
CA ALA D 229 14.86 13.97 13.97
C ALA D 229 14.76 15.36 13.35
N GLU D 230 15.30 15.50 12.15
CA GLU D 230 15.26 16.77 11.43
C GLU D 230 13.83 17.21 11.11
N MET D 231 13.03 16.28 10.63
CA MET D 231 11.67 16.58 10.19
C MET D 231 10.74 16.86 11.36
N ILE D 232 11.03 16.26 12.51
CA ILE D 232 10.23 16.47 13.72
C ILE D 232 10.39 17.90 14.23
N LEU D 233 11.60 18.43 14.11
CA LEU D 233 11.88 19.80 14.54
C LEU D 233 11.08 20.81 13.72
N LEU D 234 11.04 20.61 12.40
CA LEU D 234 10.27 21.48 11.52
C LEU D 234 8.78 21.38 11.78
N LYS D 235 8.33 20.16 12.10
CA LYS D 235 6.91 19.88 12.21
C LYS D 235 6.33 20.26 13.57
N LYS D 236 7.20 20.43 14.57
CA LYS D 236 6.73 20.70 15.92
C LYS D 236 7.33 21.96 16.55
N PHE D 237 8.58 22.27 16.24
CA PHE D 237 9.29 23.33 16.94
C PHE D 237 9.76 24.49 16.06
N ALA D 238 9.48 24.42 14.76
CA ALA D 238 9.93 25.47 13.85
C ALA D 238 9.10 26.74 14.00
N ASP D 239 9.75 27.89 13.83
CA ASP D 239 9.08 29.17 13.88
C ASP D 239 8.22 29.35 12.62
N GLN D 240 7.10 30.03 12.77
CA GLN D 240 6.16 30.21 11.66
C GLN D 240 6.77 31.06 10.54
N SER D 241 7.61 32.03 10.92
CA SER D 241 8.29 32.86 9.95
C SER D 241 9.31 32.06 9.16
N TYR D 242 9.94 31.10 9.84
CA TYR D 242 10.96 30.26 9.22
C TYR D 242 10.35 29.24 8.25
N LEU D 243 9.19 28.69 8.62
CA LEU D 243 8.51 27.70 7.79
C LEU D 243 8.07 28.28 6.46
N SER D 244 7.46 29.46 6.49
CA SER D 244 7.02 30.13 5.27
C SER D 244 8.22 30.52 4.42
N GLN D 245 9.31 30.90 5.07
CA GLN D 245 10.54 31.27 4.38
C GLN D 245 11.11 30.08 3.60
N LEU D 246 11.01 28.89 4.19
CA LEU D 246 11.47 27.67 3.54
C LEU D 246 10.63 27.34 2.31
N ASP D 247 9.31 27.40 2.46
CA ASP D 247 8.40 27.12 1.37
C ASP D 247 8.55 28.14 0.25
N SER D 248 8.79 29.40 0.63
CA SER D 248 8.96 30.48 -0.32
C SER D 248 10.21 30.30 -1.16
N ASP D 249 11.25 29.72 -0.55
CA ASP D 249 12.52 29.52 -1.24
C ASP D 249 12.51 28.21 -2.03
N ARG D 250 11.85 27.20 -1.49
CA ARG D 250 11.80 25.90 -2.14
C ARG D 250 11.00 25.97 -3.44
N MET D 251 9.95 26.79 -3.44
CA MET D 251 9.15 27.00 -4.64
C MET D 251 9.93 27.78 -5.69
N ASP D 252 10.76 28.71 -5.22
CA ASP D 252 11.64 29.48 -6.11
C ASP D 252 12.66 28.57 -6.78
N GLN D 253 13.13 27.57 -6.03
CA GLN D 253 14.11 26.62 -6.55
C GLN D 253 13.51 25.72 -7.62
N ILE D 254 12.25 25.33 -7.42
CA ILE D 254 11.53 24.52 -8.38
C ILE D 254 11.38 25.26 -9.71
N GLU D 255 11.00 26.52 -9.62
CA GLU D 255 10.87 27.38 -10.79
C GLU D 255 12.22 27.52 -11.49
N GLY D 256 13.28 27.60 -10.71
CA GLY D 256 14.63 27.69 -11.24
C GLY D 256 15.02 26.46 -12.01
N ILE D 257 14.55 25.31 -11.54
CA ILE D 257 14.78 24.03 -12.21
C ILE D 257 14.01 23.98 -13.53
N TYR D 258 12.79 24.50 -13.50
CA TYR D 258 11.95 24.54 -14.69
C TYR D 258 12.60 25.36 -15.79
N ARG D 259 13.05 26.57 -15.46
CA ARG D 259 13.64 27.46 -16.44
C ARG D 259 15.00 26.94 -16.91
N SER D 260 15.65 26.13 -16.07
CA SER D 260 16.94 25.55 -16.43
C SER D 260 16.79 24.54 -17.56
N SER D 261 15.64 23.87 -17.61
CA SER D 261 15.41 22.83 -18.60
C SER D 261 15.25 23.40 -20.01
N HIS D 262 14.85 24.67 -20.09
CA HIS D 262 14.60 25.30 -21.39
C HIS D 262 15.72 26.24 -21.80
N GLU D 263 16.23 27.02 -20.85
CA GLU D 263 17.16 28.10 -21.15
C GLU D 263 18.61 27.64 -21.22
N THR D 264 18.95 26.58 -20.51
CA THR D 264 20.31 26.05 -20.55
C THR D 264 20.59 25.39 -21.90
N ASP D 265 21.68 25.80 -22.54
CA ASP D 265 22.02 25.30 -23.86
C ASP D 265 22.94 24.07 -23.76
N ILE D 266 22.32 22.89 -23.69
CA ILE D 266 23.07 21.65 -23.63
C ILE D 266 23.55 21.27 -25.04
N ASP D 267 22.86 21.79 -26.05
CA ASP D 267 23.23 21.57 -27.44
C ASP D 267 24.68 22.01 -27.71
N ALA D 268 25.04 23.18 -27.22
CA ALA D 268 26.38 23.73 -27.41
C ALA D 268 27.41 23.00 -26.55
N TRP D 269 26.96 22.54 -25.38
CA TRP D 269 27.86 21.86 -24.45
C TRP D 269 28.34 20.54 -25.04
N ASP D 270 27.40 19.74 -25.55
CA ASP D 270 27.73 18.44 -26.12
C ASP D 270 28.56 18.58 -27.40
N ARG D 271 28.39 19.69 -28.10
CA ARG D 271 29.17 19.96 -29.30
C ARG D 271 30.62 20.27 -28.93
N ARG D 272 30.82 20.76 -27.71
CA ARG D 272 32.12 21.25 -27.29
C ARG D 272 32.88 20.24 -26.41
N TYR D 273 32.15 19.45 -25.63
CA TYR D 273 32.79 18.54 -24.68
C TYR D 273 32.34 17.09 -24.79
N SER D 274 31.80 16.72 -25.94
CA SER D 274 31.39 15.32 -26.16
C SER D 274 31.56 14.92 -27.61
N GLY D 275 31.70 13.61 -27.84
CA GLY D 275 31.89 13.10 -29.18
C GLY D 275 33.22 13.52 -29.77
N THR D 276 33.15 14.23 -30.90
CA THR D 276 34.36 14.71 -31.57
C THR D 276 35.00 15.85 -30.77
N GLY D 277 34.17 16.62 -30.07
CA GLY D 277 34.66 17.72 -29.26
C GLY D 277 35.46 17.24 -28.07
N TYR D 278 35.06 16.09 -27.52
CA TYR D 278 35.76 15.48 -26.41
C TYR D 278 37.11 14.93 -26.85
N ASP D 279 37.14 14.32 -28.03
CA ASP D 279 38.36 13.74 -28.57
C ASP D 279 39.38 14.82 -28.92
N GLU D 280 38.89 15.97 -29.38
CA GLU D 280 39.75 17.09 -29.71
C GLU D 280 40.39 17.69 -28.46
N LEU D 281 39.68 17.59 -27.35
CA LEU D 281 40.14 18.15 -26.09
C LEU D 281 40.98 17.15 -25.29
N THR D 282 40.60 15.87 -25.39
CA THR D 282 41.28 14.81 -24.62
C THR D 282 42.73 14.63 -25.05
N ASN D 283 42.97 14.57 -26.36
CA ASN D 283 44.31 14.36 -26.87
C ASN D 283 45.18 15.61 -26.72
N LYS D 284 44.55 16.77 -26.72
CA LYS D 284 45.26 18.01 -26.45
C LYS D 284 45.82 18.00 -25.03
N LEU D 285 45.04 17.41 -24.12
CA LEU D 285 45.44 17.30 -22.73
C LEU D 285 46.38 16.12 -22.51
N ALA D 286 46.33 15.15 -23.42
CA ALA D 286 47.19 13.97 -23.34
C ALA D 286 48.64 14.35 -23.63
N SER D 287 48.85 15.01 -24.77
CA SER D 287 50.18 15.48 -25.13
C SER D 287 50.49 16.81 -24.47
N ALA D 288 49.86 17.07 -23.32
CA ALA D 288 50.06 18.31 -22.60
C ALA D 288 51.04 18.10 -21.46
N THR D 289 52.31 18.47 -21.67
CA THR D 289 53.34 18.14 -20.68
C THR D 289 53.09 18.93 -19.39
N GLY D 290 53.89 18.66 -18.36
CA GLY D 290 53.82 19.38 -17.09
C GLY D 290 52.47 19.71 -16.47
N VAL D 291 52.43 20.81 -15.70
CA VAL D 291 51.22 21.25 -15.01
C VAL D 291 50.75 22.63 -15.49
N ASP D 292 51.69 23.55 -15.69
CA ASP D 292 51.36 24.93 -16.05
C ASP D 292 50.70 25.10 -17.42
N GLU D 293 50.84 24.10 -18.28
CA GLU D 293 50.32 24.20 -19.64
C GLU D 293 49.16 23.24 -19.87
N GLN D 294 48.95 22.32 -18.93
CA GLN D 294 47.70 21.57 -18.93
C GLN D 294 46.63 22.58 -18.55
N LEU D 295 47.01 23.51 -17.68
CA LEU D 295 46.13 24.60 -17.29
C LEU D 295 45.93 25.55 -18.46
N ALA D 296 46.94 25.65 -19.32
CA ALA D 296 46.85 26.51 -20.51
C ALA D 296 45.82 25.96 -21.48
N VAL D 297 45.71 24.64 -21.52
CA VAL D 297 44.73 23.97 -22.38
C VAL D 297 43.34 24.04 -21.78
N LEU D 298 43.25 23.74 -20.48
CA LEU D 298 41.96 23.69 -19.79
C LEU D 298 41.35 25.07 -19.57
N LEU D 299 42.18 26.11 -19.57
CA LEU D 299 41.70 27.48 -19.37
C LEU D 299 41.77 28.30 -20.64
N ASP D 300 41.66 27.64 -21.79
CA ASP D 300 41.67 28.33 -23.07
C ASP D 300 40.24 28.73 -23.46
N ASP D 301 39.95 30.02 -23.35
CA ASP D 301 38.63 30.56 -23.63
C ASP D 301 37.56 29.86 -22.79
N ARG D 302 37.89 29.61 -21.52
CA ARG D 302 36.96 28.97 -20.59
C ARG D 302 36.91 29.74 -19.28
N LYS D 303 35.74 29.72 -18.64
CA LYS D 303 35.51 30.51 -17.43
C LYS D 303 36.31 30.02 -16.23
N GLY D 304 36.65 28.73 -16.22
CA GLY D 304 37.43 28.20 -15.13
C GLY D 304 37.63 26.69 -15.13
N LEU D 305 37.80 26.12 -13.94
CA LEU D 305 38.03 24.69 -13.78
C LEU D 305 37.00 24.05 -12.87
N LEU D 306 36.63 22.81 -13.18
CA LEU D 306 35.72 22.04 -12.34
C LEU D 306 36.33 20.68 -12.01
N ILE D 307 36.86 20.56 -10.80
CA ILE D 307 37.50 19.31 -10.37
C ILE D 307 36.60 18.51 -9.45
N GLY D 308 36.43 17.24 -9.76
CA GLY D 308 35.57 16.37 -8.98
C GLY D 308 36.28 15.76 -7.77
N GLU D 309 35.48 15.36 -6.78
CA GLU D 309 36.02 14.73 -5.58
C GLU D 309 35.21 13.51 -5.18
N VAL D 310 35.87 12.36 -5.15
CA VAL D 310 35.22 11.10 -4.79
C VAL D 310 35.00 11.05 -3.28
N HIS D 311 33.89 10.42 -2.86
CA HIS D 311 33.53 10.31 -1.46
C HIS D 311 34.59 9.56 -0.66
N GLY D 312 35.22 8.57 -1.29
CA GLY D 312 36.16 7.69 -0.60
C GLY D 312 37.57 8.25 -0.46
N SER D 313 37.78 9.03 0.60
CA SER D 313 39.11 9.50 1.00
C SER D 313 39.85 10.37 -0.02
N ASP D 314 39.34 10.43 -1.25
CA ASP D 314 39.99 11.22 -2.30
C ASP D 314 39.86 12.70 -2.02
N VAL D 315 40.99 13.35 -1.73
CA VAL D 315 41.02 14.78 -1.44
C VAL D 315 42.13 15.47 -2.23
N ASN D 316 42.50 14.89 -3.37
CA ASN D 316 43.58 15.41 -4.18
C ASN D 316 43.17 16.64 -4.97
N GLY D 317 41.87 16.89 -5.05
CA GLY D 317 41.36 18.12 -5.62
C GLY D 317 41.76 19.27 -4.72
N LEU D 318 41.58 19.07 -3.42
CA LEU D 318 42.00 20.04 -2.41
C LEU D 318 43.52 20.14 -2.35
N ARG D 319 44.18 19.05 -2.68
CA ARG D 319 45.64 18.98 -2.62
C ARG D 319 46.29 19.79 -3.73
N PHE D 320 45.76 19.66 -4.94
CA PHE D 320 46.31 20.35 -6.10
C PHE D 320 46.20 21.86 -5.98
N VAL D 321 45.01 22.33 -5.58
CA VAL D 321 44.75 23.75 -5.44
C VAL D 321 45.68 24.37 -4.40
N ASN D 322 45.92 23.64 -3.32
CA ASN D 322 46.80 24.10 -2.26
C ASN D 322 48.25 24.17 -2.71
N GLU D 323 48.75 23.08 -3.26
CA GLU D 323 50.15 22.98 -3.68
C GLU D 323 50.45 23.86 -4.89
N GLN D 324 49.64 23.72 -5.94
CA GLN D 324 49.87 24.42 -7.19
C GLN D 324 49.03 25.70 -7.29
N MET D 325 48.98 26.46 -6.20
CA MET D 325 48.17 27.68 -6.18
C MET D 325 48.83 28.80 -6.98
N ASP D 326 50.15 28.89 -6.89
CA ASP D 326 50.91 29.91 -7.62
C ASP D 326 50.86 29.65 -9.12
N ALA D 327 50.68 28.40 -9.49
CA ALA D 327 50.57 28.02 -10.90
C ALA D 327 49.21 28.44 -11.46
N LEU D 328 48.20 28.44 -10.60
CA LEU D 328 46.85 28.81 -10.99
C LEU D 328 46.70 30.31 -11.21
N LYS D 329 47.26 31.10 -10.30
CA LYS D 329 47.17 32.56 -10.39
C LYS D 329 47.89 33.08 -11.63
N LYS D 330 48.93 32.38 -12.03
CA LYS D 330 49.65 32.70 -13.26
C LYS D 330 48.73 32.61 -14.48
N GLN D 331 47.81 31.66 -14.45
CA GLN D 331 46.88 31.46 -15.55
C GLN D 331 45.62 32.32 -15.43
N GLY D 332 45.59 33.17 -14.40
CA GLY D 332 44.51 34.13 -14.24
C GLY D 332 43.44 33.73 -13.25
N VAL D 333 43.69 32.66 -12.50
CA VAL D 333 42.73 32.20 -11.49
C VAL D 333 42.74 33.12 -10.27
N THR D 334 41.57 33.66 -9.94
CA THR D 334 41.45 34.61 -8.84
C THR D 334 40.54 34.06 -7.74
N VAL D 335 39.62 33.19 -8.11
CA VAL D 335 38.64 32.66 -7.17
C VAL D 335 38.77 31.15 -7.00
N ILE D 336 38.74 30.70 -5.74
CA ILE D 336 38.77 29.27 -5.44
C ILE D 336 37.45 28.86 -4.79
N GLY D 337 36.69 28.01 -5.47
CA GLY D 337 35.40 27.57 -4.98
C GLY D 337 35.43 26.24 -4.28
N LEU D 338 34.69 26.13 -3.18
CA LEU D 338 34.61 24.90 -2.42
C LEU D 338 33.17 24.53 -2.09
N GLU D 339 32.75 23.34 -2.48
CA GLU D 339 31.40 22.87 -2.18
C GLU D 339 31.35 22.35 -0.74
N HIS D 340 32.52 22.25 -0.12
CA HIS D 340 32.64 21.73 1.24
C HIS D 340 31.99 22.66 2.26
N LEU D 341 31.89 23.95 1.91
CA LEU D 341 31.36 24.94 2.84
C LEU D 341 30.02 25.48 2.36
N ARG D 342 29.14 25.79 3.32
CA ARG D 342 27.80 26.29 3.02
C ARG D 342 27.81 27.80 2.83
N SER D 343 27.42 28.25 1.64
CA SER D 343 27.57 29.65 1.23
C SER D 343 26.83 30.67 2.11
N ASP D 344 25.79 30.24 2.79
CA ASP D 344 24.93 31.15 3.54
C ASP D 344 25.63 31.78 4.74
N LEU D 345 26.40 30.99 5.48
CA LEU D 345 27.04 31.49 6.70
C LEU D 345 28.56 31.54 6.59
N ALA D 346 29.13 30.69 5.74
CA ALA D 346 30.59 30.61 5.61
C ALA D 346 31.18 31.87 5.01
N GLN D 347 30.52 32.40 3.99
CA GLN D 347 31.07 33.50 3.20
C GLN D 347 31.39 34.77 4.01
N PRO D 348 30.49 35.22 4.90
CA PRO D 348 30.88 36.38 5.70
C PRO D 348 32.06 36.08 6.62
N LEU D 349 32.19 34.84 7.06
CA LEU D 349 33.30 34.42 7.92
C LEU D 349 34.59 34.29 7.14
N ILE D 350 34.50 33.79 5.91
CA ILE D 350 35.67 33.63 5.06
C ILE D 350 36.16 34.99 4.58
N ASP D 351 35.24 35.89 4.29
CA ASP D 351 35.58 37.22 3.82
C ASP D 351 36.35 38.02 4.88
N ARG D 352 36.04 37.77 6.15
CA ARG D 352 36.73 38.46 7.23
C ARG D 352 38.13 37.90 7.46
N TYR D 353 38.29 36.59 7.31
CA TYR D 353 39.60 35.97 7.47
C TYR D 353 40.56 36.42 6.37
N LEU D 354 40.06 36.50 5.14
CA LEU D 354 40.90 36.90 4.01
C LEU D 354 41.30 38.36 4.10
N ALA D 355 40.53 39.14 4.87
CA ALA D 355 40.79 40.56 5.01
C ALA D 355 41.71 40.87 6.19
N THR D 356 41.47 40.20 7.31
CA THR D 356 42.19 40.49 8.54
C THR D 356 43.33 39.50 8.81
N GLY D 357 43.12 38.24 8.45
CA GLY D 357 44.10 37.21 8.69
C GLY D 357 43.89 36.53 10.02
N VAL D 358 42.75 36.82 10.63
CA VAL D 358 42.41 36.25 11.94
C VAL D 358 41.34 35.19 11.80
N MET D 359 41.64 33.99 12.31
CA MET D 359 40.70 32.88 12.24
C MET D 359 39.60 33.02 13.28
N SER D 360 38.35 32.98 12.83
CA SER D 360 37.19 33.05 13.72
C SER D 360 36.91 31.66 14.28
N SER D 361 36.31 31.61 15.47
CA SER D 361 35.98 30.34 16.10
C SER D 361 34.88 29.63 15.32
N GLU D 362 33.93 30.41 14.80
CA GLU D 362 32.82 29.86 14.04
C GLU D 362 33.30 29.31 12.71
N LEU D 363 34.30 29.96 12.13
CA LEU D 363 34.88 29.50 10.87
C LEU D 363 35.83 28.33 11.12
N SER D 364 36.51 28.34 12.26
CA SER D 364 37.44 27.27 12.60
C SER D 364 36.71 25.94 12.79
N ALA D 365 35.53 26.01 13.39
CA ALA D 365 34.72 24.83 13.63
C ALA D 365 34.21 24.23 12.31
N MET D 366 33.84 25.11 11.37
CA MET D 366 33.36 24.67 10.07
C MET D 366 34.46 24.01 9.26
N LEU D 367 35.66 24.55 9.34
CA LEU D 367 36.81 23.97 8.64
C LEU D 367 37.22 22.66 9.28
N LYS D 368 36.99 22.53 10.58
CA LYS D 368 37.33 21.33 11.32
C LYS D 368 36.37 20.21 10.97
N THR D 369 35.10 20.56 10.74
CA THR D 369 34.07 19.59 10.41
C THR D 369 34.36 18.90 9.08
N LYS D 370 34.72 19.69 8.07
CA LYS D 370 34.97 19.16 6.74
C LYS D 370 36.41 18.72 6.54
N HIS D 371 37.19 18.75 7.62
CA HIS D 371 38.60 18.39 7.60
C HIS D 371 39.39 19.19 6.58
N LEU D 372 39.07 20.47 6.45
CA LEU D 372 39.76 21.35 5.51
C LEU D 372 41.06 21.88 6.11
N ASP D 373 42.12 21.90 5.28
CA ASP D 373 43.41 22.38 5.72
C ASP D 373 43.42 23.91 5.79
N VAL D 374 43.91 24.44 6.90
CA VAL D 374 44.01 25.89 7.07
C VAL D 374 45.09 26.45 6.16
N THR D 375 46.02 25.59 5.76
CA THR D 375 47.10 25.95 4.86
C THR D 375 46.56 26.53 3.55
N LEU D 376 45.44 25.99 3.10
CA LEU D 376 44.78 26.47 1.89
C LEU D 376 44.35 27.92 2.03
N PHE D 377 43.73 28.23 3.17
CA PHE D 377 43.23 29.57 3.43
C PHE D 377 44.37 30.57 3.66
N GLU D 378 45.48 30.08 4.21
CA GLU D 378 46.65 30.93 4.44
C GLU D 378 47.32 31.28 3.13
N ASN D 379 47.47 30.30 2.24
CA ASN D 379 48.07 30.52 0.94
C ASN D 379 47.17 31.39 0.06
N ALA D 380 45.86 31.24 0.24
CA ALA D 380 44.90 31.98 -0.56
C ALA D 380 44.94 33.47 -0.24
N ARG D 381 45.16 33.78 1.04
CA ARG D 381 45.23 35.18 1.48
C ARG D 381 46.54 35.81 1.00
N ALA D 382 47.60 35.01 1.00
CA ALA D 382 48.93 35.48 0.61
C ALA D 382 49.02 35.76 -0.88
N ASN D 383 48.20 35.06 -1.67
CA ASN D 383 48.24 35.21 -3.12
C ASN D 383 47.07 36.01 -3.68
N GLY D 384 46.31 36.66 -2.79
CA GLY D 384 45.20 37.49 -3.21
C GLY D 384 44.01 36.70 -3.70
N MET D 385 44.03 35.40 -3.45
CA MET D 385 42.93 34.52 -3.83
C MET D 385 41.70 34.75 -2.97
N ARG D 386 40.52 34.57 -3.54
CA ARG D 386 39.29 34.60 -2.76
C ARG D 386 38.67 33.21 -2.72
N ILE D 387 38.39 32.73 -1.51
CA ILE D 387 37.73 31.44 -1.34
C ILE D 387 36.23 31.65 -1.15
N VAL D 388 35.44 30.96 -1.94
CA VAL D 388 33.99 31.11 -1.88
C VAL D 388 33.29 29.76 -1.69
N ALA D 389 32.26 29.74 -0.86
CA ALA D 389 31.52 28.52 -0.58
C ALA D 389 30.42 28.31 -1.62
N LEU D 390 30.16 27.06 -1.96
CA LEU D 390 29.26 26.74 -3.07
C LEU D 390 28.19 25.70 -2.74
N ASP D 391 27.93 25.49 -1.45
CA ASP D 391 26.96 24.48 -1.05
C ASP D 391 25.59 25.07 -0.73
N ALA D 392 24.54 24.30 -0.97
CA ALA D 392 23.17 24.75 -0.73
C ALA D 392 22.82 24.66 0.75
N ASN D 393 21.56 24.93 1.09
CA ASN D 393 21.15 25.04 2.49
C ASN D 393 20.25 23.92 2.99
N SER D 394 20.10 22.84 2.20
CA SER D 394 19.20 21.77 2.61
C SER D 394 19.72 20.38 2.23
N SER D 395 19.11 19.36 2.85
CA SER D 395 19.38 17.96 2.56
C SER D 395 20.83 17.53 2.81
N ALA D 396 21.09 16.24 2.67
CA ALA D 396 22.41 15.68 2.87
C ALA D 396 22.55 14.33 2.18
N GLY D 402 16.24 7.63 -0.48
CA GLY D 402 15.95 7.87 -1.88
C GLY D 402 15.40 9.26 -2.13
N THR D 403 14.17 9.32 -2.64
CA THR D 403 13.47 10.58 -2.92
C THR D 403 14.21 11.46 -3.93
N GLU D 404 13.76 11.43 -5.18
CA GLU D 404 14.35 12.24 -6.23
C GLU D 404 14.08 13.72 -6.00
N HIS D 405 12.98 14.03 -5.34
CA HIS D 405 12.61 15.41 -5.07
C HIS D 405 13.63 16.09 -4.16
N GLY D 406 14.26 15.32 -3.29
CA GLY D 406 15.30 15.84 -2.42
C GLY D 406 16.59 16.06 -3.19
N LEU D 407 16.86 15.18 -4.15
CA LEU D 407 18.06 15.29 -4.97
C LEU D 407 17.95 16.46 -5.95
N MET D 408 16.78 16.57 -6.58
CA MET D 408 16.56 17.63 -7.57
C MET D 408 16.65 19.01 -6.95
N TYR D 409 16.14 19.15 -5.73
CA TYR D 409 16.22 20.42 -5.02
C TYR D 409 17.69 20.76 -4.75
N ARG D 410 18.43 19.77 -4.27
CA ARG D 410 19.83 19.97 -3.91
C ARG D 410 20.68 20.23 -5.15
N ALA D 411 20.29 19.59 -6.26
CA ALA D 411 21.01 19.77 -7.52
C ALA D 411 20.73 21.15 -8.11
N GLY D 412 19.48 21.58 -8.02
CA GLY D 412 19.08 22.87 -8.55
C GLY D 412 19.63 24.02 -7.74
N ALA D 413 19.53 23.90 -6.41
CA ALA D 413 20.03 24.94 -5.52
C ALA D 413 21.55 25.09 -5.66
N ALA D 414 22.22 24.00 -5.98
CA ALA D 414 23.66 24.02 -6.20
C ALA D 414 23.98 24.79 -7.49
N ASN D 415 23.13 24.61 -8.49
CA ASN D 415 23.29 25.33 -9.75
C ASN D 415 23.04 26.82 -9.60
N ASN D 416 21.97 27.16 -8.88
CA ASN D 416 21.60 28.56 -8.69
C ASN D 416 22.67 29.35 -7.96
N ILE D 417 23.39 28.69 -7.06
CA ILE D 417 24.48 29.33 -6.33
C ILE D 417 25.74 29.41 -7.20
N ALA D 418 26.04 28.33 -7.91
CA ALA D 418 27.21 28.26 -8.77
C ALA D 418 27.14 29.30 -9.90
N VAL D 419 25.92 29.65 -10.31
CA VAL D 419 25.71 30.64 -11.34
C VAL D 419 25.89 32.05 -10.79
N GLU D 420 25.36 32.27 -9.59
CA GLU D 420 25.41 33.57 -8.94
C GLU D 420 26.84 33.93 -8.53
N VAL D 421 27.69 32.93 -8.39
CA VAL D 421 29.05 33.13 -7.88
C VAL D 421 30.13 33.04 -8.94
N LEU D 422 30.09 32.00 -9.76
CA LEU D 422 31.22 31.68 -10.64
C LEU D 422 31.01 32.04 -12.11
N GLN D 423 29.78 32.33 -12.52
CA GLN D 423 29.49 32.52 -13.92
C GLN D 423 29.93 33.89 -14.45
N ASN D 424 29.77 34.93 -13.62
CA ASN D 424 30.08 36.29 -14.06
C ASN D 424 31.16 36.97 -13.22
N LEU D 425 32.38 36.47 -13.34
CA LEU D 425 33.54 37.09 -12.71
C LEU D 425 34.06 38.23 -13.60
N PRO D 426 34.81 39.17 -13.01
CA PRO D 426 35.46 40.22 -13.80
C PRO D 426 36.28 39.66 -14.96
N ASP D 427 36.33 40.39 -16.07
CA ASP D 427 36.99 39.91 -17.28
C ASP D 427 38.47 39.61 -17.06
N GLY D 428 38.88 38.40 -17.44
CA GLY D 428 40.24 37.96 -17.28
C GLY D 428 40.42 37.02 -16.10
N GLU D 429 39.52 37.15 -15.12
CA GLU D 429 39.58 36.31 -13.94
C GLU D 429 38.91 34.96 -14.16
N LYS D 430 39.65 33.89 -13.87
CA LYS D 430 39.10 32.55 -13.96
C LYS D 430 39.04 31.94 -12.57
N PHE D 431 38.48 30.74 -12.46
CA PHE D 431 38.30 30.11 -11.15
C PHE D 431 38.57 28.61 -11.17
N VAL D 432 38.70 28.04 -9.99
CA VAL D 432 38.80 26.59 -9.85
C VAL D 432 37.88 26.13 -8.73
N ALA D 433 36.87 25.34 -9.09
CA ALA D 433 35.88 24.89 -8.12
C ALA D 433 36.02 23.40 -7.85
N ILE D 434 35.86 23.02 -6.59
CA ILE D 434 35.96 21.62 -6.20
C ILE D 434 34.60 21.07 -5.77
N TYR D 435 34.00 20.27 -6.65
CA TYR D 435 32.74 19.62 -6.36
C TYR D 435 32.95 18.12 -6.16
N GLY D 436 31.91 17.44 -5.73
CA GLY D 436 31.95 15.99 -5.63
C GLY D 436 31.45 15.37 -6.93
N LYS D 437 32.04 14.24 -7.31
CA LYS D 437 31.62 13.55 -8.52
C LYS D 437 30.20 13.02 -8.34
N ALA D 438 29.23 13.91 -8.58
CA ALA D 438 27.81 13.64 -8.41
C ALA D 438 27.02 14.85 -8.84
N HIS D 439 27.19 15.94 -8.09
CA HIS D 439 26.50 17.20 -8.37
C HIS D 439 27.11 17.86 -9.60
N LEU D 440 28.29 17.41 -9.97
CA LEU D 440 28.99 17.94 -11.14
C LEU D 440 28.35 17.40 -12.42
N GLN D 441 27.53 16.38 -12.28
CA GLN D 441 26.84 15.77 -13.42
C GLN D 441 25.36 16.13 -13.40
N SER D 442 24.69 15.94 -14.54
CA SER D 442 23.27 16.26 -14.64
C SER D 442 22.41 15.15 -14.02
N HIS D 443 21.22 15.52 -13.59
CA HIS D 443 20.28 14.56 -13.02
C HIS D 443 19.17 14.22 -14.02
N LYS D 444 19.21 12.99 -14.52
CA LYS D 444 18.22 12.55 -15.51
C LYS D 444 17.31 11.48 -14.93
N GLY D 445 16.25 11.91 -14.25
CA GLY D 445 15.31 11.00 -13.63
C GLY D 445 13.93 11.06 -14.25
N ILE D 446 13.01 10.25 -13.73
CA ILE D 446 11.65 10.18 -14.24
C ILE D 446 10.82 11.38 -13.79
N GLU D 447 11.07 11.84 -12.57
CA GLU D 447 10.27 12.91 -11.98
C GLU D 447 10.77 14.30 -12.36
N GLY D 448 11.86 14.37 -13.12
CA GLY D 448 12.37 15.65 -13.57
C GLY D 448 13.77 15.61 -14.13
N PHE D 449 14.27 16.77 -14.53
CA PHE D 449 15.61 16.90 -15.09
C PHE D 449 16.30 18.15 -14.56
N VAL D 450 17.54 17.99 -14.08
CA VAL D 450 18.32 19.13 -13.61
C VAL D 450 19.68 19.15 -14.30
N PRO D 451 19.98 20.23 -15.03
CA PRO D 451 21.28 20.39 -15.70
C PRO D 451 22.41 20.39 -14.69
N GLY D 452 23.52 19.73 -15.03
CA GLY D 452 24.66 19.66 -14.14
C GLY D 452 25.39 20.98 -14.02
N ILE D 453 26.33 21.04 -13.08
CA ILE D 453 27.17 22.23 -12.92
C ILE D 453 27.94 22.48 -14.21
N THR D 454 28.38 21.41 -14.84
CA THR D 454 29.12 21.47 -16.09
C THR D 454 28.32 22.17 -17.19
N HIS D 455 27.02 21.90 -17.24
CA HIS D 455 26.15 22.46 -18.27
C HIS D 455 25.90 23.95 -18.08
N ARG D 456 25.66 24.35 -16.83
CA ARG D 456 25.34 25.75 -16.52
C ARG D 456 26.54 26.67 -16.73
N LEU D 457 27.73 26.18 -16.39
CA LEU D 457 28.93 27.02 -16.42
C LEU D 457 29.76 26.83 -17.69
N ASP D 458 29.24 26.04 -18.63
CA ASP D 458 29.89 25.82 -19.92
C ASP D 458 31.32 25.28 -19.75
N LEU D 459 31.49 24.36 -18.80
CA LEU D 459 32.79 23.77 -18.53
C LEU D 459 32.70 22.25 -18.48
N PRO D 460 33.82 21.56 -18.75
CA PRO D 460 33.84 20.09 -18.63
C PRO D 460 34.16 19.63 -17.22
N ALA D 461 33.88 18.36 -16.93
CA ALA D 461 34.24 17.77 -15.65
C ALA D 461 35.66 17.26 -15.69
N LEU D 462 36.42 17.51 -14.62
CA LEU D 462 37.83 17.16 -14.60
C LEU D 462 38.19 16.28 -13.41
N LYS D 463 39.26 15.51 -13.55
CA LYS D 463 39.82 14.74 -12.45
C LYS D 463 41.34 14.94 -12.40
N VAL D 464 41.90 14.95 -11.20
CA VAL D 464 43.34 15.09 -11.05
C VAL D 464 43.89 13.97 -10.16
N SER D 465 44.91 13.28 -10.65
CA SER D 465 45.50 12.16 -9.92
C SER D 465 46.54 12.65 -8.93
N ASP D 466 47.25 11.70 -8.30
CA ASP D 466 48.31 12.02 -7.36
C ASP D 466 49.55 12.51 -8.10
N SER D 467 49.57 12.28 -9.41
CA SER D 467 50.67 12.71 -10.27
C SER D 467 50.41 14.11 -10.83
N ASN D 468 49.40 14.78 -10.28
CA ASN D 468 48.96 16.08 -10.78
C ASN D 468 48.64 16.04 -12.25
N GLN D 469 48.03 14.94 -12.69
CA GLN D 469 47.70 14.75 -14.09
C GLN D 469 46.20 14.89 -14.32
N PHE D 470 45.81 15.84 -15.16
CA PHE D 470 44.41 16.10 -15.46
C PHE D 470 43.89 15.19 -16.57
N THR D 471 42.62 14.84 -16.47
CA THR D 471 41.93 14.13 -17.56
C THR D 471 40.44 14.43 -17.47
N VAL D 472 39.77 14.49 -18.62
CA VAL D 472 38.38 14.88 -18.70
C VAL D 472 37.44 13.73 -18.34
N GLU D 473 36.48 14.00 -17.45
CA GLU D 473 35.53 12.99 -17.01
C GLU D 473 34.25 13.01 -17.82
N GLN D 474 33.74 11.83 -18.16
CA GLN D 474 32.46 11.70 -18.84
C GLN D 474 31.49 10.90 -17.97
N ASP D 475 30.20 11.04 -18.23
CA ASP D 475 29.18 10.31 -17.48
C ASP D 475 29.03 8.89 -18.02
S SO4 E . 18.99 -18.37 14.00
O1 SO4 E . 19.67 -18.13 15.27
O2 SO4 E . 19.20 -17.23 13.12
O3 SO4 E . 17.57 -18.56 14.23
O4 SO4 E . 19.55 -19.57 13.37
S SO4 F . 31.82 -27.49 -4.60
O1 SO4 F . 31.95 -26.55 -3.48
O2 SO4 F . 31.72 -26.76 -5.85
O3 SO4 F . 32.99 -28.36 -4.63
O4 SO4 F . 30.62 -28.30 -4.40
S SO4 G . 5.12 -0.83 -30.15
O1 SO4 G . 5.69 0.39 -29.59
O2 SO4 G . 3.88 -0.51 -30.84
O3 SO4 G . 4.83 -1.77 -29.07
O4 SO4 G . 6.06 -1.43 -31.08
S SO4 H . 47.59 -34.82 -37.60
O1 SO4 H . 48.37 -34.29 -36.49
O2 SO4 H . 47.37 -33.78 -38.60
O3 SO4 H . 48.30 -35.93 -38.21
O4 SO4 H . 46.30 -35.29 -37.11
S SO4 I . -28.55 -4.00 -46.63
O1 SO4 I . -29.61 -3.20 -46.03
O2 SO4 I . -28.07 -3.35 -47.85
O3 SO4 I . -27.45 -4.14 -45.68
O4 SO4 I . -29.08 -5.33 -46.95
S SO4 J . -37.63 11.20 -52.62
O1 SO4 J . -36.96 12.50 -52.53
O2 SO4 J . -38.51 11.21 -53.78
O3 SO4 J . -36.63 10.15 -52.77
O4 SO4 J . -38.42 10.97 -51.41
C1 GOL K . -33.90 -8.59 -30.73
O1 GOL K . -34.08 -9.19 -31.99
C2 GOL K . -35.21 -8.67 -29.95
O2 GOL K . -34.94 -9.06 -28.62
C3 GOL K . -35.88 -7.31 -29.95
O3 GOL K . -37.06 -7.38 -29.18
S SO4 L . -23.79 -7.89 9.84
O1 SO4 L . -23.93 -6.46 10.09
O2 SO4 L . -23.02 -8.10 8.61
O3 SO4 L . -25.11 -8.50 9.71
O4 SO4 L . -23.08 -8.51 10.95
S SO4 M . -14.43 -29.10 22.89
O1 SO4 M . -13.38 -28.20 23.34
O2 SO4 M . -15.58 -28.33 22.43
O3 SO4 M . -14.84 -29.96 24.01
O4 SO4 M . -13.91 -29.92 21.81
S SO4 N . -45.74 26.92 21.98
O1 SO4 N . -46.89 27.80 21.81
O2 SO4 N . -44.86 27.04 20.81
O3 SO4 N . -45.01 27.29 23.18
O4 SO4 N . -46.20 25.53 22.09
S SO4 O . 0.88 26.45 5.45
O1 SO4 O . 1.80 27.34 6.15
O2 SO4 O . 1.28 26.36 4.04
O3 SO4 O . -0.47 27.00 5.53
O4 SO4 O . 0.91 25.12 6.05
S SO4 P . 32.85 26.28 30.10
O1 SO4 P . 31.70 27.08 29.71
O2 SO4 P . 33.90 26.41 29.10
O3 SO4 P . 33.35 26.77 31.39
O4 SO4 P . 32.47 24.88 30.22
#